data_7L3O
#
_entry.id   7L3O
#
_cell.length_a   65.730
_cell.length_b   67.450
_cell.length_c   143.180
_cell.angle_alpha   91.585
_cell.angle_beta   97.530
_cell.angle_gamma   120.777
#
_symmetry.space_group_name_H-M   'P 1'
#
loop_
_entity.id
_entity.type
_entity.pdbx_description
1 polymer 'Threonyl-tRNA synthetase'
2 non-polymer 'ZINC ION'
3 non-polymer 'CALCIUM ION'
4 water water
#
_entity_poly.entity_id   1
_entity_poly.type   'polypeptide(L)'
_entity_poly.pdbx_seq_one_letter_code
;MAHHHHHHAKKRDHRLLGSNLQLFFFDSNVSPGSCFWLPAGARLYNKLMDFIRNEYRIREFTEVITPNIFSCDLWKTSGH
YFAYKENMFIFDVEEKEWGLKPMNCPGHCVMFKHMNPSYRQLPIRLADFGVLHRNEFSGALNGLTRVRRFQQDDAHIFCT
PEQIQEEVFKALDFLFFIYGQLGFTFDLFLSTMPKEHLGTEEQWKEAENALKSALDKTGRDWKLNPGDGAFYGPKIDIML
WDALKRQHQCGTIQLDFQLPIRFNLQYRTDENISEESTNQEQPPSHQNADQNPDNSLKQGYRRPVIIHRAILGSVERMSA
VILEHTGGKLPFWLSPRQAIVLSISEKTVEYAKSVERELCRRGFDVSGDYSAATINKKIRESQLLQWNYMLVIGENEARD
KKVTLRCRDTTIPQELLTLDQLILKFSSMGFPSSIDSNSSNQ
;
_entity_poly.pdbx_strand_id   A,B,C,D
#
loop_
_chem_comp.id
_chem_comp.type
_chem_comp.name
_chem_comp.formula
CA non-polymer 'CALCIUM ION' 'Ca 2'
ZN non-polymer 'ZINC ION' 'Zn 2'
#
# COMPACT_ATOMS: atom_id res chain seq x y z
N ARG A 12 26.30 -11.25 26.92
CA ARG A 12 25.60 -10.33 26.03
C ARG A 12 24.41 -11.01 25.37
N ASP A 13 24.16 -12.26 25.79
CA ASP A 13 22.96 -12.99 25.43
C ASP A 13 22.02 -12.99 26.63
N HIS A 14 20.75 -12.68 26.40
CA HIS A 14 19.83 -12.50 27.52
C HIS A 14 19.73 -13.74 28.40
N ARG A 15 19.85 -14.93 27.81
CA ARG A 15 19.84 -16.13 28.64
C ARG A 15 21.05 -16.17 29.56
N LEU A 16 22.23 -15.85 29.02
CA LEU A 16 23.42 -15.76 29.87
C LEU A 16 23.29 -14.64 30.90
N LEU A 17 22.77 -13.49 30.49
CA LEU A 17 22.56 -12.40 31.45
C LEU A 17 21.62 -12.83 32.55
N GLY A 18 20.53 -13.52 32.20
CA GLY A 18 19.56 -13.97 33.20
C GLY A 18 20.13 -14.96 34.18
N SER A 19 21.18 -15.69 33.78
CA SER A 19 21.82 -16.61 34.72
C SER A 19 22.85 -15.88 35.57
N ASN A 20 23.67 -15.04 34.95
CA ASN A 20 24.71 -14.34 35.70
C ASN A 20 24.10 -13.35 36.69
N LEU A 21 23.01 -12.71 36.31
CA LEU A 21 22.35 -11.75 37.18
C LEU A 21 21.26 -12.38 38.02
N GLN A 22 21.16 -13.71 38.02
CA GLN A 22 20.17 -14.43 38.82
C GLN A 22 18.78 -13.85 38.63
N LEU A 23 18.40 -13.68 37.36
CA LEU A 23 17.11 -13.14 37.00
C LEU A 23 16.09 -14.23 36.70
N PHE A 24 16.47 -15.23 35.90
CA PHE A 24 15.54 -16.27 35.47
C PHE A 24 16.33 -17.46 34.92
N PHE A 25 15.66 -18.59 34.82
CA PHE A 25 16.25 -19.78 34.24
C PHE A 25 15.15 -20.60 33.58
N PHE A 26 15.56 -21.61 32.83
CA PHE A 26 14.68 -22.49 32.09
C PHE A 26 14.91 -23.92 32.52
N ASP A 27 13.84 -24.69 32.64
CA ASP A 27 13.95 -26.12 32.89
C ASP A 27 13.40 -26.84 31.67
N SER A 28 14.29 -27.23 30.77
CA SER A 28 13.87 -27.81 29.50
C SER A 28 13.30 -29.20 29.65
N ASN A 29 13.24 -29.76 30.86
CA ASN A 29 12.67 -31.07 31.09
C ASN A 29 11.26 -31.02 31.66
N VAL A 30 10.91 -30.03 32.48
CA VAL A 30 9.58 -29.98 33.09
C VAL A 30 8.69 -28.95 32.41
N SER A 31 9.31 -27.89 31.84
CA SER A 31 8.49 -26.88 31.16
C SER A 31 9.27 -26.15 30.07
N PRO A 32 9.81 -26.86 29.07
CA PRO A 32 10.46 -26.17 27.95
C PRO A 32 9.51 -25.17 27.33
N GLY A 33 10.02 -23.96 27.07
CA GLY A 33 9.25 -22.92 26.45
C GLY A 33 8.64 -21.93 27.42
N SER A 34 8.62 -22.25 28.71
CA SER A 34 8.22 -21.31 29.74
C SER A 34 9.44 -20.97 30.59
N CYS A 35 9.27 -20.04 31.51
CA CYS A 35 10.40 -19.44 32.20
C CYS A 35 10.17 -19.41 33.70
N PHE A 36 11.22 -19.71 34.45
CA PHE A 36 11.22 -19.55 35.89
C PHE A 36 11.88 -18.22 36.23
N TRP A 37 11.10 -17.25 36.70
CA TRP A 37 11.66 -15.95 37.06
C TRP A 37 12.01 -15.97 38.55
N LEU A 38 13.30 -15.84 38.84
CA LEU A 38 13.80 -15.72 40.19
C LEU A 38 13.36 -14.38 40.77
N PRO A 39 13.50 -14.16 42.09
CA PRO A 39 13.02 -12.89 42.70
C PRO A 39 13.41 -11.64 41.93
N ALA A 40 14.69 -11.49 41.57
CA ALA A 40 15.12 -10.26 40.91
C ALA A 40 14.53 -10.15 39.51
N GLY A 41 14.37 -11.29 38.81
CA GLY A 41 13.77 -11.25 37.49
C GLY A 41 12.31 -10.86 37.55
N ALA A 42 11.57 -11.42 38.51
CA ALA A 42 10.18 -11.04 38.68
C ALA A 42 10.04 -9.56 39.01
N ARG A 43 10.99 -8.99 39.77
CA ARG A 43 10.94 -7.55 40.02
C ARG A 43 11.02 -6.77 38.70
N LEU A 44 11.94 -7.16 37.81
CA LEU A 44 12.06 -6.49 36.51
C LEU A 44 10.79 -6.66 35.68
N TYR A 45 10.28 -7.89 35.63
CA TYR A 45 9.04 -8.19 34.91
C TYR A 45 7.92 -7.26 35.34
N ASN A 46 7.68 -7.18 36.65
CA ASN A 46 6.58 -6.35 37.13
C ASN A 46 6.84 -4.87 36.89
N LYS A 47 8.10 -4.43 36.96
CA LYS A 47 8.36 -3.02 36.72
C LYS A 47 8.07 -2.66 35.27
N LEU A 48 8.36 -3.58 34.34
CA LEU A 48 8.10 -3.33 32.93
C LEU A 48 6.61 -3.15 32.71
N MET A 49 5.81 -4.05 33.29
CA MET A 49 4.36 -3.89 33.25
C MET A 49 3.91 -2.62 33.97
N ASP A 50 4.51 -2.30 35.13
CA ASP A 50 4.11 -1.12 35.87
C ASP A 50 4.33 0.15 35.04
N PHE A 51 5.44 0.22 34.33
CA PHE A 51 5.72 1.31 33.40
C PHE A 51 4.54 1.53 32.44
N ILE A 52 4.15 0.46 31.73
CA ILE A 52 3.01 0.52 30.82
C ILE A 52 1.74 0.90 31.56
N ARG A 53 1.51 0.30 32.72
CA ARG A 53 0.28 0.55 33.45
C ARG A 53 0.14 2.02 33.79
N ASN A 54 1.24 2.65 34.20
CA ASN A 54 1.22 4.08 34.47
C ASN A 54 0.77 4.86 33.24
N GLU A 55 1.26 4.46 32.07
CA GLU A 55 0.78 5.14 30.87
C GLU A 55 -0.66 4.81 30.57
N TYR A 56 -1.12 3.59 30.89
CA TYR A 56 -2.54 3.29 30.72
C TYR A 56 -3.40 4.29 31.49
N ARG A 57 -3.03 4.58 32.74
CA ARG A 57 -3.79 5.55 33.52
C ARG A 57 -3.76 6.91 32.86
N ILE A 58 -2.57 7.38 32.47
CA ILE A 58 -2.48 8.68 31.78
C ILE A 58 -3.32 8.69 30.51
N ARG A 59 -3.40 7.56 29.81
CA ARG A 59 -4.00 7.54 28.49
C ARG A 59 -5.36 6.85 28.47
N GLU A 60 -5.96 6.61 29.65
CA GLU A 60 -7.36 6.16 29.77
C GLU A 60 -7.60 4.81 29.08
N PHE A 61 -6.70 3.87 29.34
CA PHE A 61 -6.90 2.44 29.11
C PHE A 61 -7.32 1.81 30.44
N THR A 62 -8.23 0.84 30.37
CA THR A 62 -8.72 0.16 31.56
C THR A 62 -8.32 -1.30 31.48
N GLU A 63 -7.48 -1.73 32.42
CA GLU A 63 -7.10 -3.13 32.48
C GLU A 63 -8.27 -4.01 32.88
N VAL A 64 -8.36 -5.19 32.27
CA VAL A 64 -9.36 -6.20 32.62
C VAL A 64 -8.66 -7.54 32.84
N ILE A 65 -9.44 -8.51 33.32
CA ILE A 65 -8.96 -9.86 33.54
C ILE A 65 -9.96 -10.83 32.91
N THR A 66 -9.45 -11.71 32.05
CA THR A 66 -10.26 -12.67 31.30
C THR A 66 -9.80 -14.09 31.61
N PRO A 67 -10.62 -15.09 31.30
CA PRO A 67 -10.19 -16.49 31.47
C PRO A 67 -8.95 -16.82 30.66
N ASN A 68 -8.36 -17.96 31.01
CA ASN A 68 -7.26 -18.51 30.23
C ASN A 68 -7.69 -19.68 29.37
N ILE A 69 -8.74 -20.39 29.76
CA ILE A 69 -9.25 -21.54 29.01
C ILE A 69 -10.66 -21.21 28.55
N PHE A 70 -11.00 -21.71 27.37
CA PHE A 70 -12.29 -21.46 26.73
C PHE A 70 -12.74 -22.66 25.92
N SER A 71 -14.04 -22.82 25.81
CA SER A 71 -14.63 -23.69 24.80
C SER A 71 -14.16 -23.26 23.43
N CYS A 72 -13.82 -24.23 22.58
CA CYS A 72 -13.31 -23.84 21.25
C CYS A 72 -14.41 -23.23 20.39
N ASP A 73 -15.66 -23.21 20.85
CA ASP A 73 -16.68 -22.44 20.16
C ASP A 73 -16.28 -20.98 20.01
N LEU A 74 -15.57 -20.45 21.00
CA LEU A 74 -15.18 -19.05 20.95
C LEU A 74 -14.30 -18.78 19.74
N TRP A 75 -13.34 -19.66 19.48
CA TRP A 75 -12.44 -19.39 18.38
C TRP A 75 -13.03 -19.77 17.04
N LYS A 76 -14.04 -20.64 17.04
CA LYS A 76 -14.84 -20.80 15.83
C LYS A 76 -15.65 -19.53 15.57
N THR A 77 -16.27 -18.97 16.62
CA THR A 77 -16.94 -17.69 16.48
C THR A 77 -15.98 -16.62 15.98
N SER A 78 -14.80 -16.53 16.59
CA SER A 78 -13.86 -15.47 16.21
C SER A 78 -13.22 -15.75 14.86
N GLY A 79 -13.11 -17.02 14.47
CA GLY A 79 -12.44 -17.37 13.24
C GLY A 79 -10.96 -17.70 13.36
N HIS A 80 -10.38 -17.57 14.57
CA HIS A 80 -9.01 -18.02 14.80
C HIS A 80 -8.86 -19.53 14.65
N TYR A 81 -9.97 -20.28 14.73
CA TYR A 81 -9.87 -21.71 15.04
C TYR A 81 -9.14 -22.48 13.95
N PHE A 82 -9.51 -22.27 12.69
CA PHE A 82 -8.91 -23.02 11.59
C PHE A 82 -7.38 -22.91 11.59
N ALA A 83 -6.86 -21.69 11.52
CA ALA A 83 -5.42 -21.50 11.33
C ALA A 83 -4.62 -21.60 12.61
N TYR A 84 -5.25 -21.48 13.78
CA TYR A 84 -4.49 -21.43 15.02
C TYR A 84 -4.51 -22.73 15.81
N LYS A 85 -5.42 -23.66 15.52
CA LYS A 85 -5.54 -24.81 16.42
C LYS A 85 -4.27 -25.65 16.42
N GLU A 86 -3.59 -25.75 15.26
CA GLU A 86 -2.33 -26.49 15.19
C GLU A 86 -1.36 -26.02 16.26
N ASN A 87 -1.33 -24.72 16.52
CA ASN A 87 -0.42 -24.16 17.51
C ASN A 87 -1.09 -23.90 18.85
N MET A 88 -2.27 -24.45 19.09
CA MET A 88 -2.96 -24.27 20.35
C MET A 88 -2.83 -25.51 21.22
N PHE A 89 -2.84 -25.29 22.53
CA PHE A 89 -2.94 -26.39 23.48
C PHE A 89 -4.43 -26.66 23.70
N ILE A 90 -4.87 -27.85 23.32
CA ILE A 90 -6.29 -28.17 23.20
C ILE A 90 -6.56 -29.43 24.00
N PHE A 91 -7.74 -29.50 24.61
CA PHE A 91 -8.08 -30.58 25.53
C PHE A 91 -9.60 -30.63 25.67
N ASP A 92 -10.09 -31.79 26.10
CA ASP A 92 -11.53 -31.98 26.26
C ASP A 92 -11.98 -31.60 27.67
N VAL A 93 -13.18 -31.04 27.76
CA VAL A 93 -13.82 -30.73 29.04
C VAL A 93 -15.25 -31.24 28.95
N GLU A 94 -15.54 -32.31 29.71
CA GLU A 94 -16.83 -32.99 29.65
C GLU A 94 -17.23 -33.22 28.19
N GLU A 95 -16.30 -33.83 27.44
CA GLU A 95 -16.52 -34.30 26.08
C GLU A 95 -16.68 -33.16 25.09
N LYS A 96 -16.19 -31.97 25.41
CA LYS A 96 -16.26 -30.82 24.52
C LYS A 96 -14.88 -30.22 24.36
N GLU A 97 -14.56 -29.77 23.14
CA GLU A 97 -13.20 -29.33 22.84
C GLU A 97 -12.97 -27.91 23.38
N TRP A 98 -11.94 -27.77 24.22
CA TRP A 98 -11.51 -26.50 24.77
C TRP A 98 -10.05 -26.24 24.43
N GLY A 99 -9.58 -25.04 24.80
CA GLY A 99 -8.17 -24.72 24.63
C GLY A 99 -7.70 -23.58 25.50
N LEU A 100 -6.39 -23.53 25.67
CA LEU A 100 -5.72 -22.40 26.32
C LEU A 100 -5.62 -21.24 25.34
N LYS A 101 -5.93 -20.03 25.81
CA LYS A 101 -5.99 -18.93 24.87
C LYS A 101 -4.60 -18.60 24.35
N PRO A 102 -4.45 -18.38 23.03
CA PRO A 102 -3.20 -17.84 22.51
C PRO A 102 -3.31 -16.36 22.17
N MET A 103 -4.51 -15.78 22.30
CA MET A 103 -4.67 -14.34 22.21
C MET A 103 -5.88 -13.91 23.04
N ASN A 104 -5.98 -12.60 23.26
CA ASN A 104 -7.02 -12.04 24.12
C ASN A 104 -8.26 -11.56 23.36
N CYS A 105 -8.11 -11.21 22.07
CA CYS A 105 -9.16 -10.52 21.34
C CYS A 105 -10.53 -11.14 21.52
N PRO A 106 -10.73 -12.45 21.32
CA PRO A 106 -12.10 -12.97 21.38
C PRO A 106 -12.76 -12.72 22.72
N GLY A 107 -12.05 -12.98 23.83
CA GLY A 107 -12.61 -12.69 25.13
C GLY A 107 -12.98 -11.23 25.29
N HIS A 108 -12.20 -10.32 24.69
CA HIS A 108 -12.57 -8.92 24.81
C HIS A 108 -13.83 -8.59 24.04
N CYS A 109 -14.05 -9.24 22.89
CA CYS A 109 -15.32 -9.09 22.19
C CYS A 109 -16.49 -9.56 23.06
N VAL A 110 -16.30 -10.68 23.76
CA VAL A 110 -17.36 -11.13 24.66
C VAL A 110 -17.67 -10.06 25.70
N MET A 111 -16.62 -9.40 26.21
CA MET A 111 -16.81 -8.38 27.24
C MET A 111 -17.50 -7.14 26.69
N PHE A 112 -17.06 -6.66 25.53
CA PHE A 112 -17.73 -5.54 24.88
C PHE A 112 -19.22 -5.81 24.72
N LYS A 113 -19.55 -7.00 24.21
CA LYS A 113 -20.96 -7.33 24.04
C LYS A 113 -21.71 -7.28 25.37
N HIS A 114 -21.11 -7.84 26.43
CA HIS A 114 -21.71 -7.73 27.76
C HIS A 114 -21.87 -6.28 28.17
N MET A 115 -20.82 -5.47 27.99
CA MET A 115 -20.84 -4.06 28.38
C MET A 115 -21.95 -3.31 27.66
N ASN A 116 -22.27 -3.71 26.43
CA ASN A 116 -23.36 -3.12 25.67
C ASN A 116 -23.32 -1.60 25.70
N PRO A 117 -22.23 -0.98 25.27
CA PRO A 117 -22.12 0.48 25.40
C PRO A 117 -22.93 1.23 24.36
N SER A 118 -23.15 2.51 24.66
CA SER A 118 -23.66 3.46 23.69
C SER A 118 -22.50 4.28 23.14
N TYR A 119 -22.79 5.08 22.11
CA TYR A 119 -21.74 5.91 21.53
C TYR A 119 -21.07 6.79 22.57
N ARG A 120 -21.81 7.20 23.60
CA ARG A 120 -21.23 8.08 24.63
C ARG A 120 -20.08 7.44 25.39
N GLN A 121 -20.01 6.11 25.45
CA GLN A 121 -18.93 5.42 26.14
C GLN A 121 -17.79 5.04 25.21
N LEU A 122 -17.89 5.34 23.91
CA LEU A 122 -16.78 4.97 23.04
C LEU A 122 -15.76 6.11 22.98
N PRO A 123 -14.46 5.79 22.84
CA PRO A 123 -13.90 4.44 22.73
C PRO A 123 -13.82 3.70 24.06
N ILE A 124 -13.92 2.39 24.01
CA ILE A 124 -13.61 1.52 25.14
C ILE A 124 -12.24 0.88 24.89
N ARG A 125 -11.34 1.00 25.86
CA ARG A 125 -9.95 0.56 25.73
C ARG A 125 -9.68 -0.51 26.79
N LEU A 126 -9.85 -1.78 26.40
CA LEU A 126 -9.62 -2.90 27.30
C LEU A 126 -8.18 -3.38 27.17
N ALA A 127 -7.40 -3.26 28.25
CA ALA A 127 -6.04 -3.74 28.27
C ALA A 127 -5.99 -5.03 29.09
N ASP A 128 -5.12 -5.94 28.69
CA ASP A 128 -5.09 -7.26 29.31
C ASP A 128 -3.66 -7.79 29.27
N PHE A 129 -3.11 -8.09 30.45
CA PHE A 129 -1.80 -8.70 30.59
C PHE A 129 -1.90 -10.21 30.79
N GLY A 130 -3.04 -10.80 30.48
CA GLY A 130 -3.24 -12.20 30.76
C GLY A 130 -2.21 -13.09 30.09
N VAL A 131 -2.00 -14.26 30.69
CA VAL A 131 -1.01 -15.21 30.20
C VAL A 131 -1.55 -15.89 28.95
N LEU A 132 -0.78 -15.81 27.86
CA LEU A 132 -1.09 -16.44 26.58
C LEU A 132 -0.15 -17.62 26.33
N HIS A 133 -0.67 -18.65 25.65
CA HIS A 133 0.08 -19.85 25.36
C HIS A 133 -0.05 -20.19 23.89
N ARG A 134 1.09 -20.46 23.25
CA ARG A 134 1.14 -20.99 21.88
C ARG A 134 2.08 -22.18 21.84
N ASN A 135 1.68 -23.24 21.14
CA ASN A 135 2.46 -24.48 21.12
C ASN A 135 3.51 -24.39 20.01
N GLU A 136 4.66 -23.83 20.36
CA GLU A 136 5.80 -23.81 19.45
C GLU A 136 6.52 -25.15 19.52
N PHE A 137 7.05 -25.59 18.38
CA PHE A 137 7.86 -26.80 18.31
C PHE A 137 9.05 -26.67 19.25
N SER A 138 9.35 -27.77 19.96
CA SER A 138 10.42 -27.74 20.95
C SER A 138 11.76 -27.41 20.31
N GLY A 139 12.01 -27.95 19.12
CA GLY A 139 13.19 -27.62 18.37
C GLY A 139 13.28 -26.19 17.91
N ALA A 140 12.24 -25.37 18.11
CA ALA A 140 12.31 -23.97 17.72
C ALA A 140 12.36 -23.02 18.91
N LEU A 141 12.26 -23.54 20.14
CA LEU A 141 12.24 -22.71 21.34
C LEU A 141 13.60 -22.07 21.57
N ASN A 142 13.58 -20.86 22.15
CA ASN A 142 14.81 -20.09 22.31
C ASN A 142 14.58 -19.07 23.42
N GLY A 143 15.04 -19.41 24.63
CA GLY A 143 14.95 -18.53 25.79
C GLY A 143 13.64 -17.76 25.90
N LEU A 144 13.72 -16.44 25.96
CA LEU A 144 12.54 -15.60 26.02
C LEU A 144 12.13 -15.08 24.67
N THR A 145 12.91 -15.40 23.63
CA THR A 145 12.67 -14.85 22.30
C THR A 145 11.60 -15.65 21.55
N ARG A 146 11.60 -16.96 21.69
CA ARG A 146 10.60 -17.85 21.08
C ARG A 146 10.12 -18.78 22.17
N VAL A 147 8.86 -18.64 22.56
CA VAL A 147 8.37 -19.21 23.81
C VAL A 147 7.02 -19.89 23.56
N ARG A 148 6.59 -20.67 24.55
CA ARG A 148 5.21 -21.16 24.60
C ARG A 148 4.32 -20.37 25.53
N ARG A 149 4.91 -19.66 26.49
CA ARG A 149 4.19 -18.91 27.50
C ARG A 149 4.65 -17.46 27.46
N PHE A 150 3.71 -16.53 27.40
CA PHE A 150 4.09 -15.12 27.44
C PHE A 150 2.89 -14.28 27.85
N GLN A 151 3.18 -13.07 28.34
CA GLN A 151 2.18 -12.06 28.64
C GLN A 151 2.43 -10.88 27.73
N GLN A 152 1.42 -10.52 26.94
CA GLN A 152 1.44 -9.34 26.08
C GLN A 152 0.95 -8.11 26.83
N ASP A 153 1.50 -6.96 26.47
CA ASP A 153 0.88 -5.69 26.84
C ASP A 153 -0.25 -5.37 25.85
N ASP A 154 -1.22 -6.29 25.81
CA ASP A 154 -2.29 -6.28 24.82
C ASP A 154 -3.38 -5.28 25.18
N ALA A 155 -3.98 -4.69 24.16
CA ALA A 155 -5.17 -3.89 24.39
C ALA A 155 -6.00 -3.81 23.13
N HIS A 156 -7.33 -3.78 23.32
CA HIS A 156 -8.27 -3.58 22.22
C HIS A 156 -9.03 -2.29 22.45
N ILE A 157 -8.97 -1.41 21.46
CA ILE A 157 -9.70 -0.17 21.42
C ILE A 157 -10.92 -0.39 20.55
N PHE A 158 -12.11 -0.23 21.14
CA PHE A 158 -13.37 -0.33 20.42
C PHE A 158 -13.84 1.10 20.21
N CYS A 159 -13.90 1.55 18.96
CA CYS A 159 -14.19 2.94 18.68
C CYS A 159 -15.14 3.03 17.49
N THR A 160 -15.71 4.22 17.29
CA THR A 160 -16.54 4.44 16.11
C THR A 160 -15.66 4.59 14.87
N PRO A 161 -16.21 4.36 13.67
CA PRO A 161 -15.42 4.64 12.46
C PRO A 161 -14.84 6.04 12.45
N GLU A 162 -15.60 7.02 12.94
CA GLU A 162 -15.11 8.40 12.91
C GLU A 162 -13.92 8.60 13.85
N GLN A 163 -13.75 7.74 14.83
CA GLN A 163 -12.67 7.87 15.80
C GLN A 163 -11.39 7.15 15.39
N ILE A 164 -11.36 6.51 14.22
CA ILE A 164 -10.22 5.68 13.85
C ILE A 164 -8.95 6.52 13.78
N GLN A 165 -9.00 7.65 13.06
CA GLN A 165 -7.77 8.42 12.85
C GLN A 165 -7.22 8.91 14.18
N GLU A 166 -8.06 9.43 15.05
CA GLU A 166 -7.50 9.99 16.27
C GLU A 166 -6.97 8.91 17.20
N GLU A 167 -7.61 7.73 17.24
CA GLU A 167 -7.12 6.65 18.09
C GLU A 167 -5.83 6.03 17.54
N VAL A 168 -5.72 5.91 16.21
CA VAL A 168 -4.47 5.37 15.65
C VAL A 168 -3.34 6.37 15.87
N PHE A 169 -3.60 7.65 15.63
CA PHE A 169 -2.67 8.71 16.01
C PHE A 169 -2.19 8.54 17.46
N LYS A 170 -3.12 8.39 18.40
CA LYS A 170 -2.69 8.25 19.79
C LYS A 170 -1.89 6.97 20.00
N ALA A 171 -2.23 5.90 19.27
CA ALA A 171 -1.52 4.64 19.47
C ALA A 171 -0.10 4.74 18.96
N LEU A 172 0.08 5.40 17.82
CA LEU A 172 1.42 5.75 17.36
C LEU A 172 2.14 6.59 18.39
N ASP A 173 1.47 7.58 18.96
CA ASP A 173 2.13 8.46 19.92
C ASP A 173 2.54 7.67 21.16
N PHE A 174 1.68 6.77 21.64
CA PHE A 174 2.01 5.90 22.77
C PHE A 174 3.28 5.11 22.47
N LEU A 175 3.33 4.49 21.29
CA LEU A 175 4.47 3.65 20.94
C LEU A 175 5.75 4.47 20.81
N PHE A 176 5.66 5.63 20.14
CA PHE A 176 6.81 6.50 20.02
C PHE A 176 7.35 6.88 21.40
N PHE A 177 6.46 7.20 22.33
CA PHE A 177 6.93 7.58 23.66
C PHE A 177 7.67 6.43 24.33
N ILE A 178 7.06 5.26 24.39
CA ILE A 178 7.68 4.12 25.06
C ILE A 178 9.05 3.82 24.45
N TYR A 179 9.11 3.69 23.12
CA TYR A 179 10.37 3.27 22.52
C TYR A 179 11.46 4.31 22.72
N GLY A 180 11.10 5.59 22.65
CA GLY A 180 12.05 6.65 22.94
C GLY A 180 12.63 6.54 24.35
N GLN A 181 11.78 6.28 25.34
CA GLN A 181 12.28 6.17 26.71
C GLN A 181 13.12 4.92 26.90
N LEU A 182 12.84 3.87 26.14
CA LEU A 182 13.67 2.68 26.24
C LEU A 182 14.92 2.76 25.37
N GLY A 183 15.06 3.83 24.57
CA GLY A 183 16.25 4.03 23.78
C GLY A 183 16.30 3.30 22.46
N PHE A 184 15.16 2.96 21.87
CA PHE A 184 15.12 2.24 20.60
C PHE A 184 14.81 3.21 19.46
N THR A 185 15.46 2.99 18.32
CA THR A 185 14.91 3.48 17.07
C THR A 185 14.01 2.40 16.48
N PHE A 186 13.34 2.72 15.37
CA PHE A 186 12.38 1.77 14.82
C PHE A 186 12.04 2.11 13.37
N ASP A 187 11.58 1.09 12.65
CA ASP A 187 11.09 1.22 11.28
C ASP A 187 9.61 0.82 11.25
N LEU A 188 8.85 1.48 10.38
CA LEU A 188 7.41 1.29 10.30
C LEU A 188 7.04 0.54 9.02
N PHE A 189 6.10 -0.38 9.14
CA PHE A 189 5.65 -1.17 8.02
C PHE A 189 4.13 -1.26 8.04
N LEU A 190 3.53 -1.18 6.87
CA LEU A 190 2.12 -1.47 6.68
C LEU A 190 2.01 -2.86 6.06
N SER A 191 1.56 -3.81 6.87
CA SER A 191 1.32 -5.19 6.47
C SER A 191 -0.11 -5.33 5.98
N THR A 192 -0.26 -5.69 4.71
CA THR A 192 -1.51 -5.61 3.99
C THR A 192 -2.07 -7.01 3.75
N MET A 193 -3.18 -7.06 3.01
CA MET A 193 -4.00 -8.21 2.69
C MET A 193 -3.21 -9.50 2.48
N PRO A 194 -3.27 -10.42 3.43
CA PRO A 194 -2.71 -11.76 3.24
C PRO A 194 -3.55 -12.57 2.29
N LYS A 195 -2.99 -13.71 1.90
CA LYS A 195 -3.66 -14.59 0.94
C LYS A 195 -5.06 -14.95 1.40
N GLU A 196 -5.18 -15.49 2.62
CA GLU A 196 -6.46 -15.88 3.19
C GLU A 196 -6.88 -14.84 4.21
N HIS A 197 -8.13 -14.39 4.14
CA HIS A 197 -8.58 -13.32 5.01
C HIS A 197 -10.10 -13.28 5.06
N LEU A 198 -10.61 -12.74 6.16
CA LEU A 198 -12.03 -12.43 6.33
C LEU A 198 -12.37 -11.11 5.64
N GLY A 199 -13.61 -11.02 5.18
CA GLY A 199 -14.12 -9.76 4.69
C GLY A 199 -13.83 -9.53 3.21
N THR A 200 -14.49 -8.51 2.68
CA THR A 200 -14.42 -8.19 1.27
C THR A 200 -13.17 -7.40 0.96
N GLU A 201 -12.77 -7.41 -0.31
CA GLU A 201 -11.61 -6.61 -0.70
C GLU A 201 -11.89 -5.12 -0.50
N GLU A 202 -13.15 -4.71 -0.54
CA GLU A 202 -13.49 -3.30 -0.30
C GLU A 202 -13.28 -2.93 1.16
N GLN A 203 -13.66 -3.82 2.09
CA GLN A 203 -13.39 -3.54 3.50
C GLN A 203 -11.89 -3.43 3.74
N TRP A 204 -11.11 -4.30 3.11
CA TRP A 204 -9.66 -4.22 3.24
C TRP A 204 -9.12 -2.92 2.66
N LYS A 205 -9.69 -2.47 1.54
CA LYS A 205 -9.32 -1.18 0.98
C LYS A 205 -9.54 -0.04 1.97
N GLU A 206 -10.72 0.02 2.59
CA GLU A 206 -10.96 1.07 3.57
C GLU A 206 -9.99 0.97 4.74
N ALA A 207 -9.74 -0.25 5.22
CA ALA A 207 -8.90 -0.39 6.40
C ALA A 207 -7.43 -0.08 6.10
N GLU A 208 -6.92 -0.51 4.93
CA GLU A 208 -5.52 -0.23 4.65
C GLU A 208 -5.29 1.26 4.46
N ASN A 209 -6.23 1.95 3.79
CA ASN A 209 -6.08 3.38 3.55
C ASN A 209 -6.24 4.18 4.83
N ALA A 210 -6.99 3.67 5.82
CA ALA A 210 -7.06 4.37 7.09
C ALA A 210 -5.72 4.31 7.80
N LEU A 211 -5.10 3.13 7.79
CA LEU A 211 -3.78 2.99 8.39
C LEU A 211 -2.72 3.76 7.60
N LYS A 212 -2.78 3.70 6.27
CA LYS A 212 -1.86 4.49 5.46
C LYS A 212 -1.99 5.97 5.80
N SER A 213 -3.21 6.47 5.92
CA SER A 213 -3.40 7.89 6.21
C SER A 213 -2.81 8.26 7.55
N ALA A 214 -3.06 7.44 8.57
CA ALA A 214 -2.41 7.64 9.86
C ALA A 214 -0.89 7.67 9.70
N LEU A 215 -0.35 6.75 8.90
CA LEU A 215 1.09 6.69 8.73
C LEU A 215 1.62 7.94 8.04
N ASP A 216 0.88 8.44 7.05
CA ASP A 216 1.32 9.64 6.34
C ASP A 216 1.32 10.87 7.27
N LYS A 217 0.31 11.00 8.12
CA LYS A 217 0.25 12.14 9.03
C LYS A 217 1.45 12.21 9.96
N THR A 218 2.08 11.07 10.27
CA THR A 218 3.25 11.10 11.13
C THR A 218 4.45 11.78 10.47
N GLY A 219 4.47 11.84 9.14
CA GLY A 219 5.62 12.35 8.42
C GLY A 219 6.84 11.45 8.43
N ARG A 220 6.76 10.28 9.03
CA ARG A 220 7.89 9.37 9.02
C ARG A 220 7.87 8.48 7.78
N ASP A 221 9.05 7.98 7.43
CA ASP A 221 9.14 6.96 6.39
C ASP A 221 8.48 5.68 6.86
N TRP A 222 7.88 4.96 5.91
CA TRP A 222 7.30 3.67 6.21
C TRP A 222 7.30 2.86 4.92
N LYS A 223 7.19 1.54 5.06
CA LYS A 223 7.28 0.67 3.89
C LYS A 223 6.09 -0.26 3.83
N LEU A 224 5.73 -0.61 2.61
CA LEU A 224 4.69 -1.60 2.37
C LEU A 224 5.21 -3.00 2.67
N ASN A 225 4.35 -3.83 3.25
CA ASN A 225 4.70 -5.18 3.67
C ASN A 225 3.62 -6.14 3.19
N PRO A 226 3.53 -6.40 1.87
CA PRO A 226 2.43 -7.20 1.35
C PRO A 226 2.42 -8.62 1.92
N GLY A 227 1.23 -9.07 2.30
CA GLY A 227 1.00 -10.44 2.67
C GLY A 227 0.97 -10.73 4.16
N ASP A 228 1.39 -9.79 5.01
CA ASP A 228 1.53 -10.07 6.44
C ASP A 228 0.43 -9.46 7.31
N GLY A 229 -0.62 -8.87 6.72
CA GLY A 229 -1.75 -8.47 7.55
C GLY A 229 -2.38 -9.67 8.24
N ALA A 230 -3.05 -9.40 9.36
CA ALA A 230 -3.79 -10.44 10.07
C ALA A 230 -4.99 -10.87 9.25
N PHE A 231 -5.53 -12.06 9.57
CA PHE A 231 -6.68 -12.52 8.80
C PHE A 231 -7.88 -11.62 8.98
N TYR A 232 -7.93 -10.83 10.04
CA TYR A 232 -9.04 -9.92 10.30
C TYR A 232 -8.72 -8.46 9.98
N GLY A 233 -7.53 -8.14 9.48
CA GLY A 233 -7.29 -6.79 9.03
C GLY A 233 -5.82 -6.39 8.91
N PRO A 234 -5.58 -5.26 8.24
CA PRO A 234 -4.19 -4.79 8.06
C PRO A 234 -3.63 -4.27 9.38
N LYS A 235 -2.31 -4.09 9.41
CA LYS A 235 -1.67 -3.62 10.63
C LYS A 235 -0.42 -2.80 10.33
N ILE A 236 -0.20 -1.79 11.17
CA ILE A 236 1.08 -1.10 11.26
C ILE A 236 1.99 -1.95 12.12
N ASP A 237 3.09 -2.43 11.55
CA ASP A 237 4.06 -3.24 12.24
C ASP A 237 5.32 -2.42 12.46
N ILE A 238 5.88 -2.53 13.67
CA ILE A 238 7.01 -1.72 14.07
C ILE A 238 8.16 -2.66 14.39
N MET A 239 9.30 -2.45 13.73
CA MET A 239 10.54 -3.14 14.03
C MET A 239 11.43 -2.18 14.81
N LEU A 240 11.85 -2.58 16.00
CA LEU A 240 12.75 -1.75 16.75
C LEU A 240 14.19 -2.20 16.54
N TRP A 241 15.11 -1.27 16.69
CA TRP A 241 16.54 -1.54 16.63
C TRP A 241 17.15 -1.24 18.00
N ASP A 242 17.93 -2.17 18.53
CA ASP A 242 18.56 -2.01 19.83
C ASP A 242 19.96 -1.42 19.65
N ALA A 243 20.70 -1.29 20.76
CA ALA A 243 22.04 -0.71 20.74
C ALA A 243 23.04 -1.61 20.04
N LEU A 244 22.76 -2.90 19.95
CA LEU A 244 23.59 -3.86 19.23
C LEU A 244 23.22 -3.93 17.77
N LYS A 245 22.37 -3.02 17.29
CA LYS A 245 22.02 -2.93 15.89
C LYS A 245 21.38 -4.23 15.40
N ARG A 246 20.59 -4.85 16.27
CA ARG A 246 19.73 -5.98 15.93
C ARG A 246 18.28 -5.52 16.00
N GLN A 247 17.45 -6.04 15.09
CA GLN A 247 16.06 -5.63 14.98
C GLN A 247 15.13 -6.62 15.68
N HIS A 248 14.03 -6.09 16.23
CA HIS A 248 13.02 -6.90 16.89
C HIS A 248 11.64 -6.37 16.53
N GLN A 249 10.76 -7.26 16.08
CA GLN A 249 9.35 -6.92 15.92
C GLN A 249 8.67 -7.01 17.29
N CYS A 250 8.26 -5.87 17.82
CA CYS A 250 7.54 -5.89 19.08
C CYS A 250 6.17 -5.24 19.01
N GLY A 251 6.03 -4.18 18.23
CA GLY A 251 4.87 -3.32 18.28
C GLY A 251 3.96 -3.54 17.09
N THR A 252 2.65 -3.42 17.33
CA THR A 252 1.68 -3.54 16.27
C THR A 252 0.45 -2.70 16.60
N ILE A 253 -0.16 -2.16 15.55
CA ILE A 253 -1.44 -1.46 15.60
C ILE A 253 -2.26 -2.04 14.44
N GLN A 254 -3.31 -2.78 14.76
CA GLN A 254 -4.08 -3.53 13.78
C GLN A 254 -5.53 -3.03 13.72
N LEU A 255 -6.04 -2.89 12.50
CA LEU A 255 -7.35 -2.30 12.26
C LEU A 255 -8.29 -3.41 11.79
N ASP A 256 -9.40 -3.58 12.50
CA ASP A 256 -10.19 -4.82 12.46
C ASP A 256 -11.69 -4.50 12.35
N PHE A 257 -12.20 -4.54 11.12
CA PHE A 257 -13.62 -4.48 10.84
C PHE A 257 -14.28 -5.85 10.88
N GLN A 258 -13.51 -6.93 11.05
CA GLN A 258 -14.07 -8.26 10.83
C GLN A 258 -14.58 -8.93 12.10
N LEU A 259 -13.80 -8.95 13.18
CA LEU A 259 -14.32 -9.51 14.42
C LEU A 259 -15.61 -8.85 14.89
N PRO A 260 -15.79 -7.53 14.80
CA PRO A 260 -17.11 -6.95 15.13
C PRO A 260 -18.27 -7.62 14.41
N ILE A 261 -18.04 -8.13 13.20
CA ILE A 261 -19.11 -8.84 12.51
C ILE A 261 -19.27 -10.25 13.05
N ARG A 262 -18.15 -10.97 13.20
CA ARG A 262 -18.20 -12.34 13.71
C ARG A 262 -18.98 -12.43 15.01
N PHE A 263 -18.81 -11.45 15.90
CA PHE A 263 -19.37 -11.46 17.24
C PHE A 263 -20.66 -10.66 17.37
N ASN A 264 -21.16 -10.09 16.27
CA ASN A 264 -22.40 -9.31 16.25
C ASN A 264 -22.34 -8.15 17.25
N LEU A 265 -21.21 -7.45 17.30
CA LEU A 265 -21.06 -6.27 18.13
C LEU A 265 -21.79 -5.08 17.51
N GLN A 266 -22.61 -4.40 18.32
CA GLN A 266 -23.33 -3.21 17.89
C GLN A 266 -23.34 -2.19 19.02
N TYR A 267 -23.47 -0.92 18.68
CA TYR A 267 -23.66 0.14 19.67
C TYR A 267 -24.70 1.11 19.14
N ARG A 268 -25.49 1.67 20.06
CA ARG A 268 -26.53 2.64 19.70
C ARG A 268 -25.92 4.02 19.49
N THR A 269 -26.41 4.72 18.47
CA THR A 269 -25.81 5.95 17.98
C THR A 269 -26.59 7.18 18.48
N ASP A 270 -26.18 8.35 18.00
CA ASP A 270 -26.88 9.58 18.33
C ASP A 270 -28.21 9.67 17.59
N GLU A 271 -28.20 9.46 16.28
CA GLU A 271 -29.43 9.55 15.49
C GLU A 271 -30.08 8.17 15.32
N LEU A 297 -27.73 -6.99 12.74
CA LEU A 297 -27.70 -5.60 12.29
C LEU A 297 -29.04 -4.93 12.53
N LYS A 298 -29.05 -3.93 13.41
CA LYS A 298 -30.29 -3.28 13.82
C LYS A 298 -30.31 -1.81 13.41
N GLN A 299 -31.52 -1.25 13.37
CA GLN A 299 -31.71 0.17 13.06
C GLN A 299 -31.32 1.04 14.24
N GLY A 300 -30.58 2.12 13.95
CA GLY A 300 -30.04 2.97 14.99
C GLY A 300 -28.78 2.44 15.64
N TYR A 301 -28.21 1.37 15.12
CA TYR A 301 -26.99 0.78 15.64
C TYR A 301 -25.94 0.74 14.53
N ARG A 302 -24.67 0.77 14.94
CA ARG A 302 -23.54 0.62 14.04
C ARG A 302 -22.52 -0.32 14.66
N ARG A 303 -21.73 -0.94 13.82
CA ARG A 303 -20.73 -1.81 14.41
C ARG A 303 -19.54 -1.00 14.88
N PRO A 304 -18.92 -1.37 16.00
CA PRO A 304 -17.68 -0.73 16.40
C PRO A 304 -16.54 -1.28 15.55
N VAL A 305 -15.44 -0.53 15.55
CA VAL A 305 -14.18 -0.97 14.96
C VAL A 305 -13.25 -1.33 16.10
N ILE A 306 -12.48 -2.41 15.93
CA ILE A 306 -11.48 -2.82 16.90
C ILE A 306 -10.10 -2.40 16.40
N ILE A 307 -9.33 -1.76 17.27
CA ILE A 307 -7.91 -1.49 17.04
C ILE A 307 -7.13 -2.33 18.04
N HIS A 308 -6.42 -3.35 17.52
CA HIS A 308 -5.55 -4.21 18.33
C HIS A 308 -4.19 -3.55 18.41
N ARG A 309 -3.53 -3.67 19.57
CA ARG A 309 -2.25 -3.00 19.70
C ARG A 309 -1.45 -3.56 20.87
N ALA A 310 -0.13 -3.52 20.69
CA ALA A 310 0.84 -3.86 21.72
C ALA A 310 2.08 -3.04 21.43
N ILE A 311 2.87 -2.79 22.48
CA ILE A 311 4.05 -1.96 22.37
C ILE A 311 5.27 -2.76 22.80
N LEU A 312 5.23 -3.27 24.03
CA LEU A 312 6.27 -4.20 24.45
C LEU A 312 6.25 -5.45 23.58
N GLY A 313 5.09 -5.84 23.10
CA GLY A 313 4.95 -7.11 22.42
C GLY A 313 4.66 -8.21 23.42
N SER A 314 5.69 -8.64 24.14
CA SER A 314 5.48 -9.43 25.34
C SER A 314 6.53 -9.03 26.35
N VAL A 315 6.13 -9.00 27.62
CA VAL A 315 7.06 -8.74 28.70
C VAL A 315 8.27 -9.65 28.59
N GLU A 316 8.04 -10.91 28.25
CA GLU A 316 9.13 -11.85 28.05
C GLU A 316 10.13 -11.35 27.01
N ARG A 317 9.64 -11.05 25.80
CA ARG A 317 10.55 -10.65 24.72
C ARG A 317 11.21 -9.31 25.03
N MET A 318 10.43 -8.33 25.49
CA MET A 318 10.98 -7.02 25.75
C MET A 318 12.01 -7.05 26.87
N SER A 319 11.75 -7.86 27.91
CA SER A 319 12.78 -8.05 28.94
C SER A 319 14.07 -8.54 28.34
N ALA A 320 13.99 -9.51 27.43
CA ALA A 320 15.20 -10.05 26.82
C ALA A 320 15.92 -8.99 26.01
N VAL A 321 15.18 -8.19 25.26
CA VAL A 321 15.79 -7.17 24.42
C VAL A 321 16.45 -6.09 25.28
N ILE A 322 15.77 -5.64 26.32
CA ILE A 322 16.34 -4.58 27.14
C ILE A 322 17.59 -5.08 27.86
N LEU A 323 17.58 -6.34 28.31
CA LEU A 323 18.78 -6.89 28.93
C LEU A 323 19.95 -6.86 27.95
N GLU A 324 19.73 -7.38 26.74
CA GLU A 324 20.79 -7.37 25.74
C GLU A 324 21.15 -5.95 25.33
N HIS A 325 20.13 -5.10 25.13
CA HIS A 325 20.33 -3.70 24.79
C HIS A 325 21.32 -3.02 25.73
N THR A 326 21.15 -3.23 27.03
CA THR A 326 21.97 -2.57 28.03
C THR A 326 23.15 -3.42 28.51
N GLY A 327 23.29 -4.64 28.02
CA GLY A 327 24.26 -5.54 28.63
C GLY A 327 23.99 -5.78 30.11
N GLY A 328 22.73 -5.71 30.52
CA GLY A 328 22.43 -5.91 31.91
C GLY A 328 22.63 -4.70 32.80
N LYS A 329 22.97 -3.53 32.25
CA LYS A 329 23.13 -2.32 33.07
C LYS A 329 21.83 -1.52 32.98
N LEU A 330 20.87 -1.91 33.80
CA LEU A 330 19.53 -1.38 33.64
C LEU A 330 19.41 0.01 34.25
N PRO A 331 18.56 0.85 33.68
CA PRO A 331 18.31 2.17 34.30
C PRO A 331 17.65 1.99 35.65
N PHE A 332 17.88 2.98 36.52
CA PHE A 332 17.46 2.88 37.92
C PHE A 332 16.00 2.46 38.04
N TRP A 333 15.12 3.04 37.22
CA TRP A 333 13.70 2.79 37.39
C TRP A 333 13.28 1.38 36.96
N LEU A 334 14.08 0.69 36.15
CA LEU A 334 13.80 -0.70 35.80
C LEU A 334 14.59 -1.71 36.63
N SER A 335 15.71 -1.29 37.20
CA SER A 335 16.62 -2.22 37.84
C SER A 335 15.95 -2.91 39.02
N PRO A 336 16.08 -4.23 39.15
CA PRO A 336 15.68 -4.89 40.39
C PRO A 336 16.70 -4.78 41.51
N ARG A 337 17.83 -4.09 41.26
CA ARG A 337 18.90 -3.99 42.24
C ARG A 337 19.35 -2.53 42.22
N GLN A 338 18.61 -1.70 42.96
CA GLN A 338 18.78 -0.25 42.89
C GLN A 338 19.91 0.24 43.79
N ALA A 339 19.99 -0.24 45.04
CA ALA A 339 21.08 0.18 45.91
C ALA A 339 21.40 -0.94 46.91
N ILE A 340 22.69 -1.19 47.15
CA ILE A 340 23.12 -2.15 48.16
C ILE A 340 23.92 -1.43 49.25
N VAL A 341 23.58 -1.67 50.50
CA VAL A 341 24.21 -1.01 51.64
C VAL A 341 25.42 -1.83 52.07
N LEU A 342 26.60 -1.21 52.07
CA LEU A 342 27.85 -1.91 52.39
C LEU A 342 28.43 -1.32 53.68
N SER A 343 28.46 -2.12 54.74
CA SER A 343 29.03 -1.68 56.01
C SER A 343 30.55 -1.83 55.95
N ILE A 344 31.26 -0.78 56.37
CA ILE A 344 32.72 -0.86 56.38
C ILE A 344 33.21 -1.81 57.46
N SER A 345 32.58 -1.79 58.64
CA SER A 345 33.04 -2.62 59.74
C SER A 345 31.86 -3.04 60.58
N GLU A 346 32.12 -4.00 61.48
CA GLU A 346 31.06 -4.51 62.34
C GLU A 346 30.38 -3.38 63.11
N LYS A 347 31.12 -2.33 63.45
CA LYS A 347 30.57 -1.27 64.28
C LYS A 347 29.41 -0.54 63.60
N THR A 348 29.42 -0.46 62.28
CA THR A 348 28.41 0.32 61.59
C THR A 348 27.32 -0.56 60.98
N VAL A 349 27.28 -1.85 61.31
CA VAL A 349 26.30 -2.73 60.68
C VAL A 349 24.88 -2.35 61.10
N GLU A 350 24.67 -2.08 62.40
CA GLU A 350 23.32 -1.76 62.86
C GLU A 350 22.80 -0.47 62.21
N TYR A 351 23.63 0.57 62.16
CA TYR A 351 23.20 1.80 61.50
C TYR A 351 22.95 1.56 60.01
N ALA A 352 23.84 0.80 59.36
CA ALA A 352 23.69 0.54 57.93
C ALA A 352 22.41 -0.23 57.64
N LYS A 353 22.05 -1.16 58.51
CA LYS A 353 20.76 -1.86 58.37
C LYS A 353 19.58 -0.91 58.48
N SER A 354 19.66 0.10 59.35
CA SER A 354 18.55 1.05 59.44
C SER A 354 18.39 1.80 58.13
N VAL A 355 19.50 2.09 57.46
CA VAL A 355 19.44 2.76 56.17
C VAL A 355 18.79 1.86 55.13
N GLU A 356 19.18 0.58 55.11
CA GLU A 356 18.56 -0.37 54.20
C GLU A 356 17.06 -0.45 54.41
N ARG A 357 16.62 -0.64 55.67
CA ARG A 357 15.19 -0.77 55.97
C ARG A 357 14.41 0.44 55.46
N GLU A 358 14.87 1.64 55.80
CA GLU A 358 14.16 2.85 55.42
C GLU A 358 14.01 2.94 53.90
N LEU A 359 15.06 2.58 53.17
CA LEU A 359 14.96 2.60 51.71
C LEU A 359 13.93 1.58 51.21
N CYS A 360 13.97 0.37 51.78
CA CYS A 360 12.99 -0.65 51.46
C CYS A 360 11.57 -0.20 51.78
N ARG A 361 11.35 0.36 52.99
CA ARG A 361 10.03 0.89 53.32
C ARG A 361 9.58 1.96 52.35
N ARG A 362 10.52 2.76 51.82
CA ARG A 362 10.19 3.79 50.84
C ARG A 362 10.02 3.27 49.42
N GLY A 363 10.03 1.94 49.21
CA GLY A 363 9.71 1.39 47.90
C GLY A 363 10.90 1.11 46.99
N PHE A 364 12.13 1.19 47.49
CA PHE A 364 13.28 0.98 46.63
C PHE A 364 13.80 -0.44 46.79
N ASP A 365 14.44 -0.94 45.74
CA ASP A 365 14.88 -2.33 45.71
C ASP A 365 16.32 -2.37 46.18
N VAL A 366 16.51 -2.76 47.43
CA VAL A 366 17.80 -2.63 48.09
C VAL A 366 18.16 -3.94 48.77
N SER A 367 19.43 -4.03 49.16
CA SER A 367 19.93 -5.13 49.97
C SER A 367 21.12 -4.61 50.76
N GLY A 368 21.81 -5.51 51.45
CA GLY A 368 22.97 -5.13 52.23
C GLY A 368 23.98 -6.25 52.26
N ASP A 369 25.26 -5.88 52.38
CA ASP A 369 26.36 -6.82 52.61
C ASP A 369 26.99 -6.45 53.95
N TYR A 370 26.65 -7.20 54.99
CA TYR A 370 27.13 -6.94 56.34
C TYR A 370 28.16 -7.96 56.78
N SER A 371 28.86 -8.56 55.81
CA SER A 371 29.83 -9.62 56.09
C SER A 371 31.13 -9.01 56.60
N ALA A 372 32.08 -9.88 56.94
CA ALA A 372 33.38 -9.43 57.42
C ALA A 372 34.31 -8.97 56.30
N ALA A 373 33.91 -9.09 55.03
CA ALA A 373 34.82 -8.74 53.95
C ALA A 373 35.22 -7.26 54.02
N THR A 374 36.44 -6.98 53.55
CA THR A 374 36.88 -5.59 53.45
C THR A 374 35.96 -4.83 52.50
N ILE A 375 35.92 -3.51 52.68
CA ILE A 375 34.99 -2.72 51.86
C ILE A 375 35.33 -2.83 50.38
N ASN A 376 36.63 -2.92 50.04
CA ASN A 376 36.99 -3.03 48.63
C ASN A 376 36.48 -4.34 48.03
N LYS A 377 36.51 -5.44 48.80
CA LYS A 377 35.99 -6.70 48.29
C LYS A 377 34.46 -6.66 48.18
N LYS A 378 33.79 -6.00 49.13
CA LYS A 378 32.33 -5.89 49.02
C LYS A 378 31.93 -5.13 47.76
N ILE A 379 32.67 -4.08 47.42
CA ILE A 379 32.37 -3.28 46.23
C ILE A 379 32.55 -4.12 44.97
N ARG A 380 33.62 -4.91 44.91
CA ARG A 380 33.86 -5.73 43.73
C ARG A 380 32.79 -6.79 43.57
N GLU A 381 32.46 -7.48 44.66
CA GLU A 381 31.43 -8.52 44.61
CA GLU A 381 31.43 -8.52 44.61
C GLU A 381 30.11 -7.96 44.10
N SER A 382 29.69 -6.81 44.65
CA SER A 382 28.37 -6.27 44.30
C SER A 382 28.33 -5.78 42.86
N GLN A 383 29.48 -5.36 42.31
CA GLN A 383 29.54 -4.97 40.90
C GLN A 383 29.09 -6.10 39.99
N LEU A 384 29.29 -7.36 40.39
CA LEU A 384 28.90 -8.48 39.55
C LEU A 384 27.40 -8.47 39.27
N LEU A 385 26.58 -7.99 40.21
CA LEU A 385 25.14 -7.98 40.00
C LEU A 385 24.62 -6.62 39.52
N GLN A 386 25.51 -5.68 39.20
CA GLN A 386 25.14 -4.47 38.47
C GLN A 386 24.16 -3.59 39.25
N TRP A 387 24.29 -3.60 40.58
CA TRP A 387 23.66 -2.59 41.43
C TRP A 387 23.84 -1.20 40.84
N ASN A 388 22.77 -0.42 40.79
CA ASN A 388 22.90 0.94 40.29
C ASN A 388 23.75 1.78 41.22
N TYR A 389 23.63 1.55 42.52
CA TYR A 389 24.31 2.35 43.52
C TYR A 389 24.80 1.47 44.66
N MET A 390 25.88 1.89 45.28
CA MET A 390 26.40 1.26 46.46
C MET A 390 26.47 2.32 47.56
N LEU A 391 26.00 1.98 48.75
CA LEU A 391 25.98 2.92 49.86
C LEU A 391 27.07 2.48 50.83
N VAL A 392 28.16 3.22 50.86
CA VAL A 392 29.28 2.89 51.72
C VAL A 392 29.04 3.55 53.08
N ILE A 393 29.06 2.75 54.14
CA ILE A 393 28.66 3.19 55.48
C ILE A 393 29.78 2.89 56.46
N GLY A 394 30.49 3.92 56.89
CA GLY A 394 31.47 3.81 57.95
C GLY A 394 31.06 4.57 59.20
N GLU A 395 31.93 4.52 60.21
CA GLU A 395 31.63 5.24 61.44
C GLU A 395 31.55 6.74 61.17
N ASN A 396 32.29 7.26 60.20
CA ASN A 396 32.11 8.65 59.81
C ASN A 396 30.70 8.91 59.29
N GLU A 397 30.21 8.03 58.41
CA GLU A 397 28.86 8.18 57.91
C GLU A 397 27.84 8.03 59.03
N ALA A 398 27.98 7.00 59.86
CA ALA A 398 27.08 6.81 60.98
C ALA A 398 27.05 8.04 61.88
N ARG A 399 28.23 8.58 62.20
CA ARG A 399 28.27 9.69 63.15
C ARG A 399 27.48 10.88 62.65
N ASP A 400 27.60 11.20 61.37
CA ASP A 400 26.96 12.39 60.81
C ASP A 400 25.59 12.12 60.23
N LYS A 401 25.08 10.89 60.34
CA LYS A 401 23.82 10.49 59.74
C LYS A 401 23.82 10.76 58.23
N LYS A 402 24.83 10.22 57.55
CA LYS A 402 24.95 10.36 56.11
C LYS A 402 25.30 9.00 55.52
N VAL A 403 25.33 8.95 54.19
CA VAL A 403 25.80 7.80 53.44
C VAL A 403 26.77 8.29 52.39
N THR A 404 27.68 7.43 51.98
CA THR A 404 28.55 7.70 50.85
C THR A 404 28.00 6.91 49.67
N LEU A 405 27.62 7.64 48.62
CA LEU A 405 26.97 7.08 47.44
C LEU A 405 28.02 6.90 46.36
N ARG A 406 28.24 5.66 45.94
CA ARG A 406 29.11 5.34 44.80
C ARG A 406 28.24 4.80 43.66
N CYS A 407 28.45 5.31 42.45
CA CYS A 407 27.68 4.91 41.29
CA CYS A 407 27.67 4.91 41.29
C CYS A 407 28.28 3.68 40.61
N ARG A 408 27.42 2.89 39.98
CA ARG A 408 27.88 1.77 39.16
C ARG A 408 28.93 2.23 38.15
N ASP A 409 28.73 3.41 37.55
CA ASP A 409 29.72 4.05 36.69
C ASP A 409 30.74 4.77 37.57
N THR A 410 31.89 4.15 37.79
CA THR A 410 32.86 4.78 38.69
C THR A 410 33.55 6.01 38.09
N THR A 411 33.24 6.43 36.85
CA THR A 411 33.67 7.76 36.47
C THR A 411 32.85 8.87 37.12
N ILE A 412 31.71 8.56 37.73
CA ILE A 412 30.87 9.54 38.40
C ILE A 412 31.36 9.67 39.84
N PRO A 413 31.82 10.84 40.28
CA PRO A 413 32.40 10.93 41.62
C PRO A 413 31.39 10.57 42.70
N GLN A 414 31.92 9.98 43.77
CA GLN A 414 31.10 9.62 44.91
CA GLN A 414 31.08 9.62 44.91
C GLN A 414 30.58 10.88 45.62
N GLU A 415 29.42 10.77 46.25
CA GLU A 415 28.84 11.88 46.99
C GLU A 415 28.63 11.47 48.44
N LEU A 416 28.62 12.47 49.32
CA LEU A 416 28.28 12.32 50.73
C LEU A 416 26.93 13.00 50.95
N LEU A 417 25.89 12.22 51.22
CA LEU A 417 24.52 12.72 51.28
C LEU A 417 23.83 12.25 52.55
N THR A 418 22.87 13.05 53.02
CA THR A 418 21.96 12.62 54.06
C THR A 418 20.97 11.60 53.49
N LEU A 419 20.25 10.93 54.40
CA LEU A 419 19.27 9.94 53.94
C LEU A 419 18.13 10.62 53.18
N ASP A 420 17.73 11.83 53.62
CA ASP A 420 16.67 12.55 52.92
C ASP A 420 17.12 13.02 51.55
N GLN A 421 18.37 13.46 51.43
CA GLN A 421 18.90 13.83 50.12
C GLN A 421 18.93 12.61 49.19
N LEU A 422 19.44 11.49 49.70
CA LEU A 422 19.47 10.26 48.92
C LEU A 422 18.07 9.91 48.41
N ILE A 423 17.07 9.96 49.29
CA ILE A 423 15.72 9.57 48.92
C ILE A 423 15.13 10.54 47.90
N LEU A 424 15.48 11.82 47.99
CA LEU A 424 15.06 12.79 46.98
C LEU A 424 15.67 12.45 45.62
N LYS A 425 16.98 12.18 45.60
CA LYS A 425 17.65 11.73 44.37
C LYS A 425 16.96 10.50 43.78
N PHE A 426 16.81 9.46 44.59
CA PHE A 426 16.19 8.23 44.10
C PHE A 426 14.78 8.48 43.57
N SER A 427 13.96 9.24 44.32
CA SER A 427 12.59 9.48 43.90
C SER A 427 12.49 10.22 42.58
N SER A 428 13.52 10.97 42.22
CA SER A 428 13.55 11.71 40.96
C SER A 428 13.91 10.83 39.76
N MET A 429 14.17 9.55 39.97
CA MET A 429 14.55 8.65 38.90
C MET A 429 13.54 7.51 38.74
N GLY A 430 12.25 7.80 38.95
CA GLY A 430 11.20 6.83 38.74
C GLY A 430 10.82 6.70 37.26
N PHE A 431 9.71 6.00 37.02
CA PHE A 431 9.21 5.75 35.67
C PHE A 431 9.17 7.05 34.87
N PRO A 432 9.79 7.10 33.70
CA PRO A 432 9.54 8.24 32.81
C PRO A 432 8.04 8.35 32.54
N SER A 433 7.57 9.58 32.46
CA SER A 433 6.16 9.89 32.34
C SER A 433 5.92 10.76 31.13
N SER A 434 4.83 10.49 30.40
CA SER A 434 4.50 11.31 29.24
C SER A 434 3.92 12.67 29.61
N ILE A 435 3.73 12.94 30.90
CA ILE A 435 3.32 14.26 31.36
C ILE A 435 4.42 14.95 32.15
N ASP A 436 5.55 14.30 32.37
CA ASP A 436 6.70 14.85 33.09
C ASP A 436 7.66 15.58 32.15
N LYS B 11 -27.52 17.74 -23.81
CA LYS B 11 -27.25 16.36 -24.20
C LYS B 11 -25.92 16.22 -24.96
N ARG B 12 -24.82 16.27 -24.22
CA ARG B 12 -23.49 16.03 -24.79
C ARG B 12 -23.15 14.55 -24.63
N ASP B 13 -23.76 13.74 -25.47
CA ASP B 13 -23.28 12.39 -25.70
C ASP B 13 -22.32 12.43 -26.90
N HIS B 14 -21.20 11.72 -26.78
CA HIS B 14 -20.17 11.80 -27.81
C HIS B 14 -20.67 11.33 -29.16
N ARG B 15 -21.56 10.34 -29.21
CA ARG B 15 -22.13 9.92 -30.49
C ARG B 15 -22.95 11.03 -31.12
N LEU B 16 -23.72 11.76 -30.31
CA LEU B 16 -24.53 12.85 -30.84
C LEU B 16 -23.65 14.03 -31.23
N LEU B 17 -22.64 14.32 -30.42
CA LEU B 17 -21.64 15.33 -30.80
C LEU B 17 -20.95 14.95 -32.08
N GLY B 18 -20.60 13.66 -32.25
CA GLY B 18 -19.86 13.27 -33.44
C GLY B 18 -20.69 13.41 -34.70
N SER B 19 -22.01 13.33 -34.56
CA SER B 19 -22.91 13.48 -35.70
C SER B 19 -23.19 14.95 -35.99
N ASN B 20 -23.55 15.71 -34.97
CA ASN B 20 -23.87 17.12 -35.16
C ASN B 20 -22.67 17.92 -35.61
N LEU B 21 -21.46 17.56 -35.16
CA LEU B 21 -20.25 18.26 -35.57
C LEU B 21 -19.56 17.58 -36.74
N GLN B 22 -20.19 16.59 -37.34
CA GLN B 22 -19.68 15.90 -38.53
C GLN B 22 -18.27 15.41 -38.31
N LEU B 23 -18.08 14.74 -37.17
CA LEU B 23 -16.80 14.20 -36.78
C LEU B 23 -16.64 12.74 -37.17
N PHE B 24 -17.66 11.91 -36.93
CA PHE B 24 -17.58 10.48 -37.16
C PHE B 24 -18.99 9.88 -37.10
N PHE B 25 -19.11 8.66 -37.65
CA PHE B 25 -20.35 7.93 -37.58
C PHE B 25 -20.02 6.44 -37.51
N PHE B 26 -21.06 5.66 -37.25
CA PHE B 26 -20.99 4.21 -37.12
C PHE B 26 -21.92 3.58 -38.12
N ASP B 27 -21.55 2.39 -38.57
CA ASP B 27 -22.40 1.60 -39.44
C ASP B 27 -22.44 0.23 -38.78
N SER B 28 -23.53 -0.04 -38.07
CA SER B 28 -23.64 -1.29 -37.33
C SER B 28 -24.11 -2.44 -38.22
N ASN B 29 -24.34 -2.18 -39.51
CA ASN B 29 -24.61 -3.23 -40.46
C ASN B 29 -23.33 -3.74 -41.15
N VAL B 30 -22.40 -2.86 -41.51
CA VAL B 30 -21.17 -3.32 -42.17
C VAL B 30 -19.97 -3.40 -41.23
N SER B 31 -19.95 -2.62 -40.14
CA SER B 31 -18.82 -2.75 -39.23
C SER B 31 -19.16 -2.34 -37.80
N PRO B 32 -20.13 -3.00 -37.17
CA PRO B 32 -20.41 -2.69 -35.76
C PRO B 32 -19.16 -2.79 -34.91
N GLY B 33 -18.92 -1.77 -34.11
CA GLY B 33 -17.80 -1.78 -33.18
C GLY B 33 -16.54 -1.11 -33.70
N SER B 34 -16.53 -0.66 -34.95
CA SER B 34 -15.46 0.18 -35.47
C SER B 34 -16.07 1.53 -35.85
N CYS B 35 -15.23 2.48 -36.26
CA CYS B 35 -15.72 3.84 -36.44
C CYS B 35 -15.33 4.36 -37.82
N PHE B 36 -16.22 5.13 -38.41
CA PHE B 36 -15.94 5.87 -39.63
C PHE B 36 -15.68 7.31 -39.22
N TRP B 37 -14.43 7.77 -39.37
CA TRP B 37 -14.03 9.12 -38.97
C TRP B 37 -14.06 10.01 -40.21
N LEU B 38 -14.98 10.97 -40.21
CA LEU B 38 -15.10 11.98 -41.26
C LEU B 38 -13.89 12.89 -41.20
N PRO B 39 -13.64 13.72 -42.24
CA PRO B 39 -12.44 14.57 -42.22
C PRO B 39 -12.15 15.31 -40.91
N ALA B 40 -13.16 15.97 -40.31
CA ALA B 40 -12.86 16.72 -39.09
C ALA B 40 -12.56 15.78 -37.92
N GLY B 41 -13.20 14.62 -37.87
CA GLY B 41 -12.88 13.65 -36.82
C GLY B 41 -11.47 13.13 -36.91
N ALA B 42 -11.00 12.84 -38.14
CA ALA B 42 -9.64 12.37 -38.28
C ALA B 42 -8.63 13.46 -37.95
N ARG B 43 -8.95 14.73 -38.23
CA ARG B 43 -8.07 15.81 -37.79
C ARG B 43 -7.92 15.78 -36.27
N LEU B 44 -9.04 15.76 -35.54
CA LEU B 44 -9.01 15.65 -34.08
C LEU B 44 -8.19 14.45 -33.63
N TYR B 45 -8.58 13.27 -34.08
CA TYR B 45 -7.89 12.01 -33.78
C TYR B 45 -6.38 12.14 -33.93
N ASN B 46 -5.92 12.61 -35.10
CA ASN B 46 -4.48 12.70 -35.32
C ASN B 46 -3.83 13.75 -34.45
N LYS B 47 -4.54 14.85 -34.13
CA LYS B 47 -3.90 15.84 -33.27
C LYS B 47 -3.71 15.28 -31.86
N LEU B 48 -4.65 14.48 -31.37
CA LEU B 48 -4.44 13.83 -30.08
C LEU B 48 -3.16 13.02 -30.09
N MET B 49 -2.97 12.23 -31.15
CA MET B 49 -1.77 11.40 -31.24
C MET B 49 -0.53 12.26 -31.45
N ASP B 50 -0.67 13.32 -32.26
CA ASP B 50 0.44 14.25 -32.44
C ASP B 50 0.85 14.88 -31.11
N PHE B 51 -0.12 15.21 -30.26
CA PHE B 51 0.22 15.73 -28.94
C PHE B 51 1.16 14.76 -28.21
N ILE B 52 0.75 13.50 -28.14
CA ILE B 52 1.54 12.49 -27.44
C ILE B 52 2.91 12.33 -28.10
N ARG B 53 2.96 12.37 -29.43
CA ARG B 53 4.22 12.12 -30.13
C ARG B 53 5.25 13.20 -29.85
N ASN B 54 4.81 14.46 -29.81
CA ASN B 54 5.71 15.55 -29.46
C ASN B 54 6.36 15.27 -28.10
N GLU B 55 5.55 14.86 -27.12
CA GLU B 55 6.11 14.56 -25.81
C GLU B 55 7.00 13.32 -25.87
N TYR B 56 6.66 12.33 -26.71
CA TYR B 56 7.55 11.18 -26.91
C TYR B 56 8.94 11.60 -27.31
N ARG B 57 9.04 12.57 -28.23
CA ARG B 57 10.36 13.05 -28.64
C ARG B 57 11.08 13.70 -27.47
N ILE B 58 10.36 14.48 -26.67
CA ILE B 58 10.98 15.17 -25.54
C ILE B 58 11.45 14.16 -24.50
N ARG B 59 10.70 13.08 -24.30
CA ARG B 59 10.88 12.14 -23.20
C ARG B 59 11.57 10.85 -23.64
N GLU B 60 12.12 10.82 -24.86
CA GLU B 60 13.00 9.74 -25.31
C GLU B 60 12.26 8.40 -25.39
N PHE B 61 11.03 8.45 -25.88
CA PHE B 61 10.30 7.29 -26.35
C PHE B 61 10.49 7.17 -27.86
N THR B 62 10.72 5.94 -28.33
CA THR B 62 10.87 5.71 -29.77
C THR B 62 9.66 4.95 -30.28
N GLU B 63 8.92 5.58 -31.20
CA GLU B 63 7.78 4.92 -31.80
C GLU B 63 8.24 3.84 -32.76
N VAL B 64 7.51 2.72 -32.76
CA VAL B 64 7.75 1.63 -33.70
C VAL B 64 6.46 1.29 -34.39
N ILE B 65 6.59 0.44 -35.41
CA ILE B 65 5.47 -0.10 -36.17
C ILE B 65 5.62 -1.60 -36.20
N THR B 66 4.57 -2.32 -35.75
CA THR B 66 4.57 -3.76 -35.65
C THR B 66 3.42 -4.30 -36.49
N PRO B 67 3.44 -5.61 -36.79
CA PRO B 67 2.34 -6.20 -37.57
C PRO B 67 1.02 -6.15 -36.80
N ASN B 68 -0.04 -6.42 -37.54
CA ASN B 68 -1.39 -6.61 -37.03
C ASN B 68 -1.79 -8.07 -36.91
N ILE B 69 -1.32 -8.94 -37.80
CA ILE B 69 -1.66 -10.36 -37.73
C ILE B 69 -0.39 -11.14 -37.42
N PHE B 70 -0.59 -12.24 -36.69
CA PHE B 70 0.50 -13.08 -36.24
C PHE B 70 0.01 -14.52 -36.21
N SER B 71 0.94 -15.45 -36.37
CA SER B 71 0.71 -16.82 -35.96
C SER B 71 0.35 -16.86 -34.48
N CYS B 72 -0.65 -17.68 -34.13
CA CYS B 72 -1.04 -17.73 -32.74
C CYS B 72 0.05 -18.31 -31.84
N ASP B 73 1.12 -18.85 -32.43
CA ASP B 73 2.30 -19.22 -31.66
C ASP B 73 2.79 -18.05 -30.82
N LEU B 74 2.64 -16.84 -31.33
CA LEU B 74 3.06 -15.67 -30.57
C LEU B 74 2.36 -15.60 -29.22
N TRP B 75 1.05 -15.75 -29.22
CA TRP B 75 0.30 -15.61 -27.98
C TRP B 75 0.38 -16.85 -27.11
N LYS B 76 0.74 -18.00 -27.67
CA LYS B 76 1.06 -19.14 -26.83
C LYS B 76 2.40 -18.93 -26.13
N THR B 77 3.36 -18.33 -26.83
CA THR B 77 4.62 -17.96 -26.18
C THR B 77 4.37 -16.94 -25.09
N SER B 78 3.61 -15.90 -25.41
CA SER B 78 3.36 -14.82 -24.46
C SER B 78 2.50 -15.25 -23.29
N GLY B 79 1.74 -16.33 -23.43
CA GLY B 79 0.83 -16.78 -22.39
C GLY B 79 -0.55 -16.14 -22.41
N HIS B 80 -0.83 -15.26 -23.38
CA HIS B 80 -2.14 -14.62 -23.49
C HIS B 80 -3.17 -15.50 -24.20
N TYR B 81 -2.74 -16.61 -24.83
CA TYR B 81 -3.60 -17.31 -25.78
C TYR B 81 -4.86 -17.86 -25.11
N PHE B 82 -4.71 -18.61 -24.01
CA PHE B 82 -5.87 -19.24 -23.40
C PHE B 82 -6.90 -18.20 -22.96
N ALA B 83 -6.44 -17.09 -22.38
CA ALA B 83 -7.36 -16.10 -21.84
C ALA B 83 -7.90 -15.15 -22.90
N TYR B 84 -7.24 -15.03 -24.05
CA TYR B 84 -7.64 -14.06 -25.05
C TYR B 84 -8.28 -14.66 -26.29
N LYS B 85 -8.03 -15.94 -26.56
CA LYS B 85 -8.59 -16.60 -27.74
C LYS B 85 -10.06 -16.26 -27.92
N GLU B 86 -10.85 -16.42 -26.84
CA GLU B 86 -12.29 -16.29 -26.92
C GLU B 86 -12.73 -14.92 -27.42
N ASN B 87 -11.94 -13.89 -27.17
CA ASN B 87 -12.27 -12.54 -27.61
C ASN B 87 -11.36 -12.03 -28.73
N MET B 88 -10.67 -12.94 -29.41
CA MET B 88 -9.82 -12.54 -30.52
C MET B 88 -10.46 -12.96 -31.84
N PHE B 89 -10.17 -12.19 -32.88
CA PHE B 89 -10.55 -12.55 -34.24
C PHE B 89 -9.50 -13.50 -34.80
N ILE B 90 -9.92 -14.72 -35.11
CA ILE B 90 -9.01 -15.80 -35.40
C ILE B 90 -9.36 -16.43 -36.74
N PHE B 91 -8.33 -16.87 -37.48
CA PHE B 91 -8.51 -17.40 -38.83
C PHE B 91 -7.30 -18.26 -39.17
N ASP B 92 -7.48 -19.16 -40.13
CA ASP B 92 -6.39 -20.04 -40.56
C ASP B 92 -5.58 -19.40 -41.67
N VAL B 93 -4.27 -19.58 -41.61
CA VAL B 93 -3.36 -19.17 -42.67
C VAL B 93 -2.52 -20.37 -43.04
N GLU B 94 -2.70 -20.90 -44.25
CA GLU B 94 -2.03 -22.11 -44.69
C GLU B 94 -2.14 -23.19 -43.62
N GLU B 95 -3.36 -23.40 -43.14
CA GLU B 95 -3.73 -24.44 -42.18
C GLU B 95 -3.08 -24.24 -40.81
N LYS B 96 -2.62 -23.04 -40.52
CA LYS B 96 -2.11 -22.68 -39.21
C LYS B 96 -3.01 -21.59 -38.64
N GLU B 97 -3.19 -21.60 -37.32
CA GLU B 97 -4.10 -20.67 -36.68
C GLU B 97 -3.40 -19.34 -36.42
N TRP B 98 -4.03 -18.25 -36.85
CA TRP B 98 -3.54 -16.89 -36.68
C TRP B 98 -4.60 -16.02 -36.04
N GLY B 99 -4.21 -14.79 -35.71
CA GLY B 99 -5.17 -13.82 -35.23
C GLY B 99 -4.72 -12.39 -35.40
N LEU B 100 -5.70 -11.49 -35.33
CA LEU B 100 -5.47 -10.06 -35.20
C LEU B 100 -5.04 -9.72 -33.78
N LYS B 101 -4.04 -8.88 -33.64
CA LYS B 101 -3.50 -8.61 -32.32
C LYS B 101 -4.52 -7.82 -31.49
N PRO B 102 -4.77 -8.25 -30.26
CA PRO B 102 -5.58 -7.43 -29.35
C PRO B 102 -4.73 -6.56 -28.43
N MET B 103 -3.40 -6.67 -28.55
CA MET B 103 -2.49 -5.85 -27.77
C MET B 103 -1.13 -5.92 -28.45
N ASN B 104 -0.25 -5.00 -28.06
CA ASN B 104 1.05 -4.83 -28.68
C ASN B 104 2.19 -5.53 -27.95
N CYS B 105 2.01 -5.81 -26.66
CA CYS B 105 3.12 -6.25 -25.82
C CYS B 105 3.94 -7.39 -26.42
N PRO B 106 3.35 -8.50 -26.89
CA PRO B 106 4.20 -9.60 -27.37
C PRO B 106 5.09 -9.20 -28.55
N GLY B 107 4.56 -8.42 -29.49
CA GLY B 107 5.39 -7.97 -30.60
C GLY B 107 6.58 -7.14 -30.14
N HIS B 108 6.41 -6.37 -29.06
CA HIS B 108 7.52 -5.57 -28.59
C HIS B 108 8.59 -6.43 -27.93
N CYS B 109 8.19 -7.53 -27.29
CA CYS B 109 9.19 -8.47 -26.79
C CYS B 109 9.99 -9.08 -27.95
N VAL B 110 9.32 -9.41 -29.05
CA VAL B 110 10.06 -9.89 -30.22
C VAL B 110 11.09 -8.85 -30.65
N MET B 111 10.66 -7.57 -30.69
CA MET B 111 11.56 -6.49 -31.10
C MET B 111 12.73 -6.35 -30.13
N PHE B 112 12.44 -6.33 -28.83
CA PHE B 112 13.51 -6.22 -27.85
C PHE B 112 14.51 -7.34 -28.01
N LYS B 113 14.03 -8.56 -28.27
CA LYS B 113 14.94 -9.67 -28.52
C LYS B 113 15.83 -9.37 -29.72
N HIS B 114 15.23 -8.85 -30.80
CA HIS B 114 16.01 -8.54 -32.00
C HIS B 114 17.05 -7.46 -31.71
N MET B 115 16.65 -6.42 -30.96
CA MET B 115 17.57 -5.31 -30.69
C MET B 115 18.75 -5.74 -29.83
N ASN B 116 18.57 -6.76 -29.01
CA ASN B 116 19.64 -7.33 -28.20
C ASN B 116 20.46 -6.26 -27.46
N PRO B 117 19.83 -5.42 -26.66
CA PRO B 117 20.58 -4.34 -26.00
C PRO B 117 21.46 -4.86 -24.88
N SER B 118 22.45 -4.04 -24.53
CA SER B 118 23.18 -4.17 -23.28
C SER B 118 22.64 -3.17 -22.26
N TYR B 119 23.16 -3.27 -21.04
CA TYR B 119 22.71 -2.36 -19.99
C TYR B 119 22.88 -0.91 -20.38
N ARG B 120 23.91 -0.60 -21.16
CA ARG B 120 24.17 0.78 -21.52
C ARG B 120 23.07 1.37 -22.40
N GLN B 121 22.31 0.55 -23.09
CA GLN B 121 21.22 1.05 -23.92
C GLN B 121 19.87 1.05 -23.21
N LEU B 122 19.79 0.47 -21.94
CA LEU B 122 18.54 0.52 -21.20
C LEU B 122 18.40 1.84 -20.45
N PRO B 123 17.17 2.37 -20.27
CA PRO B 123 15.90 1.77 -20.72
C PRO B 123 15.65 1.89 -22.22
N ILE B 124 14.98 0.90 -22.77
CA ILE B 124 14.39 0.99 -24.10
C ILE B 124 12.91 1.27 -23.92
N ARG B 125 12.40 2.24 -24.66
CA ARG B 125 11.02 2.70 -24.54
C ARG B 125 10.38 2.61 -25.93
N LEU B 126 9.67 1.52 -26.19
CA LEU B 126 9.04 1.30 -27.48
C LEU B 126 7.59 1.76 -27.41
N ALA B 127 7.24 2.79 -28.18
CA ALA B 127 5.86 3.24 -28.24
C ALA B 127 5.25 2.77 -29.55
N ASP B 128 3.94 2.51 -29.50
CA ASP B 128 3.28 1.90 -30.65
C ASP B 128 1.81 2.31 -30.63
N PHE B 129 1.40 3.00 -31.70
CA PHE B 129 0.01 3.38 -31.92
C PHE B 129 -0.73 2.36 -32.77
N GLY B 130 -0.27 1.12 -32.79
CA GLY B 130 -0.85 0.13 -33.69
C GLY B 130 -2.32 -0.09 -33.43
N VAL B 131 -3.03 -0.48 -34.50
CA VAL B 131 -4.46 -0.75 -34.42
C VAL B 131 -4.69 -2.11 -33.76
N LEU B 132 -5.49 -2.13 -32.70
CA LEU B 132 -5.79 -3.31 -31.92
C LEU B 132 -7.23 -3.72 -32.16
N HIS B 133 -7.51 -5.02 -32.10
CA HIS B 133 -8.87 -5.50 -32.27
C HIS B 133 -9.21 -6.48 -31.16
N ARG B 134 -10.41 -6.32 -30.60
CA ARG B 134 -10.96 -7.26 -29.61
C ARG B 134 -12.40 -7.57 -29.96
N ASN B 135 -12.76 -8.86 -29.95
CA ASN B 135 -14.09 -9.31 -30.33
C ASN B 135 -15.08 -9.13 -29.17
N GLU B 136 -15.51 -7.88 -29.00
CA GLU B 136 -16.59 -7.59 -28.06
C GLU B 136 -17.93 -8.07 -28.62
N PHE B 137 -18.79 -8.57 -27.72
CA PHE B 137 -20.16 -8.93 -28.09
C PHE B 137 -20.87 -7.71 -28.66
N SER B 138 -21.64 -7.93 -29.73
CA SER B 138 -22.27 -6.79 -30.40
C SER B 138 -23.27 -6.10 -29.47
N GLY B 139 -24.00 -6.88 -28.68
CA GLY B 139 -24.92 -6.35 -27.68
C GLY B 139 -24.27 -5.45 -26.65
N ALA B 140 -22.93 -5.45 -26.54
CA ALA B 140 -22.24 -4.62 -25.56
C ALA B 140 -21.53 -3.43 -26.17
N LEU B 141 -21.53 -3.30 -27.49
CA LEU B 141 -20.85 -2.20 -28.15
C LEU B 141 -21.52 -0.88 -27.81
N ASN B 142 -20.72 0.19 -27.81
CA ASN B 142 -21.23 1.51 -27.42
C ASN B 142 -20.26 2.57 -27.97
N GLY B 143 -20.61 3.14 -29.13
CA GLY B 143 -19.84 4.21 -29.75
C GLY B 143 -18.34 4.01 -29.71
N LEU B 144 -17.62 4.97 -29.12
CA LEU B 144 -16.17 4.89 -28.93
C LEU B 144 -15.79 4.41 -27.55
N THR B 145 -16.76 4.02 -26.72
CA THR B 145 -16.51 3.65 -25.33
C THR B 145 -16.20 2.17 -25.18
N ARG B 146 -17.02 1.33 -25.82
CA ARG B 146 -16.83 -0.12 -25.89
C ARG B 146 -16.80 -0.50 -27.36
N VAL B 147 -15.63 -0.90 -27.86
CA VAL B 147 -15.35 -0.99 -29.29
C VAL B 147 -14.68 -2.31 -29.62
N ARG B 148 -14.71 -2.65 -30.91
CA ARG B 148 -13.89 -3.75 -31.40
C ARG B 148 -12.56 -3.29 -31.99
N ARG B 149 -12.42 -2.03 -32.38
CA ARG B 149 -11.20 -1.52 -33.00
C ARG B 149 -10.74 -0.28 -32.24
N PHE B 150 -9.44 -0.21 -31.93
CA PHE B 150 -8.95 0.98 -31.23
C PHE B 150 -7.44 1.03 -31.34
N GLN B 151 -6.90 2.24 -31.19
CA GLN B 151 -5.47 2.51 -31.10
C GLN B 151 -5.17 3.09 -29.72
N GLN B 152 -4.18 2.51 -29.04
CA GLN B 152 -3.76 3.02 -27.73
C GLN B 152 -2.50 3.84 -27.90
N ASP B 153 -2.31 4.83 -27.02
CA ASP B 153 -0.99 5.43 -26.88
C ASP B 153 -0.10 4.50 -26.05
N ASP B 154 0.00 3.24 -26.48
CA ASP B 154 0.69 2.18 -25.78
C ASP B 154 2.20 2.37 -25.85
N ALA B 155 2.91 1.99 -24.77
CA ALA B 155 4.35 1.87 -24.82
C ALA B 155 4.83 0.91 -23.75
N HIS B 156 6.01 0.32 -24.00
CA HIS B 156 6.68 -0.54 -23.05
C HIS B 156 8.06 -0.01 -22.74
N ILE B 157 8.34 0.16 -21.47
CA ILE B 157 9.68 0.47 -21.00
C ILE B 157 10.34 -0.83 -20.60
N PHE B 158 11.47 -1.13 -21.22
CA PHE B 158 12.32 -2.26 -20.84
C PHE B 158 13.49 -1.69 -20.03
N CYS B 159 13.56 -2.02 -18.75
CA CYS B 159 14.56 -1.37 -17.91
C CYS B 159 15.16 -2.39 -16.94
N THR B 160 16.22 -1.98 -16.24
CA THR B 160 16.79 -2.82 -15.21
C THR B 160 15.91 -2.77 -13.95
N PRO B 161 16.00 -3.78 -13.10
CA PRO B 161 15.26 -3.71 -11.82
C PRO B 161 15.55 -2.44 -11.06
N GLU B 162 16.81 -1.99 -11.06
CA GLU B 162 17.20 -0.79 -10.33
C GLU B 162 16.57 0.48 -10.91
N GLN B 163 16.14 0.45 -12.17
CA GLN B 163 15.62 1.64 -12.84
C GLN B 163 14.13 1.83 -12.67
N ILE B 164 13.44 0.91 -11.98
CA ILE B 164 11.98 0.93 -11.93
C ILE B 164 11.46 2.21 -11.30
N GLN B 165 11.99 2.58 -10.12
CA GLN B 165 11.49 3.75 -9.42
CA GLN B 165 11.46 3.74 -9.43
C GLN B 165 11.60 5.00 -10.28
N GLU B 166 12.77 5.23 -10.88
CA GLU B 166 12.93 6.47 -11.65
C GLU B 166 12.05 6.46 -12.91
N GLU B 167 11.94 5.33 -13.59
CA GLU B 167 11.07 5.29 -14.78
C GLU B 167 9.62 5.51 -14.40
N VAL B 168 9.19 4.92 -13.29
CA VAL B 168 7.80 5.10 -12.87
C VAL B 168 7.55 6.55 -12.51
N PHE B 169 8.55 7.20 -11.90
CA PHE B 169 8.41 8.61 -11.55
C PHE B 169 8.23 9.46 -12.81
N LYS B 170 9.06 9.21 -13.82
CA LYS B 170 8.91 9.89 -15.12
C LYS B 170 7.54 9.62 -15.73
N ALA B 171 7.06 8.38 -15.66
CA ALA B 171 5.75 8.08 -16.25
C ALA B 171 4.63 8.82 -15.53
N LEU B 172 4.71 8.92 -14.19
CA LEU B 172 3.79 9.77 -13.45
C LEU B 172 3.87 11.21 -13.96
N ASP B 173 5.09 11.72 -14.14
CA ASP B 173 5.24 13.11 -14.57
C ASP B 173 4.63 13.32 -15.97
N PHE B 174 4.85 12.36 -16.86
CA PHE B 174 4.26 12.41 -18.20
C PHE B 174 2.74 12.44 -18.12
N LEU B 175 2.16 11.57 -17.28
CA LEU B 175 0.71 11.56 -17.07
CA LEU B 175 0.71 11.57 -17.12
C LEU B 175 0.22 12.89 -16.52
N PHE B 176 0.93 13.43 -15.52
CA PHE B 176 0.50 14.70 -14.92
C PHE B 176 0.46 15.79 -15.98
N PHE B 177 1.48 15.85 -16.82
CA PHE B 177 1.53 16.88 -17.83
C PHE B 177 0.36 16.77 -18.79
N ILE B 178 0.16 15.58 -19.37
CA ILE B 178 -0.90 15.38 -20.35
C ILE B 178 -2.26 15.68 -19.73
N TYR B 179 -2.54 15.13 -18.54
CA TYR B 179 -3.88 15.31 -17.99
C TYR B 179 -4.13 16.76 -17.60
N GLY B 180 -3.10 17.43 -17.06
CA GLY B 180 -3.25 18.84 -16.75
C GLY B 180 -3.62 19.65 -17.98
N GLN B 181 -2.93 19.40 -19.09
CA GLN B 181 -3.19 20.15 -20.31
C GLN B 181 -4.57 19.86 -20.87
N LEU B 182 -5.08 18.65 -20.69
CA LEU B 182 -6.42 18.33 -21.14
C LEU B 182 -7.48 18.80 -20.16
N GLY B 183 -7.09 19.32 -19.00
CA GLY B 183 -8.05 19.85 -18.05
C GLY B 183 -8.68 18.82 -17.13
N PHE B 184 -8.05 17.67 -16.94
CA PHE B 184 -8.56 16.63 -16.05
C PHE B 184 -7.86 16.71 -14.71
N THR B 185 -8.61 16.50 -13.63
CA THR B 185 -8.00 16.05 -12.40
C THR B 185 -8.07 14.53 -12.35
N PHE B 186 -7.42 13.93 -11.36
CA PHE B 186 -7.31 12.48 -11.33
C PHE B 186 -6.99 12.01 -9.91
N ASP B 187 -7.30 10.73 -9.66
CA ASP B 187 -6.87 10.02 -8.46
C ASP B 187 -5.88 8.92 -8.83
N LEU B 188 -4.94 8.65 -7.94
CA LEU B 188 -3.88 7.67 -8.13
C LEU B 188 -4.06 6.48 -7.20
N PHE B 189 -3.90 5.26 -7.73
CA PHE B 189 -4.06 4.05 -6.95
C PHE B 189 -2.91 3.08 -7.20
N LEU B 190 -2.43 2.47 -6.13
CA LEU B 190 -1.45 1.40 -6.17
C LEU B 190 -2.15 0.08 -5.92
N SER B 191 -2.23 -0.74 -6.97
CA SER B 191 -2.89 -2.05 -6.87
C SER B 191 -1.85 -3.08 -6.49
N THR B 192 -2.07 -3.76 -5.36
CA THR B 192 -1.05 -4.60 -4.75
C THR B 192 -1.35 -6.09 -4.91
N MET B 193 -0.54 -6.90 -4.22
CA MET B 193 -0.42 -8.33 -4.43
C MET B 193 -1.79 -9.02 -4.39
N PRO B 194 -2.19 -9.66 -5.48
CA PRO B 194 -3.47 -10.39 -5.48
C PRO B 194 -3.30 -11.76 -4.83
N LYS B 195 -4.43 -12.44 -4.64
CA LYS B 195 -4.43 -13.74 -3.97
C LYS B 195 -3.46 -14.71 -4.65
N GLU B 196 -3.60 -14.89 -5.96
CA GLU B 196 -2.71 -15.73 -6.74
C GLU B 196 -1.77 -14.83 -7.56
N HIS B 197 -0.48 -15.13 -7.53
CA HIS B 197 0.48 -14.17 -8.03
C HIS B 197 1.77 -14.88 -8.42
N LEU B 198 2.46 -14.31 -9.40
CA LEU B 198 3.81 -14.73 -9.73
C LEU B 198 4.76 -14.35 -8.60
N GLY B 199 5.83 -15.14 -8.44
CA GLY B 199 6.90 -14.79 -7.54
C GLY B 199 6.51 -14.78 -6.07
N THR B 200 7.47 -14.46 -5.21
CA THR B 200 7.24 -14.53 -3.76
C THR B 200 6.67 -13.22 -3.21
N GLU B 201 6.17 -13.29 -1.97
CA GLU B 201 5.68 -12.07 -1.31
C GLU B 201 6.80 -11.05 -1.16
N GLU B 202 8.01 -11.53 -0.87
CA GLU B 202 9.16 -10.64 -0.75
C GLU B 202 9.42 -9.89 -2.06
N GLN B 203 9.38 -10.59 -3.18
CA GLN B 203 9.53 -9.92 -4.47
C GLN B 203 8.43 -8.87 -4.67
N TRP B 204 7.20 -9.20 -4.25
CA TRP B 204 6.12 -8.22 -4.30
C TRP B 204 6.42 -7.03 -3.39
N LYS B 205 6.98 -7.29 -2.21
CA LYS B 205 7.36 -6.20 -1.31
C LYS B 205 8.33 -5.23 -2.00
N GLU B 206 9.37 -5.76 -2.65
CA GLU B 206 10.33 -4.88 -3.33
C GLU B 206 9.68 -4.13 -4.50
N ALA B 207 8.84 -4.80 -5.28
CA ALA B 207 8.22 -4.13 -6.42
C ALA B 207 7.18 -3.12 -5.98
N GLU B 208 6.33 -3.47 -5.01
CA GLU B 208 5.36 -2.51 -4.52
C GLU B 208 6.06 -1.31 -3.91
N ASN B 209 7.14 -1.52 -3.16
CA ASN B 209 7.77 -0.36 -2.53
C ASN B 209 8.47 0.54 -3.57
N ALA B 210 8.94 -0.03 -4.68
CA ALA B 210 9.43 0.77 -5.79
C ALA B 210 8.34 1.72 -6.29
N LEU B 211 7.16 1.17 -6.61
CA LEU B 211 6.06 2.01 -7.04
C LEU B 211 5.70 3.05 -5.97
N LYS B 212 5.68 2.63 -4.70
CA LYS B 212 5.34 3.57 -3.62
C LYS B 212 6.33 4.71 -3.56
N SER B 213 7.62 4.42 -3.66
CA SER B 213 8.63 5.47 -3.59
C SER B 213 8.46 6.48 -4.72
N ALA B 214 8.12 5.99 -5.92
CA ALA B 214 7.89 6.92 -7.03
C ALA B 214 6.71 7.82 -6.73
N LEU B 215 5.61 7.23 -6.25
CA LEU B 215 4.44 8.01 -5.83
C LEU B 215 4.81 9.00 -4.74
N ASP B 216 5.55 8.56 -3.71
CA ASP B 216 5.94 9.47 -2.64
C ASP B 216 6.64 10.69 -3.22
N LYS B 217 7.56 10.47 -4.16
CA LYS B 217 8.39 11.55 -4.69
C LYS B 217 7.54 12.60 -5.39
N THR B 218 6.37 12.23 -5.92
CA THR B 218 5.53 13.24 -6.56
C THR B 218 4.90 14.19 -5.55
N GLY B 219 4.81 13.78 -4.29
CA GLY B 219 4.11 14.58 -3.32
C GLY B 219 2.60 14.54 -3.43
N ARG B 220 2.04 13.85 -4.42
CA ARG B 220 0.60 13.80 -4.57
C ARG B 220 -0.03 12.72 -3.68
N ASP B 221 -1.30 12.92 -3.37
CA ASP B 221 -2.05 11.91 -2.62
C ASP B 221 -2.27 10.69 -3.50
N TRP B 222 -2.28 9.52 -2.87
CA TRP B 222 -2.57 8.27 -3.55
C TRP B 222 -3.16 7.31 -2.55
N LYS B 223 -3.88 6.30 -3.03
CA LYS B 223 -4.55 5.34 -2.18
C LYS B 223 -4.18 3.93 -2.59
N LEU B 224 -4.31 3.03 -1.62
CA LEU B 224 -4.05 1.62 -1.84
C LEU B 224 -5.28 0.96 -2.44
N ASN B 225 -5.03 -0.03 -3.28
CA ASN B 225 -6.06 -0.85 -3.90
C ASN B 225 -5.72 -2.32 -3.64
N PRO B 226 -5.89 -2.79 -2.40
CA PRO B 226 -5.37 -4.13 -2.07
C PRO B 226 -6.00 -5.25 -2.89
N GLY B 227 -5.17 -6.22 -3.28
CA GLY B 227 -5.61 -7.37 -4.03
C GLY B 227 -5.75 -7.17 -5.52
N ASP B 228 -5.68 -5.94 -6.02
CA ASP B 228 -6.00 -5.66 -7.41
C ASP B 228 -4.79 -5.67 -8.34
N GLY B 229 -3.58 -5.90 -7.84
CA GLY B 229 -2.45 -6.09 -8.74
C GLY B 229 -2.67 -7.25 -9.70
N ALA B 230 -1.97 -7.18 -10.83
CA ALA B 230 -1.97 -8.26 -11.80
C ALA B 230 -1.17 -9.45 -11.28
N PHE B 231 -1.49 -10.64 -11.79
CA PHE B 231 -0.71 -11.84 -11.49
C PHE B 231 0.79 -11.58 -11.67
N TYR B 232 1.16 -10.79 -12.67
CA TYR B 232 2.56 -10.63 -13.05
C TYR B 232 3.18 -9.35 -12.53
N GLY B 233 2.49 -8.59 -11.67
CA GLY B 233 3.11 -7.44 -11.05
C GLY B 233 2.13 -6.40 -10.54
N PRO B 234 2.58 -5.55 -9.64
CA PRO B 234 1.75 -4.44 -9.18
C PRO B 234 1.68 -3.36 -10.25
N LYS B 235 0.71 -2.47 -10.07
CA LYS B 235 0.47 -1.41 -11.05
C LYS B 235 -0.07 -0.18 -10.34
N ILE B 236 0.09 0.95 -11.01
CA ILE B 236 -0.57 2.19 -10.63
C ILE B 236 -1.69 2.42 -11.63
N ASP B 237 -2.90 2.58 -11.12
CA ASP B 237 -4.07 2.96 -11.90
C ASP B 237 -4.38 4.43 -11.63
N ILE B 238 -4.74 5.15 -12.68
CA ILE B 238 -5.02 6.58 -12.63
C ILE B 238 -6.44 6.79 -13.13
N MET B 239 -7.31 7.28 -12.25
CA MET B 239 -8.69 7.58 -12.58
C MET B 239 -8.80 9.07 -12.84
N LEU B 240 -9.12 9.45 -14.06
CA LEU B 240 -9.33 10.86 -14.34
C LEU B 240 -10.79 11.25 -14.14
N TRP B 241 -10.99 12.54 -13.83
CA TRP B 241 -12.31 13.15 -13.66
C TRP B 241 -12.50 14.23 -14.72
N ASP B 242 -13.62 14.19 -15.43
CA ASP B 242 -13.90 15.21 -16.42
C ASP B 242 -14.73 16.34 -15.80
N ALA B 243 -15.04 17.35 -16.61
CA ALA B 243 -15.78 18.52 -16.15
C ALA B 243 -17.20 18.18 -15.77
N LEU B 244 -17.68 16.99 -16.10
CA LEU B 244 -19.00 16.53 -15.70
C LEU B 244 -18.96 15.70 -14.42
N LYS B 245 -17.81 15.64 -13.76
CA LYS B 245 -17.68 14.89 -12.50
C LYS B 245 -17.96 13.41 -12.73
N ARG B 246 -17.54 12.90 -13.88
CA ARG B 246 -17.55 11.48 -14.17
C ARG B 246 -16.10 11.00 -14.19
N GLN B 247 -15.86 9.81 -13.66
CA GLN B 247 -14.52 9.27 -13.67
C GLN B 247 -14.35 8.24 -14.79
N HIS B 248 -13.11 8.12 -15.26
CA HIS B 248 -12.72 7.26 -16.36
C HIS B 248 -11.34 6.68 -16.05
N GLN B 249 -11.16 5.39 -16.31
CA GLN B 249 -9.87 4.73 -16.07
C GLN B 249 -9.11 4.66 -17.39
N CYS B 250 -8.35 5.71 -17.70
CA CYS B 250 -7.60 5.78 -18.96
C CYS B 250 -6.14 5.44 -18.82
N GLY B 251 -5.52 5.77 -17.69
CA GLY B 251 -4.08 5.70 -17.54
C GLY B 251 -3.69 4.53 -16.67
N THR B 252 -2.57 3.89 -17.01
CA THR B 252 -2.01 2.84 -16.17
CA THR B 252 -2.03 2.78 -16.23
C THR B 252 -0.51 2.79 -16.35
N ILE B 253 0.15 2.33 -15.28
CA ILE B 253 1.57 2.07 -15.24
C ILE B 253 1.69 0.70 -14.60
N GLN B 254 2.04 -0.31 -15.39
CA GLN B 254 1.91 -1.71 -14.99
C GLN B 254 3.26 -2.42 -15.06
N LEU B 255 3.74 -2.93 -13.91
CA LEU B 255 4.96 -3.70 -13.89
C LEU B 255 4.69 -5.14 -14.34
N ASP B 256 5.70 -5.74 -14.99
CA ASP B 256 5.52 -7.07 -15.57
C ASP B 256 6.82 -7.85 -15.44
N PHE B 257 6.83 -8.85 -14.55
CA PHE B 257 7.95 -9.75 -14.35
C PHE B 257 7.76 -11.08 -15.05
N GLN B 258 6.66 -11.26 -15.77
CA GLN B 258 6.37 -12.54 -16.41
C GLN B 258 6.76 -12.57 -17.90
N LEU B 259 6.36 -11.57 -18.67
CA LEU B 259 6.76 -11.53 -20.08
C LEU B 259 8.27 -11.65 -20.28
N PRO B 260 9.12 -10.98 -19.50
CA PRO B 260 10.57 -11.24 -19.62
C PRO B 260 10.93 -12.70 -19.54
N ILE B 261 10.19 -13.48 -18.74
CA ILE B 261 10.47 -14.91 -18.67
C ILE B 261 9.90 -15.64 -19.88
N ARG B 262 8.65 -15.34 -20.24
CA ARG B 262 8.01 -16.06 -21.32
C ARG B 262 8.80 -15.95 -22.61
N PHE B 263 9.35 -14.76 -22.89
CA PHE B 263 10.11 -14.52 -24.11
C PHE B 263 11.61 -14.67 -23.92
N ASN B 264 12.03 -15.16 -22.75
CA ASN B 264 13.44 -15.38 -22.43
C ASN B 264 14.26 -14.11 -22.71
N LEU B 265 13.74 -12.97 -22.26
CA LEU B 265 14.44 -11.71 -22.44
C LEU B 265 15.64 -11.63 -21.51
N GLN B 266 16.78 -11.21 -22.05
CA GLN B 266 18.02 -11.10 -21.28
C GLN B 266 18.81 -9.90 -21.76
N TYR B 267 19.63 -9.33 -20.87
CA TYR B 267 20.63 -8.35 -21.25
C TYR B 267 21.90 -8.58 -20.46
N ARG B 268 23.05 -8.24 -21.06
CA ARG B 268 24.34 -8.41 -20.40
C ARG B 268 24.61 -7.23 -19.47
N THR B 269 25.18 -7.54 -18.29
CA THR B 269 25.24 -6.60 -17.17
C THR B 269 26.60 -5.89 -17.09
N ASP B 270 26.72 -5.05 -16.06
CA ASP B 270 27.98 -4.34 -15.79
C ASP B 270 29.10 -5.32 -15.45
N GLU B 271 28.82 -6.26 -14.55
CA GLU B 271 29.85 -7.19 -14.08
C GLU B 271 30.10 -8.34 -15.04
N LEU B 297 18.48 -18.87 -17.58
CA LEU B 297 18.99 -17.51 -17.78
C LEU B 297 20.27 -17.60 -18.59
N LYS B 298 21.38 -17.19 -17.97
CA LYS B 298 22.70 -17.15 -18.61
C LYS B 298 23.68 -16.40 -17.72
N GLN B 299 24.93 -16.86 -17.68
CA GLN B 299 25.94 -16.22 -16.85
C GLN B 299 26.22 -14.80 -17.34
N GLY B 300 26.24 -13.84 -16.42
CA GLY B 300 26.49 -12.46 -16.76
C GLY B 300 25.32 -11.73 -17.40
N TYR B 301 24.13 -12.32 -17.39
CA TYR B 301 22.94 -11.70 -17.97
C TYR B 301 21.85 -11.63 -16.93
N ARG B 302 20.97 -10.63 -17.05
CA ARG B 302 19.82 -10.49 -16.19
C ARG B 302 18.58 -10.20 -17.05
N ARG B 303 17.43 -10.49 -16.47
CA ARG B 303 16.22 -10.19 -17.21
C ARG B 303 15.84 -8.73 -17.03
N PRO B 304 15.34 -8.07 -18.05
CA PRO B 304 14.77 -6.74 -17.85
C PRO B 304 13.41 -6.87 -17.19
N VAL B 305 12.92 -5.76 -16.70
CA VAL B 305 11.54 -5.61 -16.27
C VAL B 305 10.79 -4.85 -17.36
N ILE B 306 9.53 -5.20 -17.59
CA ILE B 306 8.68 -4.48 -18.54
C ILE B 306 7.70 -3.62 -17.77
N ILE B 307 7.57 -2.36 -18.18
CA ILE B 307 6.55 -1.47 -17.66
C ILE B 307 5.61 -1.19 -18.81
N HIS B 308 4.38 -1.71 -18.74
CA HIS B 308 3.37 -1.32 -19.71
C HIS B 308 2.79 0.00 -19.26
N ARG B 309 2.48 0.89 -20.21
CA ARG B 309 1.90 2.16 -19.79
C ARG B 309 1.11 2.78 -20.93
N ALA B 310 0.08 3.52 -20.54
CA ALA B 310 -0.75 4.29 -21.47
C ALA B 310 -1.27 5.49 -20.70
N ILE B 311 -1.53 6.57 -21.43
CA ILE B 311 -1.99 7.80 -20.82
C ILE B 311 -3.38 8.11 -21.36
N LEU B 312 -3.48 8.27 -22.68
CA LEU B 312 -4.79 8.48 -23.26
C LEU B 312 -5.67 7.25 -23.09
N GLY B 313 -5.07 6.06 -23.03
CA GLY B 313 -5.88 4.86 -23.03
C GLY B 313 -6.04 4.40 -24.47
N SER B 314 -7.19 4.66 -25.07
CA SER B 314 -7.32 4.59 -26.51
C SER B 314 -7.66 5.97 -27.03
N VAL B 315 -7.15 6.28 -28.22
CA VAL B 315 -7.53 7.53 -28.84
C VAL B 315 -9.03 7.60 -29.00
N GLU B 316 -9.65 6.46 -29.32
CA GLU B 316 -11.11 6.42 -29.45
C GLU B 316 -11.79 6.87 -28.17
N ARG B 317 -11.44 6.24 -27.04
CA ARG B 317 -12.12 6.59 -25.79
CA ARG B 317 -12.11 6.58 -25.78
C ARG B 317 -11.77 7.99 -25.34
N MET B 318 -10.47 8.36 -25.40
CA MET B 318 -10.08 9.71 -25.01
C MET B 318 -10.82 10.76 -25.85
N SER B 319 -10.92 10.55 -27.16
CA SER B 319 -11.66 11.47 -28.01
C SER B 319 -13.08 11.68 -27.47
N ALA B 320 -13.78 10.60 -27.16
CA ALA B 320 -15.17 10.69 -26.70
C ALA B 320 -15.25 11.45 -25.38
N VAL B 321 -14.39 11.10 -24.42
CA VAL B 321 -14.38 11.79 -23.13
C VAL B 321 -14.14 13.29 -23.35
N ILE B 322 -13.15 13.63 -24.16
CA ILE B 322 -12.81 15.03 -24.37
C ILE B 322 -13.96 15.79 -25.00
N LEU B 323 -14.64 15.17 -25.97
CA LEU B 323 -15.78 15.84 -26.58
C LEU B 323 -16.90 16.04 -25.55
N GLU B 324 -17.19 15.03 -24.74
CA GLU B 324 -18.23 15.17 -23.73
C GLU B 324 -17.83 16.20 -22.67
N HIS B 325 -16.61 16.06 -22.16
CA HIS B 325 -15.96 17.04 -21.29
C HIS B 325 -16.23 18.49 -21.70
N THR B 326 -16.06 18.79 -22.99
CA THR B 326 -16.15 20.16 -23.48
C THR B 326 -17.49 20.47 -24.13
N GLY B 327 -18.41 19.53 -24.19
CA GLY B 327 -19.59 19.73 -25.00
C GLY B 327 -19.27 20.01 -26.46
N GLY B 328 -18.13 19.50 -26.95
CA GLY B 328 -17.75 19.76 -28.30
C GLY B 328 -17.08 21.09 -28.54
N LYS B 329 -16.78 21.86 -27.49
CA LYS B 329 -16.08 23.14 -27.66
C LYS B 329 -14.60 22.88 -27.37
N LEU B 330 -13.86 22.49 -28.42
CA LEU B 330 -12.48 22.06 -28.23
C LEU B 330 -11.55 23.26 -28.10
N PRO B 331 -10.46 23.13 -27.34
CA PRO B 331 -9.45 24.18 -27.33
C PRO B 331 -8.74 24.25 -28.67
N PHE B 332 -8.14 25.42 -28.93
CA PHE B 332 -7.66 25.75 -30.27
C PHE B 332 -6.73 24.67 -30.81
N TRP B 333 -5.81 24.19 -29.98
CA TRP B 333 -4.78 23.29 -30.50
C TRP B 333 -5.30 21.90 -30.83
N LEU B 334 -6.45 21.51 -30.30
CA LEU B 334 -7.09 20.23 -30.61
C LEU B 334 -8.18 20.33 -31.66
N SER B 335 -8.76 21.50 -31.82
CA SER B 335 -9.93 21.66 -32.67
C SER B 335 -9.61 21.37 -34.12
N PRO B 336 -10.45 20.62 -34.82
CA PRO B 336 -10.29 20.49 -36.27
C PRO B 336 -10.89 21.65 -37.04
N ARG B 337 -11.48 22.63 -36.35
CA ARG B 337 -12.14 23.77 -37.00
C ARG B 337 -11.65 25.03 -36.28
N GLN B 338 -10.46 25.49 -36.65
CA GLN B 338 -9.80 26.55 -35.90
C GLN B 338 -10.30 27.93 -36.31
N ALA B 339 -10.48 28.18 -37.61
CA ALA B 339 -10.93 29.50 -38.03
C ALA B 339 -11.65 29.40 -39.36
N ILE B 340 -12.77 30.09 -39.48
CA ILE B 340 -13.54 30.12 -40.71
C ILE B 340 -13.64 31.57 -41.19
N VAL B 341 -13.37 31.78 -42.46
CA VAL B 341 -13.32 33.13 -43.03
C VAL B 341 -14.67 33.43 -43.63
N LEU B 342 -15.25 34.57 -43.25
CA LEU B 342 -16.60 34.95 -43.64
C LEU B 342 -16.53 36.26 -44.40
N SER B 343 -16.81 36.20 -45.70
CA SER B 343 -16.83 37.41 -46.51
C SER B 343 -18.13 38.13 -46.26
N ILE B 344 -18.05 39.45 -46.08
CA ILE B 344 -19.29 40.20 -45.86
C ILE B 344 -20.08 40.35 -47.16
N SER B 345 -19.39 40.48 -48.30
CA SER B 345 -20.07 40.63 -49.57
C SER B 345 -19.18 40.10 -50.68
N GLU B 346 -19.76 40.00 -51.88
CA GLU B 346 -19.03 39.43 -53.00
C GLU B 346 -17.75 40.20 -53.30
N LYS B 347 -17.71 41.49 -52.94
CA LYS B 347 -16.56 42.31 -53.28
C LYS B 347 -15.30 41.88 -52.55
N THR B 348 -15.43 41.29 -51.36
CA THR B 348 -14.25 40.97 -50.58
C THR B 348 -13.93 39.49 -50.61
N VAL B 349 -14.59 38.73 -51.47
CA VAL B 349 -14.43 37.28 -51.46
C VAL B 349 -13.01 36.89 -51.86
N GLU B 350 -12.52 37.44 -52.97
CA GLU B 350 -11.17 37.08 -53.43
C GLU B 350 -10.12 37.39 -52.37
N TYR B 351 -10.20 38.57 -51.75
CA TYR B 351 -9.27 38.87 -50.67
C TYR B 351 -9.48 37.93 -49.49
N ALA B 352 -10.74 37.64 -49.15
CA ALA B 352 -11.01 36.74 -48.03
C ALA B 352 -10.48 35.33 -48.32
N LYS B 353 -10.63 34.88 -49.57
CA LYS B 353 -10.07 33.59 -49.94
C LYS B 353 -8.56 33.57 -49.78
N SER B 354 -7.90 34.69 -50.09
CA SER B 354 -6.44 34.70 -49.94
C SER B 354 -6.05 34.58 -48.46
N VAL B 355 -6.87 35.15 -47.58
CA VAL B 355 -6.65 35.01 -46.14
C VAL B 355 -6.76 33.55 -45.73
N GLU B 356 -7.80 32.87 -46.21
CA GLU B 356 -7.97 31.46 -45.91
C GLU B 356 -6.76 30.65 -46.38
N ARG B 357 -6.34 30.84 -47.64
CA ARG B 357 -5.21 30.06 -48.16
C ARG B 357 -3.95 30.29 -47.34
N GLU B 358 -3.65 31.55 -46.99
CA GLU B 358 -2.44 31.80 -46.23
C GLU B 358 -2.47 31.10 -44.89
N LEU B 359 -3.63 31.06 -44.23
CA LEU B 359 -3.73 30.38 -42.95
C LEU B 359 -3.55 28.87 -43.12
N CYS B 360 -4.20 28.31 -44.15
CA CYS B 360 -4.02 26.90 -44.49
C CYS B 360 -2.55 26.58 -44.77
N ARG B 361 -1.91 27.37 -45.64
CA ARG B 361 -0.49 27.18 -45.89
C ARG B 361 0.31 27.15 -44.60
N ARG B 362 -0.05 28.00 -43.63
CA ARG B 362 0.65 28.03 -42.35
C ARG B 362 0.33 26.84 -41.46
N GLY B 363 -0.59 25.98 -41.86
CA GLY B 363 -0.87 24.77 -41.11
C GLY B 363 -2.11 24.79 -40.25
N PHE B 364 -2.93 25.84 -40.33
CA PHE B 364 -4.11 25.90 -39.48
C PHE B 364 -5.32 25.28 -40.17
N ASP B 365 -6.26 24.84 -39.34
CA ASP B 365 -7.44 24.13 -39.85
C ASP B 365 -8.53 25.15 -40.08
N VAL B 366 -8.65 25.59 -41.34
CA VAL B 366 -9.49 26.72 -41.70
C VAL B 366 -10.43 26.34 -42.83
N SER B 367 -11.46 27.16 -43.00
CA SER B 367 -12.37 27.04 -44.13
C SER B 367 -12.93 28.43 -44.44
N GLY B 368 -13.94 28.47 -45.31
CA GLY B 368 -14.54 29.74 -45.69
C GLY B 368 -16.00 29.57 -46.06
N ASP B 369 -16.79 30.62 -45.79
CA ASP B 369 -18.15 30.74 -46.30
C ASP B 369 -18.23 31.98 -47.19
N TYR B 370 -18.30 31.76 -48.50
CA TYR B 370 -18.34 32.86 -49.46
C TYR B 370 -19.69 32.96 -50.17
N SER B 371 -20.74 32.42 -49.55
CA SER B 371 -22.07 32.48 -50.13
C SER B 371 -22.62 33.90 -50.02
N ALA B 372 -23.84 34.07 -50.55
CA ALA B 372 -24.51 35.36 -50.57
C ALA B 372 -25.23 35.66 -49.26
N ALA B 373 -25.18 34.78 -48.28
CA ALA B 373 -25.90 35.00 -47.04
C ALA B 373 -25.32 36.21 -46.30
N THR B 374 -26.18 36.92 -45.57
CA THR B 374 -25.71 38.05 -44.80
C THR B 374 -24.72 37.58 -43.73
N ILE B 375 -23.91 38.52 -43.25
CA ILE B 375 -22.85 38.17 -42.32
C ILE B 375 -23.41 37.59 -41.03
N ASN B 376 -24.50 38.16 -40.51
CA ASN B 376 -25.09 37.65 -39.29
C ASN B 376 -25.58 36.22 -39.47
N LYS B 377 -26.11 35.90 -40.66
CA LYS B 377 -26.52 34.52 -40.92
C LYS B 377 -25.31 33.61 -41.04
N LYS B 378 -24.22 34.10 -41.65
CA LYS B 378 -22.99 33.32 -41.70
C LYS B 378 -22.44 33.09 -40.29
N ILE B 379 -22.48 34.11 -39.43
CA ILE B 379 -21.96 33.97 -38.08
C ILE B 379 -22.77 32.92 -37.31
N ARG B 380 -24.09 33.01 -37.36
CA ARG B 380 -24.93 32.02 -36.69
C ARG B 380 -24.69 30.63 -37.26
N GLU B 381 -24.69 30.51 -38.58
CA GLU B 381 -24.55 29.20 -39.22
C GLU B 381 -23.25 28.53 -38.81
N SER B 382 -22.17 29.29 -38.69
CA SER B 382 -20.87 28.74 -38.34
C SER B 382 -20.76 28.36 -36.87
N GLN B 383 -21.57 28.97 -35.98
CA GLN B 383 -21.56 28.58 -34.58
C GLN B 383 -21.94 27.12 -34.40
N LEU B 384 -22.70 26.55 -35.34
CA LEU B 384 -23.16 25.18 -35.23
C LEU B 384 -22.01 24.18 -35.20
N LEU B 385 -20.91 24.47 -35.88
CA LEU B 385 -19.77 23.55 -35.89
C LEU B 385 -18.67 24.01 -34.94
N GLN B 386 -18.95 24.99 -34.07
CA GLN B 386 -18.07 25.33 -32.95
C GLN B 386 -16.67 25.75 -33.42
N TRP B 387 -16.57 26.42 -34.57
CA TRP B 387 -15.32 27.10 -34.94
C TRP B 387 -14.79 27.91 -33.76
N ASN B 388 -13.48 27.77 -33.50
CA ASN B 388 -12.86 28.55 -32.43
C ASN B 388 -12.93 30.03 -32.72
N TYR B 389 -12.66 30.41 -33.98
CA TYR B 389 -12.63 31.81 -34.40
C TYR B 389 -13.37 31.98 -35.72
N MET B 390 -13.91 33.18 -35.90
CA MET B 390 -14.51 33.61 -37.17
C MET B 390 -13.78 34.87 -37.64
N LEU B 391 -13.35 34.87 -38.88
CA LEU B 391 -12.65 36.00 -39.44
C LEU B 391 -13.64 36.73 -40.34
N VAL B 392 -14.16 37.88 -39.87
CA VAL B 392 -15.11 38.66 -40.63
C VAL B 392 -14.33 39.59 -41.54
N ILE B 393 -14.65 39.58 -42.83
CA ILE B 393 -13.88 40.29 -43.85
C ILE B 393 -14.83 41.16 -44.67
N GLY B 394 -14.78 42.47 -44.44
CA GLY B 394 -15.48 43.43 -45.25
C GLY B 394 -14.53 44.24 -46.10
N GLU B 395 -15.10 45.26 -46.76
CA GLU B 395 -14.26 46.14 -47.57
C GLU B 395 -13.29 46.91 -46.69
N ASN B 396 -13.70 47.28 -45.49
CA ASN B 396 -12.80 47.98 -44.58
C ASN B 396 -11.59 47.12 -44.22
N GLU B 397 -11.81 45.83 -43.99
CA GLU B 397 -10.69 44.94 -43.69
C GLU B 397 -9.85 44.66 -44.93
N ALA B 398 -10.49 44.51 -46.08
CA ALA B 398 -9.74 44.39 -47.32
C ALA B 398 -8.90 45.64 -47.57
N ARG B 399 -9.47 46.82 -47.34
CA ARG B 399 -8.77 48.07 -47.64
C ARG B 399 -7.51 48.23 -46.79
N ASP B 400 -7.58 47.84 -45.52
CA ASP B 400 -6.47 48.03 -44.60
C ASP B 400 -5.62 46.78 -44.43
N LYS B 401 -5.91 45.70 -45.17
CA LYS B 401 -5.19 44.43 -45.06
C LYS B 401 -5.22 43.91 -43.62
N LYS B 402 -6.40 43.91 -43.03
CA LYS B 402 -6.60 43.39 -41.69
C LYS B 402 -7.70 42.33 -41.74
N VAL B 403 -7.97 41.73 -40.57
CA VAL B 403 -9.15 40.90 -40.38
C VAL B 403 -9.81 41.33 -39.08
N THR B 404 -11.10 41.03 -38.96
CA THR B 404 -11.83 41.21 -37.72
C THR B 404 -12.01 39.84 -37.10
N LEU B 405 -11.41 39.65 -35.93
CA LEU B 405 -11.35 38.34 -35.29
C LEU B 405 -12.46 38.27 -34.26
N ARG B 406 -13.35 37.29 -34.43
CA ARG B 406 -14.47 37.08 -33.53
C ARG B 406 -14.30 35.72 -32.87
N CYS B 407 -14.41 35.69 -31.53
CA CYS B 407 -14.22 34.47 -30.76
CA CYS B 407 -14.22 34.46 -30.78
C CYS B 407 -15.53 33.69 -30.64
N ARG B 408 -15.41 32.36 -30.57
CA ARG B 408 -16.57 31.50 -30.30
C ARG B 408 -17.27 31.93 -29.02
N ASP B 409 -16.50 32.31 -28.00
CA ASP B 409 -17.01 32.92 -26.79
C ASP B 409 -17.22 34.40 -27.06
N THR B 410 -18.46 34.79 -27.31
CA THR B 410 -18.71 36.17 -27.70
C THR B 410 -18.67 37.16 -26.53
N THR B 411 -18.38 36.71 -25.30
CA THR B 411 -18.03 37.69 -24.28
C THR B 411 -16.61 38.22 -24.47
N ILE B 412 -15.82 37.63 -25.36
CA ILE B 412 -14.48 38.10 -25.65
C ILE B 412 -14.57 39.11 -26.79
N PRO B 413 -14.26 40.39 -26.57
CA PRO B 413 -14.48 41.39 -27.61
C PRO B 413 -13.70 41.09 -28.87
N GLN B 414 -14.30 41.44 -30.00
CA GLN B 414 -13.66 41.26 -31.29
C GLN B 414 -12.39 42.10 -31.37
N GLU B 415 -11.45 41.64 -32.18
CA GLU B 415 -10.22 42.38 -32.44
C GLU B 415 -10.09 42.65 -33.94
N LEU B 416 -9.40 43.73 -34.27
CA LEU B 416 -9.05 44.06 -35.64
C LEU B 416 -7.53 43.90 -35.74
N LEU B 417 -7.08 42.87 -36.45
CA LEU B 417 -5.67 42.49 -36.49
C LEU B 417 -5.19 42.37 -37.92
N THR B 418 -3.88 42.62 -38.11
CA THR B 418 -3.23 42.24 -39.35
C THR B 418 -3.08 40.73 -39.43
N LEU B 419 -2.91 40.24 -40.66
CA LEU B 419 -2.71 38.80 -40.86
C LEU B 419 -1.48 38.32 -40.11
N ASP B 420 -0.41 39.12 -40.10
CA ASP B 420 0.78 38.73 -39.35
C ASP B 420 0.49 38.65 -37.85
N GLN B 421 -0.32 39.56 -37.33
CA GLN B 421 -0.67 39.51 -35.91
C GLN B 421 -1.58 38.33 -35.60
N LEU B 422 -2.51 38.03 -36.51
CA LEU B 422 -3.37 36.87 -36.33
C LEU B 422 -2.55 35.59 -36.28
N ILE B 423 -1.59 35.44 -37.20
CA ILE B 423 -0.77 34.24 -37.26
C ILE B 423 0.04 34.08 -35.98
N LEU B 424 0.58 35.19 -35.45
CA LEU B 424 1.31 35.14 -34.19
C LEU B 424 0.41 34.66 -33.06
N LYS B 425 -0.80 35.24 -32.96
CA LYS B 425 -1.78 34.77 -31.98
C LYS B 425 -2.06 33.29 -32.13
N PHE B 426 -2.38 32.85 -33.36
CA PHE B 426 -2.67 31.44 -33.58
C PHE B 426 -1.46 30.58 -33.25
N SER B 427 -0.24 31.05 -33.56
CA SER B 427 0.98 30.29 -33.28
C SER B 427 1.23 30.13 -31.79
N SER B 428 0.81 31.09 -30.98
CA SER B 428 0.95 30.93 -29.54
C SER B 428 -0.04 29.93 -28.93
N MET B 429 -0.97 29.36 -29.72
CA MET B 429 -1.95 28.44 -29.15
C MET B 429 -1.78 27.04 -29.69
N GLY B 430 -0.55 26.64 -30.02
CA GLY B 430 -0.28 25.29 -30.44
C GLY B 430 -0.20 24.33 -29.27
N PHE B 431 0.09 23.05 -29.60
CA PHE B 431 0.32 21.97 -28.63
C PHE B 431 1.07 22.53 -27.42
N PRO B 432 0.53 22.41 -26.23
CA PRO B 432 1.35 22.69 -25.05
C PRO B 432 2.55 21.76 -25.05
N SER B 433 3.69 22.29 -24.63
CA SER B 433 4.90 21.50 -24.53
C SER B 433 5.37 21.48 -23.09
N SER B 434 5.98 20.36 -22.69
CA SER B 434 6.49 20.23 -21.34
C SER B 434 7.86 20.87 -21.17
N ILE B 435 8.45 21.39 -22.25
CA ILE B 435 9.71 22.09 -22.17
C ILE B 435 9.43 23.59 -22.13
N ASP B 436 8.35 24.02 -22.78
CA ASP B 436 7.97 25.42 -22.79
C ASP B 436 7.27 25.79 -21.49
N LYS C 11 26.39 -2.72 -52.18
CA LYS C 11 25.41 -3.58 -51.52
C LYS C 11 24.13 -2.79 -51.23
N ARG C 12 23.20 -2.76 -52.19
CA ARG C 12 22.06 -1.85 -52.11
C ARG C 12 20.70 -2.52 -51.98
N ASP C 13 20.63 -3.84 -51.80
CA ASP C 13 19.31 -4.46 -51.63
C ASP C 13 18.63 -3.98 -50.34
N HIS C 14 17.33 -3.65 -50.45
CA HIS C 14 16.63 -3.02 -49.34
C HIS C 14 16.59 -3.92 -48.11
N ARG C 15 16.63 -5.23 -48.30
CA ARG C 15 16.65 -6.11 -47.13
C ARG C 15 17.97 -5.96 -46.39
N LEU C 16 19.08 -5.93 -47.12
CA LEU C 16 20.37 -5.69 -46.50
C LEU C 16 20.44 -4.29 -45.88
N LEU C 17 19.95 -3.28 -46.60
CA LEU C 17 19.94 -1.92 -46.05
C LEU C 17 19.07 -1.82 -44.80
N GLY C 18 17.91 -2.49 -44.79
CA GLY C 18 17.07 -2.43 -43.61
C GLY C 18 17.73 -3.05 -42.40
N SER C 19 18.69 -3.94 -42.63
CA SER C 19 19.43 -4.53 -41.56
C SER C 19 20.60 -3.62 -41.16
N ASN C 20 21.45 -3.26 -42.14
CA ASN C 20 22.65 -2.47 -41.88
C ASN C 20 22.32 -1.11 -41.29
N LEU C 21 21.19 -0.53 -41.65
CA LEU C 21 20.79 0.77 -41.15
C LEU C 21 19.83 0.66 -39.97
N GLN C 22 19.57 -0.56 -39.50
CA GLN C 22 18.72 -0.80 -38.33
C GLN C 22 17.36 -0.14 -38.51
N LEU C 23 16.73 -0.41 -39.65
CA LEU C 23 15.43 0.18 -39.98
C LEU C 23 14.27 -0.77 -39.73
N PHE C 24 14.43 -2.06 -40.04
CA PHE C 24 13.31 -2.97 -39.96
C PHE C 24 13.83 -4.39 -40.07
N PHE C 25 12.98 -5.33 -39.67
CA PHE C 25 13.32 -6.74 -39.76
C PHE C 25 12.05 -7.53 -39.94
N PHE C 26 12.22 -8.79 -40.32
CA PHE C 26 11.13 -9.72 -40.53
C PHE C 26 11.31 -10.93 -39.62
N ASP C 27 10.20 -11.43 -39.11
CA ASP C 27 10.19 -12.66 -38.33
C ASP C 27 9.27 -13.64 -39.06
N SER C 28 9.87 -14.63 -39.70
CA SER C 28 9.09 -15.52 -40.54
C SER C 28 8.38 -16.60 -39.74
N ASN C 29 8.57 -16.66 -38.43
CA ASN C 29 7.82 -17.61 -37.62
C ASN C 29 6.54 -17.01 -37.04
N VAL C 30 6.59 -15.78 -36.53
CA VAL C 30 5.39 -15.20 -35.89
C VAL C 30 4.59 -14.30 -36.82
N SER C 31 5.20 -13.72 -37.86
CA SER C 31 4.36 -12.93 -38.76
C SER C 31 4.98 -12.83 -40.15
N PRO C 32 5.09 -13.94 -40.87
CA PRO C 32 5.64 -13.87 -42.23
C PRO C 32 4.72 -13.04 -43.10
N GLY C 33 5.30 -12.07 -43.82
CA GLY C 33 4.56 -11.22 -44.72
C GLY C 33 4.26 -9.85 -44.18
N SER C 34 4.58 -9.58 -42.91
CA SER C 34 4.48 -8.25 -42.32
C SER C 34 5.84 -7.84 -41.80
N CYS C 35 5.96 -6.58 -41.44
CA CYS C 35 7.26 -6.01 -41.15
C CYS C 35 7.31 -5.43 -39.73
N PHE C 36 8.43 -5.66 -39.07
CA PHE C 36 8.77 -5.01 -37.81
C PHE C 36 9.65 -3.79 -38.12
N TRP C 37 9.14 -2.59 -37.88
CA TRP C 37 9.89 -1.36 -38.12
C TRP C 37 10.54 -0.89 -36.82
N LEU C 38 11.88 -0.92 -36.79
CA LEU C 38 12.65 -0.36 -35.71
C LEU C 38 12.50 1.17 -35.67
N PRO C 39 12.87 1.80 -34.56
CA PRO C 39 12.67 3.25 -34.43
C PRO C 39 13.05 4.03 -35.68
N ALA C 40 14.27 3.84 -36.21
CA ALA C 40 14.68 4.62 -37.37
C ALA C 40 13.84 4.27 -38.59
N GLY C 41 13.49 2.99 -38.78
CA GLY C 41 12.61 2.64 -39.89
C GLY C 41 11.25 3.29 -39.77
N ALA C 42 10.71 3.32 -38.55
CA ALA C 42 9.41 3.93 -38.32
C ALA C 42 9.43 5.43 -38.59
N ARG C 43 10.55 6.10 -38.29
CA ARG C 43 10.66 7.52 -38.62
C ARG C 43 10.60 7.73 -40.13
N LEU C 44 11.36 6.95 -40.90
CA LEU C 44 11.32 7.08 -42.35
C LEU C 44 9.91 6.83 -42.88
N TYR C 45 9.31 5.72 -42.46
CA TYR C 45 7.95 5.38 -42.86
C TYR C 45 6.99 6.55 -42.63
N ASN C 46 7.02 7.12 -41.43
CA ASN C 46 6.10 8.22 -41.13
C ASN C 46 6.46 9.48 -41.91
N LYS C 47 7.75 9.75 -42.13
CA LYS C 47 8.09 10.93 -42.92
C LYS C 47 7.60 10.79 -44.37
N LEU C 48 7.65 9.58 -44.93
CA LEU C 48 7.13 9.40 -46.30
C LEU C 48 5.64 9.70 -46.35
N MET C 49 4.89 9.17 -45.38
CA MET C 49 3.47 9.51 -45.32
C MET C 49 3.25 10.98 -45.02
N ASP C 50 4.06 11.57 -44.14
CA ASP C 50 3.83 12.97 -43.79
C ASP C 50 4.16 13.91 -44.94
N PHE C 51 5.07 13.51 -45.81
CA PHE C 51 5.31 14.25 -47.05
C PHE C 51 4.03 14.39 -47.84
N ILE C 52 3.36 13.25 -48.08
CA ILE C 52 2.09 13.24 -48.81
C ILE C 52 1.02 14.04 -48.08
N ARG C 53 0.97 13.93 -46.74
CA ARG C 53 -0.03 14.67 -45.98
C ARG C 53 0.19 16.17 -46.12
N ASN C 54 1.45 16.60 -46.16
CA ASN C 54 1.72 18.03 -46.32
C ASN C 54 1.17 18.53 -47.66
N GLU C 55 1.29 17.73 -48.71
CA GLU C 55 0.68 18.10 -49.99
C GLU C 55 -0.83 17.90 -49.98
N TYR C 56 -1.35 16.93 -49.23
CA TYR C 56 -2.81 16.79 -49.11
C TYR C 56 -3.44 18.09 -48.58
N ARG C 57 -2.80 18.71 -47.58
CA ARG C 57 -3.33 19.94 -47.02
C ARG C 57 -3.34 21.05 -48.07
N ILE C 58 -2.23 21.17 -48.81
CA ILE C 58 -2.12 22.17 -49.88
C ILE C 58 -3.17 21.96 -50.95
N ARG C 59 -3.55 20.70 -51.20
CA ARG C 59 -4.27 20.32 -52.41
C ARG C 59 -5.70 19.89 -52.11
N GLU C 60 -6.21 20.18 -50.92
CA GLU C 60 -7.63 19.98 -50.62
C GLU C 60 -8.02 18.50 -50.71
N PHE C 61 -7.13 17.64 -50.23
CA PHE C 61 -7.47 16.26 -49.87
C PHE C 61 -7.74 16.19 -48.37
N THR C 62 -8.77 15.43 -48.00
CA THR C 62 -9.16 15.29 -46.60
C THR C 62 -8.96 13.82 -46.21
N GLU C 63 -8.01 13.60 -45.31
CA GLU C 63 -7.79 12.27 -44.77
C GLU C 63 -8.99 11.81 -43.95
N VAL C 64 -9.30 10.52 -44.03
CA VAL C 64 -10.30 9.90 -43.18
C VAL C 64 -9.69 8.67 -42.53
N ILE C 65 -10.41 8.11 -41.57
CA ILE C 65 -10.04 6.87 -40.91
C ILE C 65 -11.22 5.93 -41.01
N THR C 66 -11.00 4.75 -41.58
CA THR C 66 -12.07 3.79 -41.74
C THR C 66 -11.72 2.51 -41.00
N PRO C 67 -12.71 1.65 -40.76
CA PRO C 67 -12.41 0.37 -40.08
C PRO C 67 -11.43 -0.49 -40.86
N ASN C 68 -10.84 -1.46 -40.13
CA ASN C 68 -10.08 -2.53 -40.75
C ASN C 68 -10.89 -3.80 -41.03
N ILE C 69 -11.94 -4.08 -40.25
CA ILE C 69 -12.72 -5.31 -40.44
C ILE C 69 -14.16 -4.93 -40.75
N PHE C 70 -14.79 -5.79 -41.54
CA PHE C 70 -16.13 -5.53 -42.03
C PHE C 70 -16.85 -6.86 -42.18
N SER C 71 -18.16 -6.80 -42.09
CA SER C 71 -18.97 -7.88 -42.60
C SER C 71 -18.74 -8.03 -44.10
N CYS C 72 -18.64 -9.27 -44.56
CA CYS C 72 -18.42 -9.49 -45.99
C CYS C 72 -19.59 -9.02 -46.83
N ASP C 73 -20.71 -8.61 -46.21
CA ASP C 73 -21.77 -7.95 -46.97
C ASP C 73 -21.24 -6.77 -47.74
N LEU C 74 -20.31 -6.02 -47.14
CA LEU C 74 -19.73 -4.88 -47.84
C LEU C 74 -19.13 -5.29 -49.17
N TRP C 75 -18.34 -6.35 -49.19
CA TRP C 75 -17.69 -6.70 -50.44
C TRP C 75 -18.61 -7.45 -51.39
N LYS C 76 -19.74 -7.96 -50.91
CA LYS C 76 -20.77 -8.41 -51.82
C LYS C 76 -21.46 -7.22 -52.46
N THR C 77 -21.76 -6.17 -51.68
CA THR C 77 -22.28 -4.94 -52.26
C THR C 77 -21.29 -4.35 -53.25
N SER C 78 -20.00 -4.29 -52.88
CA SER C 78 -19.02 -3.65 -53.75
C SER C 78 -18.70 -4.48 -54.99
N GLY C 79 -18.96 -5.79 -54.96
CA GLY C 79 -18.63 -6.65 -56.08
C GLY C 79 -17.22 -7.22 -56.08
N HIS C 80 -16.50 -7.10 -54.97
CA HIS C 80 -15.16 -7.66 -54.88
C HIS C 80 -15.13 -9.03 -54.23
N TYR C 81 -16.24 -9.44 -53.60
CA TYR C 81 -16.21 -10.60 -52.72
C TYR C 81 -15.79 -11.85 -53.46
N PHE C 82 -16.50 -12.19 -54.55
CA PHE C 82 -16.22 -13.42 -55.27
C PHE C 82 -14.77 -13.48 -55.75
N ALA C 83 -14.23 -12.34 -56.18
CA ALA C 83 -12.87 -12.35 -56.71
C ALA C 83 -11.79 -12.11 -55.66
N TYR C 84 -12.13 -11.61 -54.47
CA TYR C 84 -11.11 -11.30 -53.48
C TYR C 84 -11.06 -12.28 -52.31
N LYS C 85 -12.14 -13.02 -52.05
CA LYS C 85 -12.23 -13.79 -50.81
C LYS C 85 -11.06 -14.76 -50.67
N GLU C 86 -10.66 -15.41 -51.76
CA GLU C 86 -9.57 -16.39 -51.69
C GLU C 86 -8.25 -15.78 -51.24
N ASN C 87 -8.08 -14.46 -51.40
CA ASN C 87 -6.88 -13.78 -50.93
C ASN C 87 -7.18 -12.81 -49.79
N MET C 88 -8.29 -12.99 -49.09
CA MET C 88 -8.61 -12.19 -47.92
C MET C 88 -8.54 -13.04 -46.66
N PHE C 89 -8.25 -12.39 -45.55
CA PHE C 89 -8.28 -13.05 -44.26
C PHE C 89 -9.69 -12.93 -43.74
N ILE C 90 -10.38 -14.06 -43.63
CA ILE C 90 -11.82 -14.10 -43.40
C ILE C 90 -12.09 -14.92 -42.14
N PHE C 91 -13.11 -14.51 -41.38
CA PHE C 91 -13.40 -15.15 -40.11
C PHE C 91 -14.84 -14.87 -39.73
N ASP C 92 -15.39 -15.70 -38.86
CA ASP C 92 -16.75 -15.52 -38.41
C ASP C 92 -16.82 -14.63 -37.18
N VAL C 93 -17.80 -13.73 -37.17
CA VAL C 93 -18.15 -12.90 -36.02
C VAL C 93 -19.63 -13.13 -35.75
N GLU C 94 -19.94 -13.77 -34.61
CA GLU C 94 -21.30 -14.13 -34.23
C GLU C 94 -22.04 -14.79 -35.39
N GLU C 95 -21.37 -15.78 -35.99
CA GLU C 95 -21.93 -16.64 -37.02
C GLU C 95 -22.20 -15.90 -38.33
N LYS C 96 -21.63 -14.72 -38.52
CA LYS C 96 -21.65 -14.07 -39.82
C LYS C 96 -20.21 -13.97 -40.31
N GLU C 97 -20.04 -13.99 -41.63
CA GLU C 97 -18.71 -13.99 -42.22
C GLU C 97 -18.18 -12.56 -42.34
N TRP C 98 -16.97 -12.34 -41.84
CA TRP C 98 -16.31 -11.04 -41.86
C TRP C 98 -14.94 -11.20 -42.51
N GLY C 99 -14.24 -10.08 -42.69
CA GLY C 99 -12.91 -10.14 -43.26
C GLY C 99 -12.12 -8.90 -42.94
N LEU C 100 -10.79 -9.04 -43.06
CA LEU C 100 -9.87 -7.92 -43.02
C LEU C 100 -9.81 -7.26 -44.40
N LYS C 101 -9.80 -5.94 -44.43
CA LYS C 101 -9.94 -5.24 -45.69
C LYS C 101 -8.67 -5.36 -46.53
N PRO C 102 -8.80 -5.67 -47.80
CA PRO C 102 -7.63 -5.66 -48.70
C PRO C 102 -7.54 -4.37 -49.51
N MET C 103 -8.57 -3.52 -49.41
CA MET C 103 -8.55 -2.21 -50.05
C MET C 103 -9.50 -1.31 -49.27
N ASN C 104 -9.41 -0.01 -49.54
CA ASN C 104 -10.20 1.02 -48.88
C ASN C 104 -11.47 1.41 -49.61
N CYS C 105 -11.55 1.17 -50.92
CA CYS C 105 -12.59 1.79 -51.74
C CYS C 105 -14.00 1.61 -51.22
N PRO C 106 -14.47 0.40 -50.88
CA PRO C 106 -15.89 0.28 -50.50
C PRO C 106 -16.23 1.08 -49.26
N GLY C 107 -15.37 1.07 -48.25
CA GLY C 107 -15.63 1.88 -47.07
C GLY C 107 -15.76 3.36 -47.40
N HIS C 108 -15.04 3.82 -48.42
CA HIS C 108 -15.16 5.22 -48.81
C HIS C 108 -16.48 5.49 -49.51
N CYS C 109 -17.00 4.52 -50.27
CA CYS C 109 -18.36 4.67 -50.80
C CYS C 109 -19.38 4.77 -49.66
N VAL C 110 -19.19 3.99 -48.61
CA VAL C 110 -20.10 4.07 -47.46
C VAL C 110 -20.07 5.48 -46.88
N MET C 111 -18.87 6.04 -46.72
CA MET C 111 -18.73 7.41 -46.26
C MET C 111 -19.40 8.39 -47.22
N PHE C 112 -19.13 8.24 -48.51
CA PHE C 112 -19.75 9.15 -49.48
C PHE C 112 -21.24 9.22 -49.27
N LYS C 113 -21.90 8.05 -49.17
CA LYS C 113 -23.34 8.01 -48.92
C LYS C 113 -23.69 8.82 -47.68
N HIS C 114 -23.02 8.54 -46.56
CA HIS C 114 -23.32 9.26 -45.32
C HIS C 114 -23.24 10.77 -45.53
N MET C 115 -22.19 11.24 -46.20
CA MET C 115 -21.99 12.68 -46.36
C MET C 115 -23.10 13.33 -47.18
N ASN C 116 -23.71 12.57 -48.11
CA ASN C 116 -24.83 13.03 -48.92
C ASN C 116 -24.61 14.43 -49.49
N PRO C 117 -23.52 14.66 -50.22
CA PRO C 117 -23.25 16.02 -50.71
C PRO C 117 -24.15 16.40 -51.86
N SER C 118 -24.34 17.71 -52.03
CA SER C 118 -24.85 18.27 -53.27
C SER C 118 -23.69 18.58 -54.20
N TYR C 119 -24.01 19.05 -55.40
CA TYR C 119 -22.98 19.40 -56.37
C TYR C 119 -22.04 20.47 -55.81
N ARG C 120 -22.56 21.35 -54.95
CA ARG C 120 -21.72 22.42 -54.43
C ARG C 120 -20.56 21.87 -53.62
N GLN C 121 -20.72 20.69 -53.03
CA GLN C 121 -19.68 20.09 -52.21
C GLN C 121 -18.74 19.19 -53.00
N LEU C 122 -18.94 19.07 -54.36
CA LEU C 122 -18.04 18.23 -55.15
C LEU C 122 -16.94 19.06 -55.79
N PRO C 123 -15.75 18.49 -56.00
CA PRO C 123 -15.33 17.12 -55.69
C PRO C 123 -15.09 16.86 -54.19
N ILE C 124 -15.26 15.62 -53.77
CA ILE C 124 -14.85 15.16 -52.46
C ILE C 124 -13.65 14.24 -52.65
N ARG C 125 -12.58 14.50 -51.89
CA ARG C 125 -11.32 13.76 -52.00
C ARG C 125 -10.97 13.12 -50.65
N LEU C 126 -11.30 11.84 -50.49
CA LEU C 126 -11.08 11.10 -49.24
C LEU C 126 -9.78 10.32 -49.36
N ALA C 127 -8.79 10.71 -48.58
CA ALA C 127 -7.51 10.01 -48.55
C ALA C 127 -7.47 9.11 -47.31
N ASP C 128 -6.78 7.98 -47.42
CA ASP C 128 -6.83 6.98 -46.35
C ASP C 128 -5.55 6.19 -46.35
N PHE C 129 -4.79 6.24 -45.25
CA PHE C 129 -3.59 5.45 -45.09
C PHE C 129 -3.87 4.16 -44.31
N GLY C 130 -5.10 3.68 -44.39
CA GLY C 130 -5.46 2.48 -43.65
C GLY C 130 -4.55 1.31 -43.98
N VAL C 131 -4.20 0.56 -42.94
CA VAL C 131 -3.50 -0.71 -43.09
C VAL C 131 -4.35 -1.69 -43.88
N LEU C 132 -3.76 -2.26 -44.92
CA LEU C 132 -4.42 -3.24 -45.77
C LEU C 132 -3.77 -4.61 -45.59
N HIS C 133 -4.55 -5.68 -45.81
CA HIS C 133 -4.05 -7.05 -45.70
C HIS C 133 -4.51 -7.88 -46.89
N ARG C 134 -3.58 -8.65 -47.46
CA ARG C 134 -3.90 -9.61 -48.50
C ARG C 134 -3.15 -10.89 -48.19
N ASN C 135 -3.78 -12.01 -48.50
CA ASN C 135 -3.22 -13.31 -48.12
C ASN C 135 -2.35 -13.83 -49.26
N GLU C 136 -1.13 -13.31 -49.32
CA GLU C 136 -0.13 -13.81 -50.25
C GLU C 136 0.41 -15.16 -49.79
N PHE C 137 0.67 -16.04 -50.75
CA PHE C 137 1.23 -17.34 -50.41
C PHE C 137 2.60 -17.17 -49.77
N SER C 138 2.88 -17.99 -48.75
CA SER C 138 4.11 -17.80 -47.98
C SER C 138 5.34 -17.90 -48.87
N GLY C 139 5.33 -18.83 -49.84
CA GLY C 139 6.48 -19.03 -50.71
C GLY C 139 6.79 -17.85 -51.60
N ALA C 140 5.84 -16.95 -51.82
CA ALA C 140 6.03 -15.77 -52.66
C ALA C 140 6.40 -14.52 -51.89
N LEU C 141 6.43 -14.57 -50.55
CA LEU C 141 6.75 -13.39 -49.76
C LEU C 141 8.19 -12.94 -49.99
N ASN C 142 8.39 -11.62 -50.06
CA ASN C 142 9.74 -11.12 -50.35
C ASN C 142 9.88 -9.70 -49.80
N GLY C 143 10.61 -9.58 -48.69
CA GLY C 143 10.92 -8.27 -48.12
C GLY C 143 9.72 -7.36 -48.01
N LEU C 144 9.90 -6.12 -48.46
CA LEU C 144 8.81 -5.16 -48.53
C LEU C 144 8.16 -5.11 -49.91
N THR C 145 8.59 -5.95 -50.85
CA THR C 145 8.03 -5.88 -52.20
C THR C 145 6.85 -6.82 -52.42
N ARG C 146 6.82 -7.98 -51.78
CA ARG C 146 5.66 -8.90 -51.80
C ARG C 146 5.29 -9.20 -50.35
N VAL C 147 4.19 -8.60 -49.88
CA VAL C 147 3.87 -8.52 -48.45
C VAL C 147 2.43 -8.96 -48.22
N ARG C 148 2.10 -9.19 -46.96
CA ARG C 148 0.71 -9.43 -46.56
C ARG C 148 0.06 -8.20 -45.94
N ARG C 149 0.86 -7.26 -45.45
CA ARG C 149 0.39 -6.08 -44.76
C ARG C 149 1.01 -4.87 -45.41
N PHE C 150 0.20 -3.86 -45.74
CA PHE C 150 0.74 -2.64 -46.29
C PHE C 150 -0.25 -1.50 -46.07
N GLN C 151 0.27 -0.29 -46.05
CA GLN C 151 -0.50 0.94 -46.16
C GLN C 151 -0.26 1.58 -47.52
N GLN C 152 -1.31 2.12 -48.11
CA GLN C 152 -1.22 2.86 -49.36
C GLN C 152 -1.50 4.34 -49.09
N ASP C 153 -0.88 5.20 -49.90
CA ASP C 153 -1.29 6.60 -50.00
C ASP C 153 -2.51 6.70 -50.92
N ASP C 154 -3.50 5.89 -50.58
CA ASP C 154 -4.74 5.73 -51.31
C ASP C 154 -5.67 6.93 -51.12
N ALA C 155 -6.38 7.30 -52.19
CA ALA C 155 -7.46 8.28 -52.09
C ALA C 155 -8.49 8.04 -53.18
N HIS C 156 -9.72 8.50 -52.91
CA HIS C 156 -10.76 8.52 -53.94
C HIS C 156 -11.33 9.91 -54.12
N ILE C 157 -11.39 10.33 -55.38
CA ILE C 157 -12.03 11.57 -55.77
C ILE C 157 -13.37 11.19 -56.36
N PHE C 158 -14.44 11.73 -55.77
CA PHE C 158 -15.79 11.64 -56.29
C PHE C 158 -16.11 12.99 -56.91
N CYS C 159 -16.43 13.01 -58.20
CA CYS C 159 -16.60 14.28 -58.89
C CYS C 159 -17.66 14.12 -59.96
N THR C 160 -18.12 15.25 -60.49
CA THR C 160 -19.06 15.21 -61.59
C THR C 160 -18.32 14.79 -62.86
N PRO C 161 -19.04 14.23 -63.84
CA PRO C 161 -18.40 13.96 -65.13
C PRO C 161 -17.66 15.17 -65.68
N GLU C 162 -18.22 16.37 -65.49
CA GLU C 162 -17.59 17.58 -65.98
C GLU C 162 -16.27 17.87 -65.28
N GLN C 163 -16.13 17.44 -64.03
CA GLN C 163 -14.91 17.77 -63.29
C GLN C 163 -13.75 16.85 -63.62
N ILE C 164 -13.97 15.81 -64.44
CA ILE C 164 -12.95 14.76 -64.58
C ILE C 164 -11.65 15.38 -65.09
N GLN C 165 -11.73 16.21 -66.12
CA GLN C 165 -10.51 16.73 -66.75
C GLN C 165 -9.66 17.48 -65.74
N GLU C 166 -10.24 18.46 -65.06
CA GLU C 166 -9.44 19.27 -64.16
C GLU C 166 -8.89 18.43 -63.01
N GLU C 167 -9.68 17.45 -62.53
CA GLU C 167 -9.20 16.63 -61.43
C GLU C 167 -8.07 15.72 -61.88
N VAL C 168 -8.15 15.19 -63.10
CA VAL C 168 -7.05 14.33 -63.56
C VAL C 168 -5.81 15.18 -63.82
N PHE C 169 -6.00 16.38 -64.36
CA PHE C 169 -4.86 17.25 -64.54
C PHE C 169 -4.19 17.59 -63.21
N LYS C 170 -4.99 17.83 -62.17
CA LYS C 170 -4.39 18.09 -60.87
C LYS C 170 -3.73 16.83 -60.32
N ALA C 171 -4.31 15.66 -60.54
CA ALA C 171 -3.67 14.43 -60.10
C ALA C 171 -2.32 14.22 -60.79
N LEU C 172 -2.24 14.54 -62.10
CA LEU C 172 -0.96 14.41 -62.80
C LEU C 172 0.08 15.36 -62.21
N ASP C 173 -0.31 16.63 -62.02
CA ASP C 173 0.57 17.58 -61.35
C ASP C 173 1.06 17.07 -60.00
N PHE C 174 0.16 16.48 -59.21
CA PHE C 174 0.54 15.93 -57.90
C PHE C 174 1.62 14.87 -58.07
N LEU C 175 1.42 13.93 -59.00
CA LEU C 175 2.39 12.87 -59.27
C LEU C 175 3.73 13.45 -59.72
N PHE C 176 3.70 14.37 -60.67
CA PHE C 176 4.94 14.97 -61.17
C PHE C 176 5.70 15.60 -60.01
N PHE C 177 4.99 16.28 -59.10
CA PHE C 177 5.69 16.94 -58.02
C PHE C 177 6.36 15.91 -57.10
N ILE C 178 5.64 14.88 -56.69
CA ILE C 178 6.21 13.93 -55.75
C ILE C 178 7.37 13.18 -56.39
N TYR C 179 7.15 12.66 -57.60
CA TYR C 179 8.19 11.87 -58.25
C TYR C 179 9.43 12.72 -58.52
N GLY C 180 9.24 13.96 -58.99
CA GLY C 180 10.37 14.86 -59.15
C GLY C 180 11.16 15.05 -57.87
N GLN C 181 10.48 15.28 -56.74
CA GLN C 181 11.20 15.48 -55.49
C GLN C 181 11.87 14.20 -55.01
N LEU C 182 11.31 13.03 -55.32
CA LEU C 182 11.99 11.79 -54.97
C LEU C 182 13.08 11.40 -55.96
N GLY C 183 13.22 12.14 -57.05
CA GLY C 183 14.23 11.83 -58.04
C GLY C 183 13.87 10.74 -59.03
N PHE C 184 12.59 10.51 -59.30
CA PHE C 184 12.22 9.59 -60.36
C PHE C 184 11.90 10.34 -61.65
N THR C 185 12.06 9.64 -62.77
CA THR C 185 11.38 9.98 -64.01
C THR C 185 10.28 8.95 -64.23
N PHE C 186 9.46 9.18 -65.25
CA PHE C 186 8.27 8.35 -65.42
C PHE C 186 7.76 8.37 -66.85
N ASP C 187 7.09 7.29 -67.24
CA ASP C 187 6.33 7.20 -68.48
C ASP C 187 4.84 7.14 -68.17
N LEU C 188 4.04 7.72 -69.05
CA LEU C 188 2.59 7.83 -68.89
C LEU C 188 1.87 6.99 -69.93
N PHE C 189 0.80 6.33 -69.52
CA PHE C 189 0.02 5.49 -70.43
C PHE C 189 -1.47 5.71 -70.20
N LEU C 190 -2.19 5.99 -71.28
CA LEU C 190 -3.63 6.10 -71.28
C LEU C 190 -4.22 4.82 -71.84
N SER C 191 -5.04 4.14 -71.05
CA SER C 191 -5.66 2.89 -71.46
C SER C 191 -7.17 3.08 -71.59
N THR C 192 -7.72 2.72 -72.74
CA THR C 192 -9.08 3.06 -73.10
C THR C 192 -9.97 1.82 -73.13
N MET C 193 -11.22 2.06 -73.52
CA MET C 193 -12.34 1.14 -73.31
C MET C 193 -12.05 -0.26 -73.85
N PRO C 194 -12.08 -1.29 -73.01
CA PRO C 194 -11.94 -2.66 -73.50
C PRO C 194 -13.25 -3.13 -74.11
N LYS C 195 -13.17 -4.29 -74.78
CA LYS C 195 -14.32 -4.85 -75.47
C LYS C 195 -15.45 -5.17 -74.48
N GLU C 196 -15.12 -5.87 -73.39
CA GLU C 196 -16.07 -6.13 -72.31
C GLU C 196 -15.92 -5.02 -71.27
N HIS C 197 -16.99 -4.26 -71.06
CA HIS C 197 -16.91 -3.06 -70.24
C HIS C 197 -18.27 -2.76 -69.64
N LEU C 198 -18.25 -2.11 -68.49
CA LEU C 198 -19.44 -1.63 -67.83
C LEU C 198 -19.60 -0.14 -68.12
N GLY C 199 -20.84 0.32 -68.16
CA GLY C 199 -21.11 1.71 -68.46
C GLY C 199 -21.36 1.96 -69.93
N THR C 200 -21.98 3.11 -70.21
CA THR C 200 -22.34 3.46 -71.58
C THR C 200 -21.14 3.97 -72.36
N GLU C 201 -21.27 3.98 -73.68
CA GLU C 201 -20.22 4.54 -74.52
C GLU C 201 -20.06 6.04 -74.26
N GLU C 202 -21.17 6.76 -74.09
CA GLU C 202 -21.10 8.20 -73.82
C GLU C 202 -20.26 8.49 -72.57
N GLN C 203 -20.46 7.68 -71.51
CA GLN C 203 -19.62 7.83 -70.31
C GLN C 203 -18.15 7.65 -70.66
N TRP C 204 -17.83 6.56 -71.37
CA TRP C 204 -16.43 6.28 -71.69
C TRP C 204 -15.83 7.36 -72.57
N LYS C 205 -16.53 7.77 -73.63
CA LYS C 205 -15.99 8.79 -74.52
C LYS C 205 -15.82 10.12 -73.79
N GLU C 206 -16.78 10.47 -72.94
CA GLU C 206 -16.69 11.70 -72.17
C GLU C 206 -15.47 11.68 -71.26
N ALA C 207 -15.26 10.55 -70.57
CA ALA C 207 -14.12 10.41 -69.66
C ALA C 207 -12.79 10.35 -70.40
N GLU C 208 -12.71 9.54 -71.47
CA GLU C 208 -11.45 9.41 -72.20
C GLU C 208 -11.02 10.74 -72.83
N ASN C 209 -11.98 11.50 -73.37
CA ASN C 209 -11.69 12.86 -73.82
C ASN C 209 -11.09 13.71 -72.72
N ALA C 210 -11.65 13.59 -71.51
CA ALA C 210 -11.10 14.33 -70.39
C ALA C 210 -9.69 13.88 -70.07
N LEU C 211 -9.45 12.56 -70.06
CA LEU C 211 -8.11 12.05 -69.75
C LEU C 211 -7.11 12.51 -70.81
N LYS C 212 -7.44 12.29 -72.08
CA LYS C 212 -6.59 12.74 -73.18
C LYS C 212 -6.32 14.23 -73.06
N SER C 213 -7.36 15.03 -72.86
CA SER C 213 -7.20 16.48 -72.74
C SER C 213 -6.27 16.85 -71.58
N ALA C 214 -6.40 16.18 -70.43
CA ALA C 214 -5.49 16.46 -69.33
C ALA C 214 -4.07 16.03 -69.69
N LEU C 215 -3.91 14.83 -70.26
CA LEU C 215 -2.58 14.38 -70.66
C LEU C 215 -1.92 15.37 -71.63
N ASP C 216 -2.66 15.79 -72.67
CA ASP C 216 -2.11 16.75 -73.62
C ASP C 216 -1.70 18.04 -72.91
N LYS C 217 -2.50 18.49 -71.93
CA LYS C 217 -2.25 19.81 -71.33
C LYS C 217 -0.94 19.84 -70.56
N THR C 218 -0.48 18.70 -70.02
CA THR C 218 0.82 18.66 -69.37
C THR C 218 1.99 18.83 -70.33
N GLY C 219 1.76 18.67 -71.64
CA GLY C 219 2.83 18.75 -72.61
C GLY C 219 3.83 17.60 -72.57
N ARG C 220 3.66 16.63 -71.69
CA ARG C 220 4.58 15.52 -71.63
C ARG C 220 4.20 14.42 -72.62
N ASP C 221 5.20 13.65 -73.03
CA ASP C 221 4.95 12.49 -73.86
C ASP C 221 4.09 11.48 -73.10
N TRP C 222 3.20 10.81 -73.83
CA TRP C 222 2.39 9.77 -73.23
C TRP C 222 1.96 8.81 -74.32
N LYS C 223 1.84 7.53 -73.97
CA LYS C 223 1.48 6.51 -74.92
C LYS C 223 0.03 6.09 -74.71
N LEU C 224 -0.68 5.90 -75.82
CA LEU C 224 -2.01 5.33 -75.80
C LEU C 224 -1.92 3.80 -75.83
N ASN C 225 -2.70 3.15 -74.98
CA ASN C 225 -2.86 1.69 -74.98
C ASN C 225 -4.34 1.40 -75.22
N PRO C 226 -4.76 1.37 -76.48
CA PRO C 226 -6.19 1.27 -76.78
C PRO C 226 -6.78 -0.07 -76.35
N GLY C 227 -7.99 -0.01 -75.79
CA GLY C 227 -8.67 -1.19 -75.31
C GLY C 227 -8.09 -1.82 -74.06
N ASP C 228 -7.12 -1.17 -73.41
CA ASP C 228 -6.43 -1.74 -72.26
C ASP C 228 -6.92 -1.17 -70.94
N GLY C 229 -7.99 -0.38 -70.95
CA GLY C 229 -8.55 0.12 -69.72
C GLY C 229 -9.20 -0.97 -68.89
N ALA C 230 -9.57 -0.60 -67.67
CA ALA C 230 -10.27 -1.54 -66.79
C ALA C 230 -11.68 -1.80 -67.29
N PHE C 231 -12.25 -2.92 -66.84
CA PHE C 231 -13.65 -3.22 -67.14
C PHE C 231 -14.56 -2.08 -66.70
N TYR C 232 -14.22 -1.40 -65.61
CA TYR C 232 -15.08 -0.40 -64.99
C TYR C 232 -14.63 1.04 -65.25
N GLY C 233 -13.51 1.25 -65.95
CA GLY C 233 -13.14 2.60 -66.30
C GLY C 233 -11.82 2.72 -67.03
N PRO C 234 -11.61 3.84 -67.71
CA PRO C 234 -10.30 4.11 -68.30
C PRO C 234 -9.29 4.50 -67.24
N LYS C 235 -8.02 4.38 -67.59
CA LYS C 235 -6.99 4.65 -66.60
C LYS C 235 -5.75 5.27 -67.25
N ILE C 236 -4.98 5.96 -66.41
CA ILE C 236 -3.64 6.43 -66.72
C ILE C 236 -2.67 5.67 -65.82
N ASP C 237 -1.75 4.95 -66.43
CA ASP C 237 -0.73 4.23 -65.69
C ASP C 237 0.55 5.04 -65.76
N ILE C 238 1.31 5.01 -64.66
CA ILE C 238 2.55 5.76 -64.54
C ILE C 238 3.61 4.79 -64.06
N MET C 239 4.65 4.59 -64.89
CA MET C 239 5.79 3.76 -64.52
C MET C 239 6.96 4.67 -64.17
N LEU C 240 7.45 4.60 -62.93
CA LEU C 240 8.60 5.42 -62.56
C LEU C 240 9.90 4.67 -62.83
N TRP C 241 10.98 5.44 -63.00
CA TRP C 241 12.32 4.89 -63.17
C TRP C 241 13.20 5.38 -62.04
N ASP C 242 13.86 4.46 -61.34
CA ASP C 242 14.73 4.84 -60.25
C ASP C 242 16.13 5.13 -60.78
N ALA C 243 17.03 5.51 -59.87
CA ALA C 243 18.40 5.84 -60.24
C ALA C 243 19.20 4.63 -60.68
N LEU C 244 18.69 3.42 -60.49
CA LEU C 244 19.33 2.24 -61.05
C LEU C 244 18.78 1.89 -62.41
N LYS C 245 17.94 2.76 -62.98
CA LYS C 245 17.29 2.53 -64.28
C LYS C 245 16.45 1.26 -64.25
N ARG C 246 15.73 1.05 -63.15
CA ARG C 246 14.69 0.04 -63.06
C ARG C 246 13.34 0.73 -63.02
N GLN C 247 12.30 0.07 -63.54
CA GLN C 247 10.98 0.66 -63.56
C GLN C 247 10.04 -0.03 -62.59
N HIS C 248 9.16 0.76 -61.99
CA HIS C 248 8.21 0.32 -60.97
C HIS C 248 6.86 0.94 -61.26
N GLN C 249 5.79 0.17 -61.04
CA GLN C 249 4.44 0.68 -61.27
C GLN C 249 3.83 1.03 -59.92
N CYS C 250 4.07 2.26 -59.48
CA CYS C 250 3.58 2.70 -58.16
C CYS C 250 2.35 3.58 -58.25
N GLY C 251 2.21 4.39 -59.29
CA GLY C 251 1.22 5.45 -59.36
C GLY C 251 0.09 5.13 -60.32
N THR C 252 -1.14 5.38 -59.87
CA THR C 252 -2.33 5.00 -60.60
C THR C 252 -3.32 6.14 -60.61
N ILE C 253 -4.05 6.25 -61.72
CA ILE C 253 -5.25 7.06 -61.82
C ILE C 253 -6.29 6.20 -62.52
N GLN C 254 -7.32 5.76 -61.78
CA GLN C 254 -8.25 4.76 -62.27
C GLN C 254 -9.67 5.27 -62.09
N LEU C 255 -10.35 5.55 -63.21
CA LEU C 255 -11.73 5.94 -63.17
C LEU C 255 -12.63 4.71 -63.00
N ASP C 256 -13.84 4.94 -62.49
CA ASP C 256 -14.66 3.84 -62.01
C ASP C 256 -16.12 4.22 -62.14
N PHE C 257 -16.81 3.57 -63.09
CA PHE C 257 -18.24 3.74 -63.26
C PHE C 257 -19.05 2.70 -62.52
N GLN C 258 -18.40 1.69 -61.93
CA GLN C 258 -19.08 0.53 -61.35
C GLN C 258 -19.47 0.76 -59.90
N LEU C 259 -18.51 1.15 -59.06
CA LEU C 259 -18.83 1.41 -57.66
C LEU C 259 -19.92 2.44 -57.48
N PRO C 260 -19.94 3.56 -58.21
CA PRO C 260 -21.10 4.46 -58.10
C PRO C 260 -22.42 3.75 -58.31
N ILE C 261 -22.49 2.79 -59.24
CA ILE C 261 -23.73 2.07 -59.47
C ILE C 261 -23.99 1.07 -58.35
N ARG C 262 -22.99 0.26 -58.00
CA ARG C 262 -23.26 -0.80 -57.03
C ARG C 262 -23.58 -0.25 -55.65
N PHE C 263 -23.08 0.92 -55.28
CA PHE C 263 -23.42 1.53 -54.00
C PHE C 263 -24.56 2.54 -54.11
N ASN C 264 -25.17 2.66 -55.29
CA ASN C 264 -26.26 3.59 -55.55
C ASN C 264 -25.92 5.01 -55.10
N LEU C 265 -24.76 5.51 -55.57
CA LEU C 265 -24.30 6.84 -55.22
C LEU C 265 -24.95 7.88 -56.12
N GLN C 266 -25.45 8.96 -55.52
CA GLN C 266 -26.16 10.01 -56.25
C GLN C 266 -25.89 11.36 -55.61
N TYR C 267 -26.06 12.41 -56.40
CA TYR C 267 -25.94 13.78 -55.92
C TYR C 267 -26.93 14.65 -56.69
N ARG C 268 -27.46 15.66 -56.01
CA ARG C 268 -28.43 16.57 -56.61
C ARG C 268 -27.71 17.62 -57.45
N THR C 269 -28.13 17.78 -58.70
CA THR C 269 -27.44 18.62 -59.67
C THR C 269 -27.95 20.06 -59.64
N ASP C 270 -27.30 20.92 -60.43
CA ASP C 270 -27.75 22.30 -60.57
C ASP C 270 -29.13 22.38 -61.22
N GLU C 271 -29.43 21.48 -62.15
CA GLU C 271 -30.75 21.42 -62.76
C GLU C 271 -31.77 20.86 -61.77
N LEU C 297 -32.31 4.85 -59.21
CA LEU C 297 -31.74 6.15 -59.59
C LEU C 297 -32.79 7.24 -59.68
N LYS C 298 -32.63 8.29 -58.89
CA LYS C 298 -33.60 9.37 -58.83
C LYS C 298 -33.47 10.28 -60.05
N GLN C 299 -34.45 11.18 -60.19
CA GLN C 299 -34.47 12.19 -61.24
C GLN C 299 -33.94 13.52 -60.68
N GLY C 300 -33.20 14.26 -61.49
CA GLY C 300 -32.45 15.38 -60.98
C GLY C 300 -31.23 14.98 -60.18
N TYR C 301 -30.89 13.70 -60.19
CA TYR C 301 -29.76 13.14 -59.48
C TYR C 301 -28.90 12.39 -60.49
N ARG C 302 -27.60 12.61 -60.44
CA ARG C 302 -26.67 11.89 -61.31
C ARG C 302 -25.70 11.08 -60.47
N ARG C 303 -25.01 10.18 -61.16
CA ARG C 303 -24.03 9.44 -60.38
C ARG C 303 -22.70 10.15 -60.43
N PRO C 304 -21.93 10.13 -59.34
CA PRO C 304 -20.58 10.68 -59.38
C PRO C 304 -19.67 9.71 -60.13
N VAL C 305 -18.55 10.22 -60.58
CA VAL C 305 -17.47 9.40 -61.07
C VAL C 305 -16.48 9.21 -59.94
N ILE C 306 -15.97 7.99 -59.79
CA ILE C 306 -14.95 7.71 -58.79
C ILE C 306 -13.59 7.62 -59.46
N ILE C 307 -12.61 8.32 -58.89
CA ILE C 307 -11.23 8.25 -59.35
C ILE C 307 -10.40 7.65 -58.21
N HIS C 308 -9.96 6.39 -58.37
CA HIS C 308 -8.96 5.84 -57.47
C HIS C 308 -7.58 6.33 -57.91
N ARG C 309 -6.77 6.75 -56.93
CA ARG C 309 -5.43 7.19 -57.25
C ARG C 309 -4.48 6.95 -56.08
N ALA C 310 -3.22 6.72 -56.43
CA ALA C 310 -2.15 6.67 -55.45
C ALA C 310 -0.89 7.15 -56.15
N ILE C 311 0.07 7.60 -55.34
CA ILE C 311 1.32 8.12 -55.88
C ILE C 311 2.48 7.26 -55.41
N LEU C 312 2.65 7.17 -54.08
CA LEU C 312 3.62 6.20 -53.56
C LEU C 312 3.20 4.77 -53.87
N GLY C 313 1.90 4.52 -53.98
CA GLY C 313 1.48 3.14 -53.93
C GLY C 313 1.70 2.65 -52.51
N SER C 314 2.05 1.39 -52.38
CA SER C 314 2.39 0.85 -51.07
C SER C 314 3.53 1.64 -50.45
N VAL C 315 3.32 2.13 -49.23
CA VAL C 315 4.40 2.77 -48.50
C VAL C 315 5.54 1.79 -48.24
N GLU C 316 5.20 0.52 -47.99
CA GLU C 316 6.22 -0.52 -47.86
C GLU C 316 7.09 -0.58 -49.11
N ARG C 317 6.47 -0.71 -50.29
CA ARG C 317 7.22 -0.86 -51.53
C ARG C 317 8.01 0.40 -51.88
N MET C 318 7.38 1.58 -51.76
CA MET C 318 8.09 2.81 -52.06
C MET C 318 9.29 3.01 -51.13
N SER C 319 9.17 2.59 -49.86
CA SER C 319 10.32 2.63 -48.96
C SER C 319 11.46 1.77 -49.51
N ALA C 320 11.14 0.57 -49.98
CA ALA C 320 12.14 -0.30 -50.55
C ALA C 320 12.77 0.33 -51.78
N VAL C 321 11.95 0.92 -52.65
CA VAL C 321 12.47 1.55 -53.86
C VAL C 321 13.40 2.70 -53.49
N ILE C 322 12.97 3.55 -52.56
CA ILE C 322 13.78 4.71 -52.20
C ILE C 322 15.08 4.30 -51.56
N LEU C 323 15.05 3.28 -50.72
CA LEU C 323 16.29 2.82 -50.10
C LEU C 323 17.26 2.30 -51.17
N GLU C 324 16.81 1.43 -52.06
CA GLU C 324 17.71 0.91 -53.08
C GLU C 324 18.16 2.01 -54.04
N HIS C 325 17.22 2.86 -54.43
CA HIS C 325 17.44 4.10 -55.20
C HIS C 325 18.64 4.91 -54.71
N THR C 326 18.69 5.17 -53.41
CA THR C 326 19.67 6.06 -52.79
C THR C 326 20.83 5.30 -52.16
N GLY C 327 20.80 3.98 -52.16
CA GLY C 327 21.80 3.26 -51.41
C GLY C 327 21.69 3.51 -49.91
N GLY C 328 20.56 4.07 -49.46
CA GLY C 328 20.37 4.45 -48.08
C GLY C 328 20.77 5.87 -47.73
N LYS C 329 21.27 6.66 -48.69
CA LYS C 329 21.61 8.07 -48.47
C LYS C 329 20.34 8.90 -48.63
N LEU C 330 19.60 9.00 -47.57
CA LEU C 330 18.32 9.67 -47.73
C LEU C 330 18.50 11.20 -47.68
N PRO C 331 17.63 11.94 -48.34
CA PRO C 331 17.63 13.40 -48.18
C PRO C 331 17.18 13.80 -46.77
N PHE C 332 17.62 14.99 -46.36
CA PHE C 332 17.47 15.43 -44.98
C PHE C 332 16.04 15.29 -44.47
N TRP C 333 15.06 15.66 -45.30
CA TRP C 333 13.67 15.66 -44.87
C TRP C 333 13.02 14.28 -44.88
N LEU C 334 13.68 13.26 -45.43
CA LEU C 334 13.19 11.89 -45.24
C LEU C 334 14.02 11.11 -44.23
N SER C 335 15.09 11.64 -43.82
CA SER C 335 16.10 10.83 -43.15
C SER C 335 15.73 10.65 -41.69
N PRO C 336 15.90 9.43 -41.16
CA PRO C 336 15.70 9.22 -39.71
C PRO C 336 16.91 9.58 -38.88
N ARG C 337 18.05 9.87 -39.53
CA ARG C 337 19.30 10.17 -38.83
C ARG C 337 19.84 11.46 -39.45
N GLN C 338 19.36 12.60 -38.93
CA GLN C 338 19.63 13.90 -39.55
C GLN C 338 20.95 14.52 -39.10
N ALA C 339 21.28 14.44 -37.81
CA ALA C 339 22.52 15.02 -37.31
C ALA C 339 22.97 14.28 -36.07
N ILE C 340 24.25 14.00 -35.97
CA ILE C 340 24.83 13.39 -34.77
C ILE C 340 25.88 14.33 -34.22
N VAL C 341 25.88 14.52 -32.91
CA VAL C 341 26.81 15.43 -32.25
C VAL C 341 28.01 14.64 -31.79
N LEU C 342 29.19 15.08 -32.19
CA LEU C 342 30.44 14.38 -31.88
C LEU C 342 31.31 15.30 -31.04
N SER C 343 31.54 14.91 -29.79
CA SER C 343 32.41 15.69 -28.92
C SER C 343 33.85 15.24 -29.11
N ILE C 344 34.75 16.23 -29.17
CA ILE C 344 36.15 15.92 -29.38
C ILE C 344 36.77 15.36 -28.10
N SER C 345 36.44 15.95 -26.96
CA SER C 345 37.01 15.54 -25.68
C SER C 345 35.97 15.75 -24.59
N GLU C 346 36.23 15.14 -23.43
CA GLU C 346 35.27 15.16 -22.34
C GLU C 346 34.95 16.58 -21.88
N LYS C 347 35.92 17.51 -21.99
CA LYS C 347 35.69 18.86 -21.50
C LYS C 347 34.48 19.52 -22.18
N THR C 348 34.19 19.16 -23.42
CA THR C 348 33.13 19.82 -24.18
C THR C 348 31.86 18.98 -24.26
N VAL C 349 31.83 17.82 -23.61
CA VAL C 349 30.67 16.94 -23.70
C VAL C 349 29.42 17.63 -23.20
N GLU C 350 29.53 18.45 -22.15
CA GLU C 350 28.33 19.07 -21.60
C GLU C 350 27.76 20.12 -22.55
N TYR C 351 28.62 20.98 -23.11
CA TYR C 351 28.13 21.90 -24.13
C TYR C 351 27.57 21.14 -25.32
N ALA C 352 28.21 20.02 -25.69
CA ALA C 352 27.77 19.25 -26.84
C ALA C 352 26.41 18.60 -26.59
N LYS C 353 26.19 18.06 -25.40
CA LYS C 353 24.88 17.51 -25.08
C LYS C 353 23.81 18.59 -25.10
N SER C 354 24.14 19.79 -24.59
CA SER C 354 23.19 20.91 -24.69
C SER C 354 22.78 21.15 -26.14
N VAL C 355 23.72 21.03 -27.07
CA VAL C 355 23.40 21.24 -28.48
C VAL C 355 22.45 20.15 -28.98
N GLU C 356 22.75 18.89 -28.68
CA GLU C 356 21.87 17.79 -29.10
C GLU C 356 20.48 17.95 -28.50
N ARG C 357 20.40 18.33 -27.23
CA ARG C 357 19.10 18.49 -26.60
CA ARG C 357 19.10 18.50 -26.58
C ARG C 357 18.26 19.52 -27.34
N GLU C 358 18.83 20.67 -27.65
CA GLU C 358 18.04 21.73 -28.28
C GLU C 358 17.59 21.33 -29.68
N LEU C 359 18.45 20.66 -30.45
CA LEU C 359 18.04 20.20 -31.76
C LEU C 359 16.89 19.22 -31.65
N CYS C 360 16.91 18.38 -30.62
CA CYS C 360 15.84 17.41 -30.40
C CYS C 360 14.53 18.11 -30.10
N ARG C 361 14.55 19.10 -29.19
CA ARG C 361 13.33 19.86 -28.89
C ARG C 361 12.81 20.61 -30.11
N ARG C 362 13.68 21.01 -31.02
CA ARG C 362 13.17 21.70 -32.19
C ARG C 362 12.60 20.75 -33.26
N GLY C 363 12.56 19.44 -32.98
CA GLY C 363 11.95 18.47 -33.86
C GLY C 363 12.87 17.76 -34.84
N PHE C 364 14.18 17.82 -34.64
CA PHE C 364 15.11 17.14 -35.53
C PHE C 364 15.52 15.81 -34.95
N ASP C 365 15.99 14.92 -35.84
CA ASP C 365 16.27 13.54 -35.49
C ASP C 365 17.77 13.43 -35.28
N VAL C 366 18.18 13.50 -34.01
CA VAL C 366 19.60 13.64 -33.71
C VAL C 366 20.00 12.59 -32.68
N SER C 367 21.31 12.45 -32.55
CA SER C 367 21.89 11.64 -31.49
C SER C 367 23.24 12.26 -31.15
N GLY C 368 24.06 11.51 -30.43
CA GLY C 368 25.35 12.02 -30.00
C GLY C 368 26.27 10.87 -29.65
N ASP C 369 27.55 11.07 -29.94
CA ASP C 369 28.61 10.15 -29.55
C ASP C 369 29.52 10.94 -28.61
N TYR C 370 29.46 10.60 -27.33
CA TYR C 370 30.28 11.25 -26.31
C TYR C 370 31.29 10.29 -25.71
N SER C 371 31.65 9.25 -26.45
CA SER C 371 32.65 8.32 -25.96
C SER C 371 34.04 8.97 -26.02
N ALA C 372 35.02 8.23 -25.48
CA ALA C 372 36.40 8.67 -25.45
C ALA C 372 37.11 8.48 -26.79
N ALA C 373 36.43 7.93 -27.78
CA ALA C 373 37.05 7.73 -29.08
C ALA C 373 37.50 9.05 -29.67
N THR C 374 38.49 8.96 -30.55
CA THR C 374 38.93 10.14 -31.29
C THR C 374 37.85 10.60 -32.27
N ILE C 375 37.85 11.89 -32.53
CA ILE C 375 36.89 12.48 -33.47
C ILE C 375 36.92 11.74 -34.81
N ASN C 376 38.13 11.44 -35.31
CA ASN C 376 38.22 10.75 -36.59
C ASN C 376 37.63 9.35 -36.52
N LYS C 377 37.81 8.66 -35.40
CA LYS C 377 37.14 7.36 -35.25
C LYS C 377 35.62 7.54 -35.13
N LYS C 378 35.17 8.56 -34.39
CA LYS C 378 33.74 8.76 -34.24
C LYS C 378 33.09 9.05 -35.58
N ILE C 379 33.73 9.88 -36.39
CA ILE C 379 33.23 10.12 -37.75
C ILE C 379 33.17 8.81 -38.53
N ARG C 380 34.19 7.96 -38.38
CA ARG C 380 34.20 6.70 -39.10
C ARG C 380 33.06 5.79 -38.66
N GLU C 381 32.81 5.72 -37.35
CA GLU C 381 31.69 4.91 -36.88
C GLU C 381 30.35 5.48 -37.35
N SER C 382 30.25 6.79 -37.51
CA SER C 382 28.95 7.42 -37.71
C SER C 382 28.50 7.35 -39.16
N GLN C 383 29.43 7.49 -40.11
CA GLN C 383 29.05 7.51 -41.52
C GLN C 383 28.43 6.19 -41.97
N LEU C 384 28.61 5.12 -41.19
CA LEU C 384 27.94 3.85 -41.48
C LEU C 384 26.42 4.00 -41.51
N LEU C 385 25.86 4.72 -40.55
CA LEU C 385 24.41 4.87 -40.46
C LEU C 385 23.89 6.06 -41.26
N GLN C 386 24.75 6.69 -42.07
CA GLN C 386 24.32 7.65 -43.08
C GLN C 386 23.73 8.92 -42.48
N TRP C 387 24.20 9.36 -41.30
CA TRP C 387 23.82 10.67 -40.78
C TRP C 387 24.01 11.75 -41.83
N ASN C 388 23.02 12.64 -41.96
CA ASN C 388 23.11 13.70 -42.95
C ASN C 388 24.17 14.74 -42.57
N TYR C 389 24.30 15.02 -41.28
CA TYR C 389 25.24 16.02 -40.81
C TYR C 389 25.95 15.51 -39.57
N MET C 390 27.23 15.86 -39.48
CA MET C 390 28.04 15.58 -38.30
CA MET C 390 28.03 15.58 -38.30
C MET C 390 28.40 16.91 -37.66
N LEU C 391 28.07 17.06 -36.38
CA LEU C 391 28.33 18.28 -35.61
C LEU C 391 29.53 18.02 -34.72
N VAL C 392 30.67 18.60 -35.08
CA VAL C 392 31.90 18.48 -34.31
C VAL C 392 31.96 19.61 -33.29
N ILE C 393 32.12 19.25 -32.02
CA ILE C 393 32.02 20.19 -30.91
C ILE C 393 33.28 20.04 -30.07
N GLY C 394 34.24 20.94 -30.27
CA GLY C 394 35.44 21.01 -29.48
C GLY C 394 35.50 22.25 -28.62
N GLU C 395 36.69 22.47 -28.03
CA GLU C 395 36.86 23.62 -27.14
C GLU C 395 36.71 24.93 -27.89
N ASN C 396 37.14 24.96 -29.15
CA ASN C 396 36.92 26.14 -29.99
C ASN C 396 35.44 26.42 -30.16
N GLU C 397 34.65 25.36 -30.38
CA GLU C 397 33.21 25.55 -30.57
C GLU C 397 32.54 25.97 -29.28
N ALA C 398 32.96 25.39 -28.15
CA ALA C 398 32.43 25.84 -26.86
C ALA C 398 32.80 27.29 -26.58
N ARG C 399 34.02 27.70 -26.95
CA ARG C 399 34.47 29.06 -26.66
C ARG C 399 33.57 30.10 -27.32
N ASP C 400 33.27 29.92 -28.61
CA ASP C 400 32.48 30.89 -29.37
C ASP C 400 30.99 30.58 -29.38
N LYS C 401 30.54 29.58 -28.61
CA LYS C 401 29.15 29.13 -28.63
C LYS C 401 28.68 28.84 -30.05
N LYS C 402 29.46 28.03 -30.76
CA LYS C 402 29.18 27.66 -32.14
C LYS C 402 29.22 26.14 -32.26
N VAL C 403 28.94 25.66 -33.48
CA VAL C 403 29.12 24.25 -33.83
C VAL C 403 29.83 24.19 -35.17
N THR C 404 30.47 23.05 -35.44
CA THR C 404 31.07 22.79 -36.74
C THR C 404 30.19 21.80 -37.48
N LEU C 405 29.62 22.24 -38.59
CA LEU C 405 28.66 21.47 -39.38
C LEU C 405 29.41 20.82 -40.54
N ARG C 406 29.39 19.48 -40.58
CA ARG C 406 29.97 18.72 -41.68
C ARG C 406 28.88 17.86 -42.31
N CYS C 407 28.86 17.86 -43.65
CA CYS C 407 27.86 17.12 -44.40
CA CYS C 407 27.86 17.12 -44.40
C CYS C 407 28.35 15.72 -44.74
N ARG C 408 27.40 14.79 -44.86
CA ARG C 408 27.68 13.43 -45.31
C ARG C 408 28.34 13.41 -46.69
N ASP C 409 27.92 14.30 -47.58
CA ASP C 409 28.60 14.53 -48.84
C ASP C 409 29.82 15.39 -48.53
N THR C 410 31.00 14.76 -48.48
CA THR C 410 32.19 15.43 -47.98
C THR C 410 32.75 16.46 -48.95
N THR C 411 32.22 16.55 -50.18
CA THR C 411 32.65 17.61 -51.08
C THR C 411 32.04 18.96 -50.74
N ILE C 412 31.03 18.99 -49.89
CA ILE C 412 30.45 20.25 -49.44
C ILE C 412 31.28 20.73 -48.25
N PRO C 413 31.75 21.99 -48.24
CA PRO C 413 32.68 22.41 -47.19
C PRO C 413 31.97 22.64 -45.87
N GLN C 414 32.70 22.35 -44.79
CA GLN C 414 32.14 22.52 -43.45
C GLN C 414 31.83 23.99 -43.18
N GLU C 415 30.87 24.21 -42.28
CA GLU C 415 30.49 25.52 -41.82
C GLU C 415 30.73 25.66 -40.32
N LEU C 416 30.82 26.90 -39.85
CA LEU C 416 30.86 27.21 -38.41
C LEU C 416 29.67 28.10 -38.08
N LEU C 417 28.67 27.56 -37.38
CA LEU C 417 27.40 28.24 -37.16
C LEU C 417 27.08 28.38 -35.68
N THR C 418 26.36 29.46 -35.37
CA THR C 418 25.66 29.52 -34.09
C THR C 418 24.50 28.52 -34.08
N LEU C 419 24.10 28.13 -32.87
CA LEU C 419 22.98 27.20 -32.75
C LEU C 419 21.76 27.72 -33.48
N ASP C 420 21.49 29.03 -33.39
CA ASP C 420 20.35 29.61 -34.08
C ASP C 420 20.51 29.52 -35.60
N GLN C 421 21.73 29.75 -36.10
CA GLN C 421 21.96 29.56 -37.53
C GLN C 421 21.77 28.11 -37.93
N LEU C 422 22.26 27.18 -37.10
CA LEU C 422 22.07 25.76 -37.39
C LEU C 422 20.58 25.45 -37.51
N ILE C 423 19.79 25.94 -36.55
CA ILE C 423 18.35 25.67 -36.56
C ILE C 423 17.70 26.32 -37.78
N LEU C 424 18.14 27.52 -38.16
CA LEU C 424 17.59 28.16 -39.34
C LEU C 424 17.88 27.32 -40.59
N LYS C 425 19.11 26.84 -40.72
CA LYS C 425 19.47 26.02 -41.88
C LYS C 425 18.64 24.73 -41.92
N PHE C 426 18.57 24.02 -40.78
CA PHE C 426 17.83 22.76 -40.74
C PHE C 426 16.35 22.96 -41.06
N SER C 427 15.74 24.02 -40.52
CA SER C 427 14.33 24.27 -40.77
C SER C 427 14.05 24.54 -42.25
N SER C 428 15.01 25.08 -42.96
CA SER C 428 14.85 25.33 -44.38
C SER C 428 14.93 24.05 -45.20
N MET C 429 15.21 22.92 -44.55
CA MET C 429 15.35 21.66 -45.25
C MET C 429 14.25 20.68 -44.87
N GLY C 430 13.07 21.19 -44.54
CA GLY C 430 11.91 20.35 -44.34
C GLY C 430 11.35 19.85 -45.66
N PHE C 431 10.10 19.39 -45.62
CA PHE C 431 9.47 18.83 -46.80
C PHE C 431 9.51 19.82 -47.95
N PRO C 432 9.94 19.43 -49.14
CA PRO C 432 9.75 20.29 -50.30
C PRO C 432 8.26 20.55 -50.50
N SER C 433 7.93 21.77 -50.86
CA SER C 433 6.52 22.14 -50.99
C SER C 433 6.25 22.61 -52.40
N SER C 434 5.07 22.25 -52.90
CA SER C 434 4.64 22.61 -54.23
C SER C 434 4.19 24.06 -54.32
N ILE C 435 4.11 24.76 -53.20
CA ILE C 435 3.85 26.20 -53.20
C ILE C 435 5.08 27.01 -52.85
N ASP C 436 6.18 26.37 -52.47
CA ASP C 436 7.45 27.06 -52.20
C ASP C 436 8.27 27.23 -53.49
N LYS D 11 -29.55 -6.91 49.98
CA LYS D 11 -29.07 -7.64 48.79
C LYS D 11 -27.53 -7.66 48.76
N ARG D 12 -26.95 -8.75 49.27
CA ARG D 12 -25.52 -8.82 49.44
C ARG D 12 -24.86 -10.03 48.78
N ASP D 13 -25.56 -10.83 47.99
CA ASP D 13 -24.90 -11.92 47.32
C ASP D 13 -23.85 -11.38 46.34
N HIS D 14 -22.67 -12.02 46.32
CA HIS D 14 -21.58 -11.45 45.53
C HIS D 14 -21.88 -11.50 44.04
N ARG D 15 -22.65 -12.50 43.60
CA ARG D 15 -23.04 -12.54 42.19
C ARG D 15 -23.88 -11.32 41.83
N LEU D 16 -24.80 -10.94 42.73
CA LEU D 16 -25.62 -9.76 42.47
C LEU D 16 -24.79 -8.49 42.53
N LEU D 17 -23.92 -8.36 43.54
CA LEU D 17 -23.07 -7.19 43.62
C LEU D 17 -22.12 -7.09 42.43
N GLY D 18 -21.62 -8.22 41.91
CA GLY D 18 -20.75 -8.17 40.75
C GLY D 18 -21.43 -7.61 39.53
N SER D 19 -22.75 -7.76 39.46
CA SER D 19 -23.52 -7.18 38.39
C SER D 19 -23.88 -5.73 38.68
N ASN D 20 -24.47 -5.48 39.87
CA ASN D 20 -24.91 -4.15 40.27
C ASN D 20 -23.79 -3.14 40.26
N LEU D 21 -22.60 -3.55 40.69
CA LEU D 21 -21.45 -2.68 40.77
C LEU D 21 -20.55 -2.78 39.54
N GLN D 22 -21.01 -3.49 38.51
CA GLN D 22 -20.28 -3.71 37.26
C GLN D 22 -18.83 -4.12 37.51
N LEU D 23 -18.67 -5.20 38.29
CA LEU D 23 -17.35 -5.71 38.62
C LEU D 23 -16.93 -6.90 37.77
N PHE D 24 -17.85 -7.82 37.48
CA PHE D 24 -17.50 -9.05 36.80
C PHE D 24 -18.76 -9.77 36.34
N PHE D 25 -18.59 -10.68 35.40
CA PHE D 25 -19.70 -11.50 34.92
C PHE D 25 -19.15 -12.87 34.52
N PHE D 26 -20.07 -13.80 34.32
CA PHE D 26 -19.66 -15.11 33.85
C PHE D 26 -20.33 -15.39 32.52
N ASP D 27 -19.64 -16.15 31.69
CA ASP D 27 -20.23 -16.64 30.46
C ASP D 27 -20.20 -18.16 30.50
N SER D 28 -21.36 -18.76 30.71
CA SER D 28 -21.47 -20.19 30.89
C SER D 28 -21.35 -20.97 29.59
N ASN D 29 -21.31 -20.30 28.45
CA ASN D 29 -21.13 -20.97 27.18
C ASN D 29 -19.69 -20.95 26.68
N VAL D 30 -18.92 -19.89 26.93
CA VAL D 30 -17.57 -19.86 26.37
C VAL D 30 -16.53 -20.17 27.43
N SER D 31 -16.83 -19.90 28.71
CA SER D 31 -15.84 -20.28 29.72
C SER D 31 -16.49 -20.46 31.10
N PRO D 32 -17.39 -21.44 31.25
CA PRO D 32 -17.98 -21.67 32.58
C PRO D 32 -16.91 -22.05 33.59
N GLY D 33 -16.95 -21.37 34.74
CA GLY D 33 -16.04 -21.64 35.83
C GLY D 33 -14.87 -20.69 35.90
N SER D 34 -14.71 -19.82 34.91
CA SER D 34 -13.73 -18.76 34.96
C SER D 34 -14.48 -17.43 34.94
N CYS D 35 -13.81 -16.37 35.37
CA CYS D 35 -14.48 -15.09 35.57
C CYS D 35 -13.97 -14.06 34.58
N PHE D 36 -14.91 -13.22 34.09
CA PHE D 36 -14.59 -12.03 33.30
C PHE D 36 -14.65 -10.83 34.23
N TRP D 37 -13.50 -10.20 34.48
CA TRP D 37 -13.41 -9.09 35.43
C TRP D 37 -13.43 -7.79 34.63
N LEU D 38 -14.53 -7.04 34.78
CA LEU D 38 -14.69 -5.73 34.17
C LEU D 38 -13.71 -4.75 34.81
N PRO D 39 -13.51 -3.57 34.19
CA PRO D 39 -12.49 -2.64 34.72
C PRO D 39 -12.55 -2.42 36.22
N ALA D 40 -13.75 -2.20 36.77
CA ALA D 40 -13.89 -1.96 38.20
C ALA D 40 -13.55 -3.20 39.00
N GLY D 41 -14.00 -4.37 38.55
CA GLY D 41 -13.65 -5.59 39.25
C GLY D 41 -12.17 -5.87 39.26
N ALA D 42 -11.51 -5.60 38.13
CA ALA D 42 -10.08 -5.84 38.02
C ALA D 42 -9.29 -4.89 38.91
N ARG D 43 -9.79 -3.66 39.10
CA ARG D 43 -9.11 -2.78 40.05
C ARG D 43 -9.16 -3.35 41.46
N LEU D 44 -10.31 -3.89 41.87
CA LEU D 44 -10.41 -4.49 43.21
C LEU D 44 -9.49 -5.70 43.33
N TYR D 45 -9.57 -6.60 42.36
CA TYR D 45 -8.70 -7.78 42.29
C TYR D 45 -7.24 -7.41 42.46
N ASN D 46 -6.75 -6.46 41.66
CA ASN D 46 -5.34 -6.09 41.75
C ASN D 46 -5.01 -5.36 43.03
N LYS D 47 -5.96 -4.61 43.58
CA LYS D 47 -5.68 -3.93 44.84
C LYS D 47 -5.55 -4.95 45.97
N LEU D 48 -6.38 -6.00 45.97
CA LEU D 48 -6.25 -7.04 46.98
C LEU D 48 -4.86 -7.67 46.94
N MET D 49 -4.39 -8.00 45.74
CA MET D 49 -3.06 -8.57 45.60
C MET D 49 -1.99 -7.56 45.98
N ASP D 50 -2.16 -6.30 45.56
CA ASP D 50 -1.13 -5.32 45.87
C ASP D 50 -1.06 -5.03 47.37
N PHE D 51 -2.17 -5.17 48.07
CA PHE D 51 -2.16 -5.08 49.53
C PHE D 51 -1.17 -6.09 50.10
N ILE D 52 -1.35 -7.36 49.70
CA ILE D 52 -0.45 -8.43 50.14
C ILE D 52 0.98 -8.13 49.73
N ARG D 53 1.19 -7.68 48.50
CA ARG D 53 2.54 -7.39 48.03
C ARG D 53 3.22 -6.32 48.87
N ASN D 54 2.49 -5.28 49.26
CA ASN D 54 3.07 -4.25 50.11
C ASN D 54 3.62 -4.86 51.41
N GLU D 55 2.90 -5.81 51.99
CA GLU D 55 3.41 -6.48 53.18
C GLU D 55 4.55 -7.42 52.86
N TYR D 56 4.51 -8.08 51.69
CA TYR D 56 5.61 -8.96 51.28
C TYR D 56 6.94 -8.22 51.32
N ARG D 57 6.97 -7.00 50.77
CA ARG D 57 8.17 -6.16 50.82
C ARG D 57 8.59 -5.91 52.27
N ILE D 58 7.64 -5.58 53.14
CA ILE D 58 7.94 -5.31 54.54
C ILE D 58 8.50 -6.55 55.22
N ARG D 59 8.02 -7.73 54.83
CA ARG D 59 8.25 -8.96 55.58
C ARG D 59 9.20 -9.92 54.88
N GLU D 60 9.93 -9.43 53.88
CA GLU D 60 10.98 -10.19 53.21
C GLU D 60 10.43 -11.46 52.55
N PHE D 61 9.26 -11.36 51.91
CA PHE D 61 8.85 -12.37 50.94
C PHE D 61 9.29 -11.90 49.56
N THR D 62 9.73 -12.82 48.71
CA THR D 62 10.14 -12.48 47.36
C THR D 62 9.21 -13.16 46.38
N GLU D 63 8.45 -12.35 45.65
CA GLU D 63 7.59 -12.86 44.59
C GLU D 63 8.42 -13.48 43.47
N VAL D 64 7.92 -14.59 42.94
CA VAL D 64 8.52 -15.19 41.75
C VAL D 64 7.41 -15.40 40.72
N ILE D 65 7.83 -15.75 39.51
CA ILE D 65 6.91 -16.09 38.43
C ILE D 65 7.31 -17.44 37.89
N THR D 66 6.35 -18.37 37.83
CA THR D 66 6.60 -19.74 37.42
C THR D 66 5.70 -20.08 36.24
N PRO D 67 6.00 -21.17 35.54
CA PRO D 67 5.20 -21.52 34.36
C PRO D 67 3.79 -21.91 34.76
N ASN D 68 2.92 -21.97 33.75
CA ASN D 68 1.56 -22.45 33.95
C ASN D 68 1.36 -23.89 33.52
N ILE D 69 2.06 -24.33 32.46
CA ILE D 69 1.93 -25.69 31.95
C ILE D 69 3.26 -26.40 32.12
N PHE D 70 3.18 -27.71 32.41
CA PHE D 70 4.34 -28.52 32.71
C PHE D 70 4.13 -29.89 32.11
N SER D 71 5.23 -30.57 31.84
CA SER D 71 5.18 -32.01 31.61
C SER D 71 4.74 -32.70 32.89
N CYS D 72 3.86 -33.69 32.76
CA CYS D 72 3.34 -34.37 33.94
C CYS D 72 4.41 -35.09 34.73
N ASP D 73 5.65 -35.15 34.24
CA ASP D 73 6.76 -35.63 35.05
C ASP D 73 6.92 -34.83 36.33
N LEU D 74 6.64 -33.52 36.28
CA LEU D 74 6.78 -32.70 37.48
C LEU D 74 5.90 -33.24 38.60
N TRP D 75 4.65 -33.59 38.29
CA TRP D 75 3.75 -34.05 39.34
C TRP D 75 3.92 -35.53 39.64
N LYS D 76 4.56 -36.29 38.75
CA LYS D 76 5.04 -37.61 39.15
C LYS D 76 6.20 -37.48 40.13
N THR D 77 7.06 -36.49 39.93
CA THR D 77 8.12 -36.22 40.89
C THR D 77 7.53 -35.78 42.24
N SER D 78 6.68 -34.75 42.22
CA SER D 78 6.13 -34.22 43.47
C SER D 78 5.23 -35.21 44.19
N GLY D 79 4.71 -36.22 43.49
CA GLY D 79 3.78 -37.16 44.10
C GLY D 79 2.34 -36.73 44.10
N HIS D 80 1.97 -35.73 43.30
CA HIS D 80 0.59 -35.26 43.19
C HIS D 80 -0.16 -35.88 42.02
N TYR D 81 0.52 -36.59 41.13
CA TYR D 81 -0.08 -36.96 39.84
C TYR D 81 -1.24 -37.93 40.01
N PHE D 82 -1.05 -39.00 40.79
CA PHE D 82 -2.08 -40.03 40.89
C PHE D 82 -3.39 -39.45 41.40
N ALA D 83 -3.30 -38.52 42.35
CA ALA D 83 -4.50 -38.00 43.00
C ALA D 83 -5.11 -36.81 42.27
N TYR D 84 -4.31 -36.01 41.57
CA TYR D 84 -4.79 -34.77 41.01
C TYR D 84 -5.13 -34.86 39.53
N LYS D 85 -4.67 -35.90 38.84
CA LYS D 85 -4.79 -35.94 37.39
C LYS D 85 -6.25 -35.79 36.96
N GLU D 86 -7.17 -36.47 37.67
CA GLU D 86 -8.59 -36.48 37.33
C GLU D 86 -9.20 -35.07 37.35
N ASN D 87 -8.69 -34.18 38.20
CA ASN D 87 -9.22 -32.82 38.30
C ASN D 87 -8.33 -31.79 37.64
N MET D 88 -7.31 -32.22 36.89
CA MET D 88 -6.45 -31.33 36.14
C MET D 88 -6.86 -31.33 34.67
N PHE D 89 -6.53 -30.24 33.99
CA PHE D 89 -6.67 -30.18 32.54
C PHE D 89 -5.38 -30.68 31.91
N ILE D 90 -5.46 -31.79 31.20
CA ILE D 90 -4.29 -32.51 30.73
C ILE D 90 -4.34 -32.63 29.21
N PHE D 91 -3.16 -32.60 28.58
CA PHE D 91 -3.05 -32.58 27.13
C PHE D 91 -1.66 -33.04 26.73
N ASP D 92 -1.56 -33.58 25.51
CA ASP D 92 -0.27 -34.05 25.00
C ASP D 92 0.49 -32.92 24.30
N VAL D 93 1.79 -32.88 24.52
CA VAL D 93 2.71 -31.97 23.84
C VAL D 93 3.81 -32.84 23.24
N GLU D 94 3.85 -32.89 21.92
CA GLU D 94 4.79 -33.75 21.20
C GLU D 94 4.80 -35.16 21.80
N GLU D 95 3.60 -35.73 21.94
CA GLU D 95 3.36 -37.10 22.39
C GLU D 95 3.80 -37.34 23.82
N LYS D 96 3.88 -36.30 24.64
CA LYS D 96 4.13 -36.42 26.06
C LYS D 96 2.96 -35.80 26.81
N GLU D 97 2.60 -36.39 27.94
CA GLU D 97 1.49 -35.88 28.73
C GLU D 97 1.92 -34.66 29.53
N TRP D 98 1.25 -33.53 29.32
CA TRP D 98 1.42 -32.29 30.06
C TRP D 98 0.12 -31.92 30.75
N GLY D 99 0.19 -30.89 31.59
CA GLY D 99 -1.01 -30.40 32.26
C GLY D 99 -0.84 -28.97 32.72
N LEU D 100 -1.99 -28.33 32.94
CA LEU D 100 -2.07 -27.02 33.57
C LEU D 100 -1.93 -27.14 35.08
N LYS D 101 -1.18 -26.23 35.69
CA LYS D 101 -0.88 -26.40 37.11
C LYS D 101 -2.14 -26.18 37.96
N PRO D 102 -2.43 -27.07 38.89
CA PRO D 102 -3.49 -26.81 39.86
C PRO D 102 -2.94 -26.24 41.16
N MET D 103 -1.62 -26.19 41.29
CA MET D 103 -0.98 -25.60 42.46
C MET D 103 0.43 -25.17 42.06
N ASN D 104 1.07 -24.38 42.93
CA ASN D 104 2.40 -23.83 42.67
C ASN D 104 3.54 -24.60 43.30
N CYS D 105 3.29 -25.39 44.35
CA CYS D 105 4.37 -25.93 45.19
C CYS D 105 5.46 -26.68 44.40
N PRO D 106 5.13 -27.61 43.50
CA PRO D 106 6.22 -28.35 42.83
C PRO D 106 7.20 -27.44 42.11
N GLY D 107 6.71 -26.42 41.41
CA GLY D 107 7.62 -25.54 40.69
C GLY D 107 8.49 -24.72 41.62
N HIS D 108 7.97 -24.40 42.82
CA HIS D 108 8.80 -23.73 43.80
C HIS D 108 9.90 -24.63 44.32
N CYS D 109 9.66 -25.95 44.39
CA CYS D 109 10.73 -26.86 44.75
C CYS D 109 11.80 -26.89 43.66
N VAL D 110 11.39 -26.81 42.40
CA VAL D 110 12.36 -26.74 41.32
C VAL D 110 13.22 -25.48 41.48
N MET D 111 12.59 -24.37 41.87
CA MET D 111 13.34 -23.12 42.05
C MET D 111 14.31 -23.23 43.21
N PHE D 112 13.83 -23.73 44.35
CA PHE D 112 14.73 -23.96 45.47
C PHE D 112 15.92 -24.79 45.06
N LYS D 113 15.67 -25.88 44.33
CA LYS D 113 16.77 -26.70 43.83
C LYS D 113 17.76 -25.85 43.03
N HIS D 114 17.23 -25.06 42.09
CA HIS D 114 18.09 -24.21 41.28
C HIS D 114 18.87 -23.24 42.14
N MET D 115 18.19 -22.56 43.07
CA MET D 115 18.87 -21.56 43.89
C MET D 115 19.97 -22.16 44.73
N ASN D 116 19.83 -23.42 45.13
CA ASN D 116 20.89 -24.16 45.81
C ASN D 116 21.50 -23.37 46.98
N PRO D 117 20.70 -22.97 47.95
CA PRO D 117 21.22 -22.08 49.00
C PRO D 117 21.94 -22.84 50.10
N SER D 118 22.73 -22.10 50.87
CA SER D 118 23.27 -22.58 52.13
C SER D 118 22.39 -22.09 53.28
N TYR D 119 22.75 -22.47 54.50
CA TYR D 119 21.99 -22.07 55.67
C TYR D 119 22.00 -20.55 55.82
N ARG D 120 23.11 -19.90 55.45
CA ARG D 120 23.23 -18.47 55.64
C ARG D 120 22.17 -17.68 54.87
N GLN D 121 21.50 -18.32 53.91
CA GLN D 121 20.46 -17.67 53.12
C GLN D 121 19.06 -18.17 53.43
N LEU D 122 18.92 -19.14 54.36
CA LEU D 122 17.60 -19.52 54.83
C LEU D 122 17.14 -18.57 55.94
N PRO D 123 15.84 -18.32 56.05
CA PRO D 123 14.75 -18.85 55.23
C PRO D 123 14.67 -18.23 53.84
N ILE D 124 14.14 -19.02 52.90
CA ILE D 124 13.73 -18.54 51.59
C ILE D 124 12.21 -18.57 51.55
N ARG D 125 11.62 -17.48 51.03
CA ARG D 125 10.18 -17.27 51.05
C ARG D 125 9.72 -16.89 49.64
N LEU D 126 9.28 -17.89 48.87
CA LEU D 126 8.89 -17.67 47.49
C LEU D 126 7.39 -17.46 47.43
N ALA D 127 6.96 -16.28 46.98
CA ALA D 127 5.55 -15.98 46.81
C ALA D 127 5.19 -16.00 45.33
N ASP D 128 3.97 -16.43 45.04
CA ASP D 128 3.56 -16.68 43.66
C ASP D 128 2.06 -16.46 43.57
N PHE D 129 1.64 -15.50 42.76
CA PHE D 129 0.24 -15.24 42.46
C PHE D 129 -0.20 -15.91 41.17
N GLY D 130 0.43 -17.03 40.80
CA GLY D 130 0.19 -17.60 39.49
C GLY D 130 -1.21 -18.14 39.30
N VAL D 131 -1.71 -18.04 38.07
CA VAL D 131 -3.04 -18.55 37.74
C VAL D 131 -3.07 -20.06 37.86
N LEU D 132 -4.02 -20.58 38.64
CA LEU D 132 -4.19 -22.01 38.83
C LEU D 132 -5.48 -22.49 38.18
N HIS D 133 -5.50 -23.74 37.76
CA HIS D 133 -6.69 -24.33 37.17
C HIS D 133 -7.01 -25.69 37.77
N ARG D 134 -8.29 -25.91 38.07
CA ARG D 134 -8.77 -27.22 38.46
C ARG D 134 -10.04 -27.54 37.69
N ASN D 135 -10.21 -28.79 37.28
CA ASN D 135 -11.35 -29.17 36.46
C ASN D 135 -12.54 -29.54 37.33
N GLU D 136 -13.13 -28.52 37.92
CA GLU D 136 -14.38 -28.69 38.64
C GLU D 136 -15.51 -29.07 37.69
N PHE D 137 -16.34 -30.01 38.13
CA PHE D 137 -17.51 -30.41 37.35
C PHE D 137 -18.42 -29.21 37.13
N SER D 138 -18.98 -29.11 35.92
CA SER D 138 -19.83 -27.97 35.57
C SER D 138 -20.97 -27.80 36.57
N GLY D 139 -21.55 -28.91 37.05
CA GLY D 139 -22.69 -28.83 37.94
C GLY D 139 -22.37 -28.29 39.31
N ALA D 140 -21.09 -28.26 39.68
CA ALA D 140 -20.67 -27.72 40.96
C ALA D 140 -20.33 -26.23 40.90
N LEU D 141 -20.23 -25.65 39.71
CA LEU D 141 -19.73 -24.29 39.58
C LEU D 141 -20.69 -23.30 40.21
N ASN D 142 -20.14 -22.29 40.90
CA ASN D 142 -20.97 -21.35 41.63
C ASN D 142 -20.18 -20.06 41.84
N GLY D 143 -20.44 -19.07 40.97
CA GLY D 143 -19.91 -17.74 41.18
C GLY D 143 -18.40 -17.74 41.36
N LEU D 144 -17.94 -17.02 42.38
CA LEU D 144 -16.53 -16.96 42.73
C LEU D 144 -16.15 -17.95 43.81
N THR D 145 -17.09 -18.72 44.34
CA THR D 145 -16.80 -19.63 45.43
C THR D 145 -16.37 -21.02 44.96
N ARG D 146 -16.84 -21.47 43.79
CA ARG D 146 -16.43 -22.74 43.19
C ARG D 146 -16.09 -22.48 41.73
N VAL D 147 -14.79 -22.46 41.41
CA VAL D 147 -14.29 -21.98 40.13
C VAL D 147 -13.35 -23.02 39.53
N ARG D 148 -13.06 -22.82 38.24
CA ARG D 148 -12.00 -23.56 37.60
C ARG D 148 -10.69 -22.80 37.54
N ARG D 149 -10.74 -21.49 37.68
CA ARG D 149 -9.57 -20.62 37.52
C ARG D 149 -9.46 -19.73 38.75
N PHE D 150 -8.32 -19.77 39.42
CA PHE D 150 -8.12 -18.90 40.56
C PHE D 150 -6.64 -18.57 40.70
N GLN D 151 -6.36 -17.42 41.28
CA GLN D 151 -5.03 -17.04 41.76
C GLN D 151 -5.03 -17.00 43.29
N GLN D 152 -3.97 -17.56 43.89
CA GLN D 152 -3.78 -17.57 45.34
C GLN D 152 -2.68 -16.59 45.73
N ASP D 153 -2.83 -16.01 46.93
CA ASP D 153 -1.68 -15.35 47.55
C ASP D 153 -0.80 -16.43 48.17
N ASP D 154 -0.39 -17.38 47.34
CA ASP D 154 0.38 -18.53 47.77
C ASP D 154 1.85 -18.16 48.02
N ALA D 155 2.46 -18.78 49.03
CA ALA D 155 3.89 -18.67 49.24
C ALA D 155 4.41 -19.90 49.96
N HIS D 156 5.69 -20.21 49.76
CA HIS D 156 6.35 -21.30 50.46
C HIS D 156 7.58 -20.78 51.17
N ILE D 157 7.62 -21.00 52.46
CA ILE D 157 8.81 -20.73 53.25
C ILE D 157 9.61 -22.02 53.31
N PHE D 158 10.90 -21.94 52.94
CA PHE D 158 11.87 -23.02 53.08
C PHE D 158 12.83 -22.65 54.20
N CYS D 159 12.87 -23.44 55.25
CA CYS D 159 13.61 -23.00 56.44
C CYS D 159 14.21 -24.21 57.14
N THR D 160 15.14 -23.94 58.06
CA THR D 160 15.68 -25.01 58.86
C THR D 160 14.68 -25.42 59.91
N PRO D 161 14.75 -26.65 60.41
CA PRO D 161 13.84 -27.04 61.51
C PRO D 161 13.89 -26.07 62.68
N GLU D 162 15.08 -25.56 63.02
CA GLU D 162 15.21 -24.61 64.12
C GLU D 162 14.52 -23.27 63.85
N GLN D 163 14.23 -22.95 62.60
CA GLN D 163 13.57 -21.69 62.27
C GLN D 163 12.05 -21.80 62.26
N ILE D 164 11.49 -23.00 62.43
CA ILE D 164 10.04 -23.19 62.30
C ILE D 164 9.30 -22.24 63.24
N GLN D 165 9.69 -22.21 64.51
CA GLN D 165 8.91 -21.44 65.48
C GLN D 165 8.83 -19.98 65.08
N GLU D 166 9.96 -19.36 64.77
CA GLU D 166 9.93 -17.93 64.45
C GLU D 166 9.19 -17.67 63.14
N GLU D 167 9.34 -18.56 62.15
CA GLU D 167 8.60 -18.34 60.91
C GLU D 167 7.11 -18.53 61.11
N VAL D 168 6.69 -19.51 61.91
CA VAL D 168 5.25 -19.69 62.11
C VAL D 168 4.69 -18.52 62.91
N PHE D 169 5.44 -18.02 63.89
CA PHE D 169 5.02 -16.84 64.64
C PHE D 169 4.86 -15.63 63.71
N LYS D 170 5.82 -15.40 62.84
CA LYS D 170 5.68 -14.29 61.88
C LYS D 170 4.50 -14.53 60.94
N ALA D 171 4.27 -15.78 60.55
CA ALA D 171 3.15 -16.08 59.68
C ALA D 171 1.82 -15.77 60.37
N LEU D 172 1.72 -16.10 61.66
CA LEU D 172 0.52 -15.77 62.43
C LEU D 172 0.33 -14.26 62.52
N ASP D 173 1.41 -13.52 62.80
CA ASP D 173 1.34 -12.06 62.84
C ASP D 173 0.84 -11.51 61.50
N PHE D 174 1.38 -12.03 60.40
CA PHE D 174 0.96 -11.61 59.07
C PHE D 174 -0.54 -11.78 58.88
N LEU D 175 -1.06 -12.98 59.22
CA LEU D 175 -2.50 -13.22 59.12
C LEU D 175 -3.29 -12.24 60.00
N PHE D 176 -2.87 -12.10 61.26
CA PHE D 176 -3.60 -11.22 62.16
C PHE D 176 -3.68 -9.82 61.58
N PHE D 177 -2.59 -9.35 60.98
CA PHE D 177 -2.58 -8.00 60.42
C PHE D 177 -3.58 -7.88 59.29
N ILE D 178 -3.50 -8.78 58.30
CA ILE D 178 -4.37 -8.67 57.13
C ILE D 178 -5.83 -8.83 57.55
N TYR D 179 -6.13 -9.86 58.34
CA TYR D 179 -7.54 -10.10 58.67
C TYR D 179 -8.11 -8.94 59.48
N GLY D 180 -7.31 -8.38 60.37
CA GLY D 180 -7.79 -7.26 61.17
C GLY D 180 -8.07 -6.05 60.31
N GLN D 181 -7.24 -5.83 59.29
CA GLN D 181 -7.46 -4.70 58.38
C GLN D 181 -8.65 -4.94 57.48
N LEU D 182 -8.95 -6.19 57.15
CA LEU D 182 -10.17 -6.49 56.43
C LEU D 182 -11.38 -6.55 57.34
N GLY D 183 -11.18 -6.44 58.66
CA GLY D 183 -12.28 -6.48 59.60
C GLY D 183 -12.82 -7.84 59.94
N PHE D 184 -12.00 -8.89 59.84
CA PHE D 184 -12.42 -10.24 60.21
C PHE D 184 -11.94 -10.57 61.63
N THR D 185 -12.68 -11.44 62.30
CA THR D 185 -12.15 -12.20 63.43
C THR D 185 -11.88 -13.61 62.94
N PHE D 186 -11.32 -14.44 63.82
CA PHE D 186 -10.88 -15.76 63.38
C PHE D 186 -10.61 -16.67 64.57
N ASP D 187 -10.74 -17.97 64.34
CA ASP D 187 -10.39 -19.02 65.30
C ASP D 187 -9.19 -19.78 64.77
N LEU D 188 -8.33 -20.22 65.69
CA LEU D 188 -7.11 -20.96 65.34
C LEU D 188 -7.23 -22.41 65.75
N PHE D 189 -6.75 -23.31 64.87
CA PHE D 189 -6.77 -24.74 65.15
C PHE D 189 -5.44 -25.36 64.77
N LEU D 190 -4.85 -26.09 65.73
CA LEU D 190 -3.62 -26.83 65.52
C LEU D 190 -3.97 -28.30 65.36
N SER D 191 -3.49 -28.91 64.28
CA SER D 191 -3.78 -30.30 63.96
C SER D 191 -2.48 -31.07 63.96
N THR D 192 -2.44 -32.19 64.67
CA THR D 192 -1.20 -32.87 64.99
C THR D 192 -1.14 -34.23 64.31
N MET D 193 -0.09 -34.99 64.64
CA MET D 193 0.33 -36.14 63.84
C MET D 193 -0.78 -37.17 63.70
N PRO D 194 -1.23 -37.46 62.48
CA PRO D 194 -2.18 -38.55 62.27
C PRO D 194 -1.51 -39.90 62.38
N LYS D 195 -2.34 -40.95 62.45
CA LYS D 195 -1.83 -42.32 62.56
C LYS D 195 -0.87 -42.65 61.42
N GLU D 196 -1.37 -42.61 60.19
CA GLU D 196 -0.51 -42.75 59.02
C GLU D 196 0.16 -41.42 58.75
N HIS D 197 1.49 -41.39 58.82
CA HIS D 197 2.19 -40.13 58.66
C HIS D 197 3.55 -40.38 58.04
N LEU D 198 3.92 -39.52 57.10
CA LEU D 198 5.26 -39.51 56.56
C LEU D 198 6.17 -38.73 57.49
N GLY D 199 7.45 -39.10 57.51
CA GLY D 199 8.41 -38.44 58.36
C GLY D 199 8.55 -39.10 59.72
N THR D 200 9.64 -38.77 60.40
CA THR D 200 9.95 -39.38 61.69
C THR D 200 9.18 -38.69 62.82
N GLU D 201 9.03 -39.42 63.91
CA GLU D 201 8.36 -38.86 65.09
C GLU D 201 9.11 -37.67 65.64
N GLU D 202 10.45 -37.71 65.64
CA GLU D 202 11.23 -36.58 66.13
C GLU D 202 10.95 -35.33 65.30
N GLN D 203 10.84 -35.48 63.97
CA GLN D 203 10.44 -34.34 63.15
C GLN D 203 9.11 -33.78 63.62
N TRP D 204 8.11 -34.63 63.78
CA TRP D 204 6.79 -34.15 64.17
C TRP D 204 6.81 -33.52 65.56
N LYS D 205 7.49 -34.14 66.51
CA LYS D 205 7.54 -33.57 67.86
C LYS D 205 8.21 -32.20 67.84
N GLU D 206 9.33 -32.09 67.13
CA GLU D 206 10.05 -30.83 67.06
C GLU D 206 9.20 -29.75 66.39
N ALA D 207 8.52 -30.10 65.30
CA ALA D 207 7.69 -29.12 64.60
C ALA D 207 6.44 -28.79 65.41
N GLU D 208 5.79 -29.80 65.99
CA GLU D 208 4.58 -29.53 66.77
C GLU D 208 4.89 -28.65 67.98
N ASN D 209 6.01 -28.88 68.65
CA ASN D 209 6.40 -28.01 69.76
C ASN D 209 6.62 -26.58 69.28
N ALA D 210 7.27 -26.41 68.13
CA ALA D 210 7.46 -25.05 67.62
C ALA D 210 6.13 -24.42 67.26
N LEU D 211 5.22 -25.18 66.66
CA LEU D 211 3.90 -24.65 66.33
C LEU D 211 3.15 -24.27 67.59
N LYS D 212 3.03 -25.22 68.53
CA LYS D 212 2.44 -24.93 69.83
C LYS D 212 3.08 -23.71 70.46
N SER D 213 4.41 -23.62 70.40
CA SER D 213 5.11 -22.51 71.01
C SER D 213 4.74 -21.18 70.35
N ALA D 214 4.67 -21.16 69.02
CA ALA D 214 4.27 -19.94 68.34
C ALA D 214 2.86 -19.54 68.74
N LEU D 215 1.93 -20.50 68.73
CA LEU D 215 0.56 -20.20 69.10
C LEU D 215 0.49 -19.58 70.49
N ASP D 216 1.10 -20.25 71.47
CA ASP D 216 1.13 -19.74 72.85
C ASP D 216 1.65 -18.31 72.89
N LYS D 217 2.73 -18.02 72.15
CA LYS D 217 3.36 -16.71 72.24
C LYS D 217 2.43 -15.60 71.74
N THR D 218 1.46 -15.91 70.87
CA THR D 218 0.50 -14.90 70.45
C THR D 218 -0.46 -14.52 71.57
N GLY D 219 -0.60 -15.35 72.60
CA GLY D 219 -1.58 -15.13 73.64
C GLY D 219 -3.02 -15.36 73.24
N ARG D 220 -3.30 -15.61 71.96
CA ARG D 220 -4.68 -15.82 71.53
C ARG D 220 -5.14 -17.24 71.82
N ASP D 221 -6.44 -17.40 71.99
CA ASP D 221 -7.02 -18.72 72.19
C ASP D 221 -6.86 -19.57 70.94
N TRP D 222 -6.70 -20.87 71.13
CA TRP D 222 -6.56 -21.76 69.98
C TRP D 222 -6.90 -23.18 70.42
N LYS D 223 -7.46 -23.94 69.49
CA LYS D 223 -7.97 -25.27 69.80
C LYS D 223 -7.07 -26.32 69.17
N LEU D 224 -6.82 -27.37 69.93
CA LEU D 224 -6.04 -28.51 69.46
C LEU D 224 -6.97 -29.53 68.84
N ASN D 225 -6.61 -30.00 67.64
CA ASN D 225 -7.31 -31.08 66.97
C ASN D 225 -6.33 -32.23 66.87
N PRO D 226 -6.26 -33.09 67.89
CA PRO D 226 -5.25 -34.15 67.88
C PRO D 226 -5.46 -35.12 66.74
N GLY D 227 -4.36 -35.47 66.07
CA GLY D 227 -4.37 -36.45 65.00
C GLY D 227 -5.00 -35.99 63.70
N ASP D 228 -5.29 -34.70 63.54
CA ASP D 228 -5.97 -34.21 62.34
C ASP D 228 -5.02 -33.51 61.39
N GLY D 229 -3.72 -33.63 61.60
CA GLY D 229 -2.77 -33.06 60.66
C GLY D 229 -2.79 -33.80 59.34
N ALA D 230 -2.06 -33.24 58.37
CA ALA D 230 -1.91 -33.91 57.09
C ALA D 230 -0.97 -35.10 57.19
N PHE D 231 -1.03 -35.98 56.18
CA PHE D 231 -0.09 -37.10 56.12
C PHE D 231 1.35 -36.62 56.13
N TYR D 232 1.62 -35.45 55.55
CA TYR D 232 2.97 -34.96 55.37
C TYR D 232 3.37 -33.86 56.33
N GLY D 233 2.51 -33.47 57.27
CA GLY D 233 2.90 -32.45 58.22
C GLY D 233 1.78 -31.85 59.05
N PRO D 234 2.13 -31.33 60.22
CA PRO D 234 1.14 -30.63 61.04
C PRO D 234 0.76 -29.31 60.41
N LYS D 235 -0.39 -28.80 60.81
CA LYS D 235 -0.93 -27.58 60.23
C LYS D 235 -1.63 -26.75 61.28
N ILE D 236 -1.70 -25.45 60.99
CA ILE D 236 -2.60 -24.53 61.67
C ILE D 236 -3.66 -24.10 60.67
N ASP D 237 -4.91 -24.27 61.05
CA ASP D 237 -6.05 -23.84 60.27
C ASP D 237 -6.64 -22.59 60.90
N ILE D 238 -7.02 -21.64 60.05
CA ILE D 238 -7.56 -20.36 60.49
C ILE D 238 -8.93 -20.23 59.87
N MET D 239 -9.97 -20.24 60.69
CA MET D 239 -11.33 -19.99 60.24
C MET D 239 -11.63 -18.52 60.50
N LEU D 240 -11.94 -17.76 59.45
CA LEU D 240 -12.27 -16.36 59.66
C LEU D 240 -13.79 -16.19 59.71
N TRP D 241 -14.22 -15.08 60.31
CA TRP D 241 -15.63 -14.77 60.45
C TRP D 241 -15.91 -13.40 59.84
N ASP D 242 -16.87 -13.31 58.93
CA ASP D 242 -17.21 -12.03 58.32
C ASP D 242 -18.26 -11.31 59.17
N ALA D 243 -18.70 -10.14 58.71
CA ALA D 243 -19.66 -9.33 59.45
C ALA D 243 -21.07 -9.90 59.38
N LEU D 244 -21.32 -10.86 58.50
CA LEU D 244 -22.55 -11.63 58.51
C LEU D 244 -22.48 -12.81 59.47
N LYS D 245 -21.37 -12.92 60.22
CA LYS D 245 -21.16 -13.99 61.19
C LYS D 245 -21.24 -15.35 60.50
N ARG D 246 -20.57 -15.45 59.35
CA ARG D 246 -20.35 -16.69 58.64
C ARG D 246 -18.86 -17.01 58.71
N GLN D 247 -18.52 -18.29 58.66
CA GLN D 247 -17.13 -18.68 58.77
C GLN D 247 -16.60 -19.18 57.43
N HIS D 248 -15.34 -18.86 57.15
CA HIS D 248 -14.68 -19.20 55.91
C HIS D 248 -13.27 -19.67 56.23
N GLN D 249 -12.86 -20.76 55.58
CA GLN D 249 -11.50 -21.27 55.75
C GLN D 249 -10.65 -20.80 54.58
N CYS D 250 -10.00 -19.64 54.75
CA CYS D 250 -9.16 -19.08 53.70
C CYS D 250 -7.67 -19.19 54.00
N GLY D 251 -7.28 -19.07 55.26
CA GLY D 251 -5.88 -18.94 55.63
C GLY D 251 -5.30 -20.22 56.19
N THR D 252 -4.09 -20.54 55.75
CA THR D 252 -3.50 -21.82 56.04
C THR D 252 -2.01 -21.68 56.32
N ILE D 253 -1.51 -22.56 57.20
CA ILE D 253 -0.10 -22.70 57.50
C ILE D 253 0.16 -24.20 57.59
N GLN D 254 0.81 -24.76 56.56
CA GLN D 254 0.87 -26.21 56.40
C GLN D 254 2.33 -26.63 56.25
N LEU D 255 2.84 -27.36 57.25
CA LEU D 255 4.20 -27.87 57.17
C LEU D 255 4.26 -29.13 56.31
N ASP D 256 5.42 -29.37 55.72
CA ASP D 256 5.53 -30.37 54.68
C ASP D 256 6.90 -31.03 54.80
N PHE D 257 6.91 -32.28 55.24
CA PHE D 257 8.14 -33.06 55.27
C PHE D 257 8.35 -33.86 54.00
N GLN D 258 7.34 -33.91 53.12
CA GLN D 258 7.33 -34.85 52.01
C GLN D 258 8.02 -34.29 50.77
N LEU D 259 7.60 -33.11 50.31
CA LEU D 259 8.25 -32.48 49.16
C LEU D 259 9.75 -32.31 49.33
N PRO D 260 10.28 -31.91 50.49
CA PRO D 260 11.74 -31.90 50.66
C PRO D 260 12.40 -33.21 50.29
N ILE D 261 11.78 -34.34 50.65
CA ILE D 261 12.35 -35.64 50.33
C ILE D 261 12.12 -35.99 48.86
N ARG D 262 10.89 -35.78 48.39
CA ARG D 262 10.56 -36.21 47.03
C ARG D 262 11.37 -35.46 45.99
N PHE D 263 11.63 -34.17 46.22
CA PHE D 263 12.45 -33.38 45.31
C PHE D 263 13.93 -33.44 45.65
N ASN D 264 14.30 -34.16 46.72
CA ASN D 264 15.68 -34.30 47.17
C ASN D 264 16.30 -32.93 47.48
N LEU D 265 15.55 -32.11 48.21
CA LEU D 265 16.03 -30.81 48.62
C LEU D 265 17.03 -30.96 49.78
N GLN D 266 18.11 -30.20 49.72
CA GLN D 266 19.17 -30.25 50.73
C GLN D 266 19.83 -28.89 50.84
N TYR D 267 20.52 -28.66 51.96
CA TYR D 267 21.27 -27.44 52.18
C TYR D 267 22.43 -27.73 53.12
N ARG D 268 23.57 -27.08 52.88
CA ARG D 268 24.75 -27.25 53.72
C ARG D 268 24.60 -26.42 55.01
N THR D 269 24.95 -27.05 56.14
CA THR D 269 24.64 -26.50 57.45
C THR D 269 25.80 -25.66 57.99
N ASP D 270 25.64 -25.20 59.23
CA ASP D 270 26.67 -24.43 59.94
C ASP D 270 27.62 -25.33 60.73
N LEU D 297 20.51 -38.67 50.06
CA LEU D 297 20.94 -37.74 51.09
C LEU D 297 22.46 -37.50 51.00
N LYS D 298 22.95 -36.44 51.64
CA LYS D 298 24.37 -36.14 51.69
C LYS D 298 24.79 -35.87 53.12
N GLN D 299 26.10 -35.96 53.36
CA GLN D 299 26.67 -35.71 54.69
C GLN D 299 26.89 -34.22 54.90
N GLY D 300 26.63 -33.75 56.12
CA GLY D 300 26.67 -32.34 56.41
C GLY D 300 25.52 -31.54 55.84
N TYR D 301 24.56 -32.20 55.19
CA TYR D 301 23.43 -31.54 54.55
C TYR D 301 22.15 -32.01 55.21
N ARG D 302 21.26 -31.07 55.52
CA ARG D 302 19.96 -31.38 56.07
C ARG D 302 18.87 -31.07 55.06
N ARG D 303 17.67 -31.57 55.34
CA ARG D 303 16.59 -31.19 54.45
C ARG D 303 15.87 -29.95 55.00
N PRO D 304 15.42 -29.06 54.13
CA PRO D 304 14.62 -27.94 54.61
C PRO D 304 13.23 -28.43 54.97
N VAL D 305 12.56 -27.67 55.82
CA VAL D 305 11.14 -27.85 56.04
C VAL D 305 10.41 -26.86 55.14
N ILE D 306 9.31 -27.29 54.55
CA ILE D 306 8.49 -26.44 53.71
C ILE D 306 7.23 -26.04 54.46
N ILE D 307 6.97 -24.75 54.52
CA ILE D 307 5.74 -24.20 55.07
C ILE D 307 4.92 -23.66 53.90
N HIS D 308 3.84 -24.36 53.55
CA HIS D 308 2.85 -23.76 52.65
C HIS D 308 2.03 -22.77 53.46
N ARG D 309 1.72 -21.63 52.86
CA ARG D 309 0.85 -20.71 53.56
C ARG D 309 0.13 -19.80 52.59
N ALA D 310 -1.03 -19.33 53.03
CA ALA D 310 -1.85 -18.38 52.29
C ALA D 310 -2.67 -17.63 53.32
N ILE D 311 -3.06 -16.41 52.95
CA ILE D 311 -3.84 -15.57 53.85
C ILE D 311 -5.17 -15.28 53.21
N LEU D 312 -5.14 -14.66 52.02
CA LEU D 312 -6.36 -14.44 51.26
C LEU D 312 -6.98 -15.77 50.85
N GLY D 313 -6.16 -16.78 50.59
CA GLY D 313 -6.72 -17.97 49.99
C GLY D 313 -6.71 -17.77 48.49
N SER D 314 -7.86 -17.83 47.83
CA SER D 314 -7.94 -17.44 46.42
C SER D 314 -8.47 -16.02 46.32
N VAL D 315 -7.81 -15.21 45.50
CA VAL D 315 -8.28 -13.85 45.33
C VAL D 315 -9.74 -13.84 44.89
N GLU D 316 -10.13 -14.80 44.06
CA GLU D 316 -11.52 -14.89 43.64
C GLU D 316 -12.44 -15.03 44.85
N ARG D 317 -12.13 -15.97 45.75
CA ARG D 317 -13.02 -16.22 46.89
CA ARG D 317 -13.03 -16.23 46.88
C ARG D 317 -12.98 -15.09 47.90
N MET D 318 -11.78 -14.59 48.21
CA MET D 318 -11.70 -13.47 49.15
C MET D 318 -12.46 -12.26 48.64
N SER D 319 -12.40 -12.02 47.32
CA SER D 319 -13.17 -10.94 46.72
C SER D 319 -14.65 -11.11 47.01
N ALA D 320 -15.17 -12.33 46.81
CA ALA D 320 -16.57 -12.60 47.09
C ALA D 320 -16.90 -12.34 48.56
N VAL D 321 -16.07 -12.86 49.46
CA VAL D 321 -16.35 -12.71 50.90
C VAL D 321 -16.38 -11.23 51.26
N ILE D 322 -15.39 -10.48 50.79
CA ILE D 322 -15.30 -9.05 51.14
C ILE D 322 -16.49 -8.29 50.61
N LEU D 323 -16.91 -8.59 49.39
CA LEU D 323 -18.06 -7.90 48.83
C LEU D 323 -19.30 -8.16 49.67
N GLU D 324 -19.53 -9.42 50.05
CA GLU D 324 -20.68 -9.72 50.90
C GLU D 324 -20.48 -9.17 52.31
N HIS D 325 -19.28 -9.32 52.86
CA HIS D 325 -18.85 -8.68 54.11
C HIS D 325 -19.30 -7.22 54.21
N THR D 326 -18.91 -6.41 53.23
CA THR D 326 -19.14 -4.97 53.23
C THR D 326 -20.43 -4.56 52.53
N GLY D 327 -21.14 -5.50 51.93
CA GLY D 327 -22.24 -5.10 51.07
C GLY D 327 -21.80 -4.23 49.91
N GLY D 328 -20.53 -4.32 49.51
CA GLY D 328 -20.01 -3.50 48.42
C GLY D 328 -19.46 -2.15 48.85
N LYS D 329 -19.53 -1.83 50.14
CA LYS D 329 -18.98 -0.57 50.68
C LYS D 329 -17.52 -0.81 51.01
N LEU D 330 -16.69 -0.65 50.02
CA LEU D 330 -15.29 -1.03 50.20
C LEU D 330 -14.52 0.13 50.81
N PRO D 331 -13.51 -0.16 51.61
CA PRO D 331 -12.62 0.91 52.10
C PRO D 331 -11.84 1.55 50.95
N PHE D 332 -11.44 2.80 51.18
CA PHE D 332 -10.84 3.62 50.13
C PHE D 332 -9.70 2.89 49.42
N TRP D 333 -8.85 2.19 50.18
CA TRP D 333 -7.68 1.56 49.57
C TRP D 333 -7.99 0.22 48.88
N LEU D 334 -9.22 -0.27 48.95
CA LEU D 334 -9.65 -1.40 48.11
C LEU D 334 -10.60 -1.00 47.02
N SER D 335 -11.17 0.19 47.10
CA SER D 335 -12.31 0.57 46.30
C SER D 335 -11.88 0.83 44.87
N PRO D 336 -12.65 0.33 43.89
CA PRO D 336 -12.41 0.69 42.49
C PRO D 336 -12.94 2.07 42.12
N ARG D 337 -13.78 2.66 42.98
CA ARG D 337 -14.46 3.92 42.70
C ARG D 337 -14.25 4.82 43.92
N GLN D 338 -13.15 5.57 43.91
CA GLN D 338 -12.64 6.31 45.06
C GLN D 338 -13.23 7.70 45.20
N ALA D 339 -13.43 8.42 44.09
CA ALA D 339 -13.94 9.78 44.15
C ALA D 339 -14.54 10.14 42.80
N ILE D 340 -15.75 10.69 42.81
CA ILE D 340 -16.40 11.16 41.60
C ILE D 340 -16.55 12.67 41.68
N VAL D 341 -16.29 13.36 40.58
CA VAL D 341 -16.39 14.82 40.52
C VAL D 341 -17.73 15.18 39.92
N LEU D 342 -18.49 16.00 40.63
CA LEU D 342 -19.82 16.41 40.23
C LEU D 342 -19.85 17.91 40.04
N SER D 343 -20.17 18.35 38.83
CA SER D 343 -20.28 19.77 38.52
C SER D 343 -21.69 20.24 38.82
N ILE D 344 -21.79 21.32 39.58
CA ILE D 344 -23.11 21.86 39.93
C ILE D 344 -23.78 22.44 38.70
N SER D 345 -23.01 23.05 37.80
CA SER D 345 -23.57 23.65 36.60
C SER D 345 -22.48 23.72 35.54
N GLU D 346 -22.92 23.95 34.30
CA GLU D 346 -22.00 23.96 33.16
C GLU D 346 -20.86 24.96 33.37
N LYS D 347 -21.11 26.09 34.03
CA LYS D 347 -20.09 27.12 34.17
C LYS D 347 -18.83 26.61 34.86
N THR D 348 -18.96 25.63 35.77
CA THR D 348 -17.80 25.15 36.50
C THR D 348 -17.25 23.84 35.94
N VAL D 349 -17.76 23.38 34.80
CA VAL D 349 -17.39 22.06 34.31
C VAL D 349 -15.89 21.99 33.99
N GLU D 350 -15.36 23.02 33.33
CA GLU D 350 -13.94 22.96 32.95
C GLU D 350 -13.04 22.91 34.17
N TYR D 351 -13.29 23.77 35.16
CA TYR D 351 -12.55 23.65 36.41
C TYR D 351 -12.77 22.30 37.06
N ALA D 352 -14.01 21.80 37.04
CA ALA D 352 -14.31 20.52 37.66
C ALA D 352 -13.55 19.39 36.97
N LYS D 353 -13.39 19.48 35.65
CA LYS D 353 -12.63 18.48 34.92
C LYS D 353 -11.14 18.54 35.26
N SER D 354 -10.59 19.75 35.42
CA SER D 354 -9.20 19.86 35.80
C SER D 354 -8.94 19.17 37.13
N VAL D 355 -9.91 19.21 38.04
CA VAL D 355 -9.75 18.51 39.31
C VAL D 355 -9.69 17.01 39.08
N GLU D 356 -10.64 16.48 38.31
CA GLU D 356 -10.64 15.05 38.03
C GLU D 356 -9.35 14.61 37.36
N ARG D 357 -8.83 15.43 36.43
CA ARG D 357 -7.62 15.08 35.71
C ARG D 357 -6.43 14.95 36.65
N GLU D 358 -6.22 15.94 37.50
CA GLU D 358 -5.08 15.88 38.40
C GLU D 358 -5.19 14.70 39.35
N LEU D 359 -6.39 14.43 39.86
CA LEU D 359 -6.58 13.27 40.71
C LEU D 359 -6.24 11.99 39.97
N CYS D 360 -6.63 11.89 38.70
CA CYS D 360 -6.26 10.73 37.90
C CYS D 360 -4.76 10.62 37.76
N ARG D 361 -4.10 11.74 37.45
CA ARG D 361 -2.66 11.76 37.27
C ARG D 361 -1.92 11.38 38.56
N ARG D 362 -2.51 11.68 39.71
CA ARG D 362 -1.93 11.34 40.99
C ARG D 362 -2.17 9.88 41.39
N GLY D 363 -2.86 9.12 40.56
CA GLY D 363 -3.03 7.70 40.79
C GLY D 363 -4.33 7.28 41.46
N PHE D 364 -5.30 8.18 41.59
CA PHE D 364 -6.55 7.78 42.23
C PHE D 364 -7.58 7.37 41.19
N ASP D 365 -8.54 6.55 41.62
CA ASP D 365 -9.55 5.99 40.73
C ASP D 365 -10.77 6.89 40.81
N VAL D 366 -10.94 7.73 39.79
CA VAL D 366 -11.89 8.82 39.82
C VAL D 366 -12.73 8.77 38.55
N SER D 367 -13.80 9.55 38.54
CA SER D 367 -14.61 9.78 37.36
C SER D 367 -15.29 11.13 37.55
N GLY D 368 -16.20 11.46 36.65
CA GLY D 368 -16.89 12.74 36.72
C GLY D 368 -18.28 12.61 36.13
N ASP D 369 -19.19 13.45 36.63
CA ASP D 369 -20.52 13.63 36.04
C ASP D 369 -20.68 15.11 35.73
N TYR D 370 -20.58 15.46 34.45
CA TYR D 370 -20.71 16.83 33.99
C TYR D 370 -22.02 17.07 33.24
N SER D 371 -23.02 16.21 33.47
CA SER D 371 -24.32 16.39 32.82
C SER D 371 -25.04 17.61 33.38
N ALA D 372 -26.16 17.93 32.75
CA ALA D 372 -27.01 19.03 33.19
C ALA D 372 -27.95 18.64 34.31
N ALA D 373 -27.86 17.41 34.81
CA ALA D 373 -28.70 17.00 35.93
C ALA D 373 -28.39 17.84 37.17
N THR D 374 -29.42 18.08 37.97
CA THR D 374 -29.27 18.79 39.23
C THR D 374 -28.27 18.08 40.13
N ILE D 375 -27.67 18.85 41.05
CA ILE D 375 -26.61 18.30 41.90
C ILE D 375 -27.15 17.22 42.82
N ASN D 376 -28.40 17.37 43.28
CA ASN D 376 -28.99 16.34 44.14
C ASN D 376 -29.25 15.06 43.37
N LYS D 377 -29.74 15.17 42.13
CA LYS D 377 -29.90 13.98 41.31
C LYS D 377 -28.55 13.29 41.11
N LYS D 378 -27.48 14.09 40.95
CA LYS D 378 -26.16 13.53 40.70
C LYS D 378 -25.63 12.79 41.92
N ILE D 379 -25.92 13.29 43.12
CA ILE D 379 -25.48 12.59 44.32
C ILE D 379 -26.18 11.24 44.44
N ARG D 380 -27.52 11.26 44.42
CA ARG D 380 -28.29 10.02 44.50
C ARG D 380 -27.79 8.97 43.50
N GLU D 381 -27.54 9.40 42.26
CA GLU D 381 -27.07 8.47 41.25
C GLU D 381 -25.72 7.86 41.64
N SER D 382 -24.85 8.66 42.28
CA SER D 382 -23.52 8.20 42.63
C SER D 382 -23.50 7.35 43.90
N GLN D 383 -24.57 7.37 44.69
CA GLN D 383 -24.65 6.43 45.80
C GLN D 383 -24.71 5.00 45.28
N LEU D 384 -25.22 4.81 44.06
CA LEU D 384 -25.49 3.48 43.51
C LEU D 384 -24.22 2.68 43.32
N LEU D 385 -23.12 3.32 42.94
CA LEU D 385 -21.88 2.60 42.69
C LEU D 385 -20.88 2.76 43.84
N GLN D 386 -21.34 3.27 44.98
CA GLN D 386 -20.59 3.22 46.24
C GLN D 386 -19.29 4.02 46.17
N TRP D 387 -19.26 5.11 45.43
CA TRP D 387 -18.12 6.02 45.48
C TRP D 387 -17.77 6.38 46.92
N ASN D 388 -16.48 6.32 47.27
CA ASN D 388 -16.10 6.67 48.63
C ASN D 388 -16.25 8.16 48.90
N TYR D 389 -16.05 9.00 47.89
CA TYR D 389 -16.13 10.45 48.04
C TYR D 389 -16.81 11.04 46.82
N MET D 390 -17.55 12.12 47.08
CA MET D 390 -18.16 12.92 46.04
CA MET D 390 -18.19 12.93 46.04
C MET D 390 -17.59 14.31 46.12
N LEU D 391 -17.00 14.77 45.02
CA LEU D 391 -16.39 16.10 44.97
C LEU D 391 -17.37 17.04 44.28
N VAL D 392 -17.89 18.00 45.05
CA VAL D 392 -18.89 18.93 44.56
C VAL D 392 -18.18 20.20 44.12
N ILE D 393 -18.37 20.58 42.87
CA ILE D 393 -17.65 21.70 42.28
C ILE D 393 -18.69 22.71 41.80
N GLY D 394 -18.81 23.82 42.52
CA GLY D 394 -19.67 24.93 42.15
C GLY D 394 -18.88 26.22 41.99
N GLU D 395 -19.56 27.36 41.86
CA GLU D 395 -18.84 28.61 41.61
C GLU D 395 -17.98 28.99 42.80
N ASN D 396 -18.46 28.73 44.02
CA ASN D 396 -17.66 29.06 45.20
C ASN D 396 -16.36 28.27 45.23
N GLU D 397 -16.40 27.01 44.79
CA GLU D 397 -15.19 26.18 44.77
C GLU D 397 -14.25 26.60 43.65
N ALA D 398 -14.79 26.94 42.49
CA ALA D 398 -13.92 27.40 41.39
C ALA D 398 -13.33 28.77 41.67
N ARG D 399 -14.06 29.63 42.37
CA ARG D 399 -13.55 30.95 42.71
C ARG D 399 -12.35 30.85 43.65
N ASP D 400 -12.53 30.18 44.79
CA ASP D 400 -11.49 30.03 45.79
C ASP D 400 -10.52 28.89 45.47
N LYS D 401 -10.61 28.32 44.27
CA LYS D 401 -9.75 27.20 43.85
C LYS D 401 -9.72 26.11 44.91
N LYS D 402 -10.91 25.62 45.25
CA LYS D 402 -11.07 24.58 46.26
C LYS D 402 -12.05 23.54 45.75
N VAL D 403 -12.27 22.51 46.58
CA VAL D 403 -13.20 21.42 46.29
C VAL D 403 -14.07 21.19 47.52
N THR D 404 -15.32 20.80 47.30
CA THR D 404 -16.20 20.34 48.38
C THR D 404 -16.21 18.82 48.41
N LEU D 405 -15.66 18.24 49.47
CA LEU D 405 -15.49 16.80 49.63
C LEU D 405 -16.60 16.24 50.50
N ARG D 406 -17.42 15.35 49.94
CA ARG D 406 -18.45 14.65 50.69
C ARG D 406 -18.13 13.16 50.76
N CYS D 407 -18.46 12.54 51.88
CA CYS D 407 -18.18 11.13 52.13
CA CYS D 407 -18.18 11.13 52.15
C CYS D 407 -19.40 10.27 51.84
N ARG D 408 -19.14 9.06 51.35
CA ARG D 408 -20.22 8.08 51.18
C ARG D 408 -20.96 7.84 52.50
N ASP D 409 -20.23 7.83 53.61
CA ASP D 409 -20.84 7.80 54.93
C ASP D 409 -21.27 9.22 55.28
N THR D 410 -22.58 9.49 55.14
CA THR D 410 -23.08 10.86 55.27
C THR D 410 -23.04 11.39 56.69
N THR D 411 -22.67 10.58 57.69
CA THR D 411 -22.52 11.11 59.03
C THR D 411 -21.19 11.83 59.23
N ILE D 412 -20.31 11.82 58.23
CA ILE D 412 -19.05 12.52 58.28
C ILE D 412 -19.24 13.89 57.64
N PRO D 413 -19.01 14.99 58.34
CA PRO D 413 -19.28 16.30 57.76
C PRO D 413 -18.36 16.60 56.59
N GLN D 414 -18.88 17.35 55.64
CA GLN D 414 -18.16 17.71 54.44
C GLN D 414 -16.97 18.63 54.78
N GLU D 415 -15.99 18.64 53.88
CA GLU D 415 -14.82 19.49 54.02
C GLU D 415 -14.59 20.30 52.75
N LEU D 416 -14.09 21.51 52.92
CA LEU D 416 -13.68 22.39 51.83
C LEU D 416 -12.16 22.41 51.81
N LEU D 417 -11.57 21.81 50.78
CA LEU D 417 -10.14 21.59 50.70
C LEU D 417 -9.56 22.19 49.42
N THR D 418 -8.32 22.63 49.49
CA THR D 418 -7.58 22.85 48.25
C THR D 418 -7.28 21.52 47.59
N LEU D 419 -6.91 21.57 46.30
CA LEU D 419 -6.57 20.34 45.61
C LEU D 419 -5.41 19.64 46.29
N ASP D 420 -4.46 20.41 46.82
CA ASP D 420 -3.31 19.83 47.48
C ASP D 420 -3.71 19.20 48.82
N GLN D 421 -4.60 19.85 49.56
CA GLN D 421 -5.15 19.23 50.77
C GLN D 421 -5.91 17.96 50.43
N LEU D 422 -6.69 17.98 49.34
CA LEU D 422 -7.40 16.77 48.92
C LEU D 422 -6.41 15.64 48.63
N ILE D 423 -5.35 15.94 47.87
CA ILE D 423 -4.38 14.92 47.51
C ILE D 423 -3.66 14.38 48.73
N LEU D 424 -3.32 15.27 49.69
CA LEU D 424 -2.69 14.80 50.91
C LEU D 424 -3.62 13.86 51.68
N LYS D 425 -4.88 14.24 51.82
CA LYS D 425 -5.86 13.37 52.50
C LYS D 425 -5.95 12.02 51.82
N PHE D 426 -6.24 12.02 50.51
CA PHE D 426 -6.33 10.76 49.77
C PHE D 426 -5.05 9.93 49.92
N SER D 427 -3.88 10.58 49.90
CA SER D 427 -2.63 9.82 50.00
C SER D 427 -2.48 9.15 51.36
N SER D 428 -3.03 9.75 52.40
CA SER D 428 -2.94 9.14 53.73
C SER D 428 -3.88 7.96 53.87
N MET D 429 -4.68 7.64 52.86
CA MET D 429 -5.60 6.52 52.94
C MET D 429 -5.23 5.39 51.99
N GLY D 430 -3.94 5.21 51.72
CA GLY D 430 -3.46 4.06 50.98
C GLY D 430 -3.47 2.83 51.87
N PHE D 431 -2.78 1.78 51.41
CA PHE D 431 -2.81 0.51 52.13
C PHE D 431 -2.43 0.73 53.59
N PRO D 432 -3.18 0.18 54.53
CA PRO D 432 -2.68 0.17 55.90
C PRO D 432 -1.41 -0.66 55.95
N SER D 433 -0.44 -0.21 56.72
CA SER D 433 0.88 -0.82 56.75
C SER D 433 1.19 -1.32 58.16
N SER D 434 1.88 -2.44 58.24
CA SER D 434 2.21 -3.03 59.52
C SER D 434 3.36 -2.32 60.22
N ILE D 435 3.99 -1.36 59.55
CA ILE D 435 5.00 -0.52 60.20
C ILE D 435 4.48 0.89 60.48
N ASP D 436 3.41 1.32 59.83
CA ASP D 436 2.80 2.64 60.06
C ASP D 436 2.35 2.80 61.51
ZN ZN E . -6.10 -8.66 19.31
CA CA F . 3.07 -3.88 40.21
ZN ZN G . 1.54 -4.02 -22.87
CA CA H . 0.06 13.54 -37.76
ZN ZN I . -9.81 2.42 -54.66
ZN ZN J . 1.92 -25.27 48.40
#